data_2B1D
# 
_entry.id   2B1D 
# 
_audit_conform.dict_name       mmcif_pdbx.dic 
_audit_conform.dict_version    5.376 
_audit_conform.dict_location   http://mmcif.pdb.org/dictionaries/ascii/mmcif_pdbx.dic 
# 
loop_
_database_2.database_id 
_database_2.database_code 
_database_2.pdbx_database_accession 
_database_2.pdbx_DOI 
PDB   2B1D         pdb_00002b1d 10.2210/pdb2b1d/pdb 
NDB   BD0090       ?            ?                   
RCSB  RCSB034553   ?            ?                   
WWPDB D_1000034553 ?            ?                   
# 
loop_
_pdbx_database_related.db_name 
_pdbx_database_related.db_id 
_pdbx_database_related.details 
_pdbx_database_related.content_type 
PDB 2B1B 
;5'-D(*GP*CP*GP*TP*GP*GP*GP*CP*AP*C)-3' Zif268 binding site
;
unspecified 
PDB 2B1C 
;5'-D(*GP*CP*GP*TP*GP*GP*GP*AP*CP*C)-3' Zif268 binding site
;
unspecified 
# 
_pdbx_database_status.entry_id                        2B1D 
_pdbx_database_status.deposit_site                    RCSB 
_pdbx_database_status.process_site                    RCSB 
_pdbx_database_status.recvd_initial_deposition_date   2005-09-15 
_pdbx_database_status.status_code                     REL 
_pdbx_database_status.status_code_sf                  REL 
_pdbx_database_status.status_code_mr                  ? 
_pdbx_database_status.SG_entry                        ? 
_pdbx_database_status.pdb_format_compatible           Y 
_pdbx_database_status.status_code_cs                  ? 
_pdbx_database_status.methods_development_category    ? 
_pdbx_database_status.status_code_nmr_data            ? 
# 
loop_
_audit_author.name 
_audit_author.pdbx_ordinal 
'Berman, H.M.'   1 
'Locasale, J.W.' 2 
'Napoli, A.A.'   3 
# 
_citation.id                        primary 
_citation.title                     'Signatures of protein-DNA recognition in free DNA binding sites.' 
_citation.journal_abbrev            J.Mol.Biol. 
_citation.journal_volume            386 
_citation.page_first                1054 
_citation.page_last                 1065 
_citation.year                      2009 
_citation.journal_id_ASTM           JMOBAK 
_citation.country                   UK 
_citation.journal_id_ISSN           0022-2836 
_citation.journal_id_CSD            0070 
_citation.book_publisher            ? 
_citation.pdbx_database_id_PubMed   19244617 
_citation.pdbx_database_id_DOI      ? 
# 
loop_
_citation_author.citation_id 
_citation_author.name 
_citation_author.ordinal 
_citation_author.identifier_ORCID 
primary 'Locasale, J.W.' 1 ? 
primary 'Napoli, A.A.'   2 ? 
primary 'Chen, S.'       3 ? 
primary 'Berman, H.M.'   4 ? 
primary 'Lawson, C.L.'   5 ? 
# 
_cell.length_a           39.980 
_cell.length_b           40.346 
_cell.length_c           40.255 
_cell.angle_alpha        82.15 
_cell.angle_beta         69.13 
_cell.angle_gamma        81.44 
_cell.entry_id           2B1D 
_cell.pdbx_unique_axis   ? 
_cell.Z_PDB              6 
_cell.length_a_esd       ? 
_cell.length_b_esd       ? 
_cell.length_c_esd       ? 
_cell.angle_alpha_esd    ? 
_cell.angle_beta_esd     ? 
_cell.angle_gamma_esd    ? 
# 
_symmetry.space_group_name_H-M             'P 1' 
_symmetry.entry_id                         2B1D 
_symmetry.pdbx_full_space_group_name_H-M   ? 
_symmetry.Int_Tables_number                1 
_symmetry.cell_setting                     ? 
_symmetry.space_group_name_Hall            ? 
# 
loop_
_entity.id 
_entity.type 
_entity.src_method 
_entity.pdbx_description 
_entity.formula_weight 
_entity.pdbx_number_of_molecules 
_entity.pdbx_ec 
_entity.pdbx_mutation 
_entity.pdbx_fragment 
_entity.details 
1 polymer     syn "5'-D(*GP*CP*AP*GP*AP*CP*GP*TP*CP*TP*GP*C)-3'" 3663.392 6  ? ? ? ? 
2 non-polymer syn 'COBALT HEXAMMINE(III)'                        161.116  3  ? ? ? ? 
3 non-polymer syn 'MAGNESIUM ION'                                24.305   1  ? ? ? ? 
4 water       nat water                                          18.015   56 ? ? ? ? 
# 
_entity_poly.entity_id                      1 
_entity_poly.type                           polydeoxyribonucleotide 
_entity_poly.nstd_linkage                   no 
_entity_poly.nstd_monomer                   no 
_entity_poly.pdbx_seq_one_letter_code       '(DG)(DC)(DA)(DG)(DA)(DC)(DG)(DT)(DC)(DT)(DG)(DC)' 
_entity_poly.pdbx_seq_one_letter_code_can   GCAGACGTCTGC 
_entity_poly.pdbx_strand_id                 A,B,C,D,E,F 
_entity_poly.pdbx_target_identifier         ? 
# 
loop_
_entity_poly_seq.entity_id 
_entity_poly_seq.num 
_entity_poly_seq.mon_id 
_entity_poly_seq.hetero 
1 1  DG n 
1 2  DC n 
1 3  DA n 
1 4  DG n 
1 5  DA n 
1 6  DC n 
1 7  DG n 
1 8  DT n 
1 9  DC n 
1 10 DT n 
1 11 DG n 
1 12 DC n 
# 
_struct_ref.id                         1 
_struct_ref.entity_id                  1 
_struct_ref.db_name                    PDB 
_struct_ref.db_code                    2B1D 
_struct_ref.pdbx_db_accession          2B1D 
_struct_ref.pdbx_db_isoform            ? 
_struct_ref.pdbx_seq_one_letter_code   ? 
_struct_ref.pdbx_align_begin           ? 
# 
loop_
_struct_ref_seq.align_id 
_struct_ref_seq.ref_id 
_struct_ref_seq.pdbx_PDB_id_code 
_struct_ref_seq.pdbx_strand_id 
_struct_ref_seq.seq_align_beg 
_struct_ref_seq.pdbx_seq_align_beg_ins_code 
_struct_ref_seq.seq_align_end 
_struct_ref_seq.pdbx_seq_align_end_ins_code 
_struct_ref_seq.pdbx_db_accession 
_struct_ref_seq.db_align_beg 
_struct_ref_seq.pdbx_db_align_beg_ins_code 
_struct_ref_seq.db_align_end 
_struct_ref_seq.pdbx_db_align_end_ins_code 
_struct_ref_seq.pdbx_auth_seq_align_beg 
_struct_ref_seq.pdbx_auth_seq_align_end 
1 1 2B1D A 1 ? 12 ? 2B1D 1  ? 12 ? 1  12 
2 1 2B1D B 1 ? 12 ? 2B1D 13 ? 24 ? 13 24 
3 1 2B1D C 1 ? 12 ? 2B1D 1  ? 12 ? 1  12 
4 1 2B1D D 1 ? 12 ? 2B1D 13 ? 24 ? 13 24 
5 1 2B1D E 1 ? 12 ? 2B1D 1  ? 12 ? 1  12 
6 1 2B1D F 1 ? 12 ? 2B1D 13 ? 24 ? 13 24 
# 
loop_
_chem_comp.id 
_chem_comp.type 
_chem_comp.mon_nstd_flag 
_chem_comp.name 
_chem_comp.pdbx_synonyms 
_chem_comp.formula 
_chem_comp.formula_weight 
DA  'DNA linking' y "2'-DEOXYADENOSINE-5'-MONOPHOSPHATE" ? 'C10 H14 N5 O6 P' 331.222 
DC  'DNA linking' y "2'-DEOXYCYTIDINE-5'-MONOPHOSPHATE"  ? 'C9 H14 N3 O7 P'  307.197 
DG  'DNA linking' y "2'-DEOXYGUANOSINE-5'-MONOPHOSPHATE" ? 'C10 H14 N5 O7 P' 347.221 
DT  'DNA linking' y "THYMIDINE-5'-MONOPHOSPHATE"         ? 'C10 H15 N2 O8 P' 322.208 
HOH non-polymer   . WATER                                ? 'H2 O'            18.015  
MG  non-polymer   . 'MAGNESIUM ION'                      ? 'Mg 2'            24.305  
NCO non-polymer   . 'COBALT HEXAMMINE(III)'              ? 'Co H18 N6 3'     161.116 
# 
_exptl.entry_id          2B1D 
_exptl.crystals_number   1 
_exptl.method            'X-RAY DIFFRACTION' 
# 
_exptl_crystal.id                    1 
_exptl_crystal.density_Matthews      2.87 
_exptl_crystal.density_meas          ? 
_exptl_crystal.density_percent_sol   56.8 
_exptl_crystal.description           ? 
_exptl_crystal.F_000                 ? 
_exptl_crystal.preparation           ? 
# 
_exptl_crystal_grow.crystal_id      1 
_exptl_crystal_grow.method          'VAPOR DIFFUSION, HANGING DROP' 
_exptl_crystal_grow.pH              5.5 
_exptl_crystal_grow.temp            295 
_exptl_crystal_grow.temp_details    ? 
_exptl_crystal_grow.pdbx_details    
'MPD, sodium cacodylate, cobalt hexamine, magnesium chloride, pH 5.5, VAPOR DIFFUSION, HANGING DROP, temperature 295K' 
_exptl_crystal_grow.pdbx_pH_range   . 
# 
loop_
_exptl_crystal_grow_comp.crystal_id 
_exptl_crystal_grow_comp.id 
_exptl_crystal_grow_comp.sol_id 
_exptl_crystal_grow_comp.name 
_exptl_crystal_grow_comp.conc 
_exptl_crystal_grow_comp.volume 
_exptl_crystal_grow_comp.details 
1 1  1 MPD                  ? ? ? 
1 2  1 'sodium cacodylate'  ? ? ? 
1 3  1 'cobalt hexamine'    ? ? ? 
1 4  1 'magnesium chloride' ? ? ? 
1 5  1 H2O                  ? ? ? 
1 6  2 MPD                  ? ? ? 
1 7  2 'sodium cacodylate'  ? ? ? 
1 8  2 'cobalt hexamine'    ? ? ? 
1 9  2 'magnesium chloride' ? ? ? 
1 10 2 H2O                  ? ? ? 
# 
_diffrn.id                     1 
_diffrn.ambient_temp           100 
_diffrn.ambient_temp_details   ? 
_diffrn.crystal_id             1 
# 
_diffrn_detector.diffrn_id              1 
_diffrn_detector.detector               CCD 
_diffrn_detector.type                   'ADSC QUANTUM 4' 
_diffrn_detector.pdbx_collection_date   2002-10-26 
_diffrn_detector.details                ? 
# 
_diffrn_radiation.diffrn_id                        1 
_diffrn_radiation.wavelength_id                    1 
_diffrn_radiation.pdbx_diffrn_protocol             'SINGLE WAVELENGTH' 
_diffrn_radiation.monochromator                    ? 
_diffrn_radiation.pdbx_monochromatic_or_laue_m_l   M 
_diffrn_radiation.pdbx_scattering_type             x-ray 
# 
_diffrn_radiation_wavelength.id           1 
_diffrn_radiation_wavelength.wavelength   1.1004 
_diffrn_radiation_wavelength.wt           1.0 
# 
_diffrn_source.diffrn_id                   1 
_diffrn_source.source                      SYNCHROTRON 
_diffrn_source.type                        'NSLS BEAMLINE X26C' 
_diffrn_source.pdbx_wavelength             ? 
_diffrn_source.pdbx_wavelength_list        1.1004 
_diffrn_source.pdbx_synchrotron_site       NSLS 
_diffrn_source.pdbx_synchrotron_beamline   X26C 
# 
_reflns.entry_id                     2B1D 
_reflns.d_resolution_low             99.00 
_reflns.d_resolution_high            2.50 
_reflns.number_obs                   7790 
_reflns.percent_possible_obs         97.700 
_reflns.pdbx_Rmerge_I_obs            0.088 
_reflns.pdbx_chi_squared             1.483 
_reflns.pdbx_redundancy              4.3 
_reflns.pdbx_scaling_rejects         ? 
_reflns.pdbx_netI_over_sigmaI        ? 
_reflns.pdbx_Rsym_value              ? 
_reflns.observed_criterion_sigma_F   ? 
_reflns.observed_criterion_sigma_I   ? 
_reflns.number_all                   7790 
_reflns.B_iso_Wilson_estimate        ? 
_reflns.R_free_details               ? 
_reflns.pdbx_ordinal                 1 
_reflns.pdbx_diffrn_id               1 
# 
_reflns_shell.d_res_low              2.57 
_reflns_shell.d_res_high             2.50 
_reflns_shell.number_measured_obs    614 
_reflns_shell.percent_possible_obs   97.600 
_reflns_shell.Rmerge_I_obs           0.199 
_reflns_shell.pdbx_chi_squared       1.936 
_reflns_shell.pdbx_redundancy        ? 
_reflns_shell.number_unique_obs      ? 
_reflns_shell.meanI_over_sigI_obs    ? 
_reflns_shell.pdbx_Rsym_value        ? 
_reflns_shell.percent_possible_all   97.6 
_reflns_shell.number_unique_all      ? 
_reflns_shell.number_measured_all    ? 
_reflns_shell.pdbx_ordinal           1 
_reflns_shell.pdbx_diffrn_id         1 
# 
_refine.ls_d_res_high                            2.500 
_refine.ls_d_res_low                             39.840 
_refine.pdbx_ls_sigma_F                          0.00 
_refine.ls_percent_reflns_obs                    98.340 
_refine.ls_number_reflns_obs                     7684 
_refine.pdbx_ls_cross_valid_method               THROUGHOUT 
_refine.pdbx_R_Free_selection_details            RANDOM 
_refine.ls_R_factor_all                          0.239 
_refine.ls_R_factor_R_work                       0.235 
_refine.ls_R_factor_R_free                       0.284 
_refine.ls_percent_reflns_R_free                 8.100 
_refine.ls_number_reflns_R_free                  624 
_refine.B_iso_mean                               51.029 
_refine.aniso_B[1][1]                            0.710 
_refine.aniso_B[2][2]                            -0.510 
_refine.aniso_B[3][3]                            1.700 
_refine.aniso_B[1][2]                            -0.630 
_refine.aniso_B[1][3]                            -2.490 
_refine.aniso_B[2][3]                            0.230 
_refine.correlation_coeff_Fo_to_Fc               0.946 
_refine.correlation_coeff_Fo_to_Fc_free          0.925 
_refine.pdbx_overall_ESU_R                       0.787 
_refine.pdbx_overall_ESU_R_Free                  0.343 
_refine.overall_SU_ML                            0.282 
_refine.overall_SU_B                             13.384 
_refine.solvent_model_details                    'BABINET MODEL WITH MASK' 
_refine.pdbx_solvent_vdw_probe_radii             1.400 
_refine.pdbx_solvent_ion_probe_radii             0.800 
_refine.pdbx_solvent_shrinkage_radii             0.800 
_refine.pdbx_stereochemistry_target_values       'MAXIMUM LIKELIHOOD' 
_refine.entry_id                                 2B1D 
_refine.pdbx_ls_sigma_I                          ? 
_refine.ls_number_reflns_all                     7684 
_refine.ls_R_factor_obs                          0.239 
_refine.ls_redundancy_reflns_obs                 ? 
_refine.pdbx_data_cutoff_high_absF               ? 
_refine.pdbx_data_cutoff_low_absF                ? 
_refine.ls_number_parameters                     ? 
_refine.ls_number_restraints                     ? 
_refine.ls_R_factor_R_free_error                 ? 
_refine.ls_R_factor_R_free_error_details         ? 
_refine.pdbx_method_to_determine_struct          'MOLECULAR REPLACEMENT' 
_refine.pdbx_starting_model                      'NDB ID BD0001 (PDB ID 423D)' 
_refine.pdbx_stereochem_target_val_spec_case     ? 
_refine.solvent_model_param_bsol                 ? 
_refine.solvent_model_param_ksol                 ? 
_refine.occupancy_max                            ? 
_refine.occupancy_min                            ? 
_refine.pdbx_isotropic_thermal_model             ? 
_refine.details                                  ? 
_refine.overall_SU_R_Cruickshank_DPI             ? 
_refine.overall_SU_R_free                        ? 
_refine.pdbx_data_cutoff_high_rms_absF           ? 
_refine.ls_wR_factor_R_free                      ? 
_refine.ls_wR_factor_R_work                      ? 
_refine.overall_FOM_free_R_set                   ? 
_refine.overall_FOM_work_R_set                   ? 
_refine.pdbx_refine_id                           'X-RAY DIFFRACTION' 
_refine.pdbx_TLS_residual_ADP_flag               'LIKELY RESIDUAL' 
_refine.pdbx_diffrn_id                           1 
_refine.pdbx_overall_phase_error                 ? 
_refine.pdbx_overall_SU_R_free_Cruickshank_DPI   ? 
_refine.pdbx_overall_SU_R_Blow_DPI               ? 
_refine.pdbx_overall_SU_R_free_Blow_DPI          ? 
# 
_refine_hist.pdbx_refine_id                   'X-RAY DIFFRACTION' 
_refine_hist.cycle_id                         LAST 
_refine_hist.pdbx_number_atoms_protein        0 
_refine_hist.pdbx_number_atoms_nucleic_acid   1458 
_refine_hist.pdbx_number_atoms_ligand         22 
_refine_hist.number_atoms_solvent             56 
_refine_hist.number_atoms_total               1536 
_refine_hist.d_res_high                       2.500 
_refine_hist.d_res_low                        39.840 
# 
loop_
_refine_ls_restr.type 
_refine_ls_restr.number 
_refine_ls_restr.dev_ideal 
_refine_ls_restr.dev_ideal_target 
_refine_ls_restr.weight 
_refine_ls_restr.pdbx_refine_id 
_refine_ls_restr.pdbx_restraint_function 
r_bond_refined_d       1656 0.018  0.021 ? 'X-RAY DIFFRACTION' ? 
r_angle_refined_deg    2568 7.661  3.000 ? 'X-RAY DIFFRACTION' ? 
r_chiral_restr         216  0.132  0.200 ? 'X-RAY DIFFRACTION' ? 
r_gen_planes_refined   766  0.049  0.020 ? 'X-RAY DIFFRACTION' ? 
r_nbd_refined          615  0.228  0.200 ? 'X-RAY DIFFRACTION' ? 
r_xyhbond_nbd_refined  91   0.350  0.200 ? 'X-RAY DIFFRACTION' ? 
r_symmetry_vdw_refined 55   0.247  0.200 ? 'X-RAY DIFFRACTION' ? 
r_scbond_it            1656 8.551  3.000 ? 'X-RAY DIFFRACTION' ? 
r_scangle_it           2568 12.396 4.500 ? 'X-RAY DIFFRACTION' ? 
# 
_refine_ls_shell.d_res_high                       2.500 
_refine_ls_shell.d_res_low                        2.885 
_refine_ls_shell.pdbx_total_number_of_bins_used   4 
_refine_ls_shell.percent_reflns_obs               ? 
_refine_ls_shell.number_reflns_R_work             2468 
_refine_ls_shell.R_factor_R_work                  0.442 
_refine_ls_shell.R_factor_R_free                  0.535 
_refine_ls_shell.percent_reflns_R_free            ? 
_refine_ls_shell.number_reflns_R_free             203 
_refine_ls_shell.R_factor_R_free_error            ? 
_refine_ls_shell.redundancy_reflns_obs            ? 
_refine_ls_shell.number_reflns_all                ? 
_refine_ls_shell.number_reflns_obs                ? 
_refine_ls_shell.R_factor_all                     ? 
_refine_ls_shell.pdbx_refine_id                   'X-RAY DIFFRACTION' 
# 
_struct.entry_id                  2B1D 
_struct.title                     
;5'-D(*GP*CP*AP*GP*AP*CP*GP*TP*CP*TP*GP*C)-3' Methionine Repressor binding site
;
_struct.pdbx_model_details        ? 
_struct.pdbx_CASP_flag            ? 
_struct.pdbx_model_type_details   ? 
# 
_struct_keywords.entry_id        2B1D 
_struct_keywords.pdbx_keywords   DNA 
_struct_keywords.text            'sequence dependent DNA deformability, protein-DNA recognition, DNA' 
# 
loop_
_struct_asym.id 
_struct_asym.pdbx_blank_PDB_chainid_flag 
_struct_asym.pdbx_modified 
_struct_asym.entity_id 
_struct_asym.details 
A N N 1 ? 
B N N 1 ? 
C N N 1 ? 
D N N 1 ? 
E N N 1 ? 
F N N 1 ? 
G N N 2 ? 
H N N 3 ? 
I N N 2 ? 
J N N 2 ? 
K N N 4 ? 
L N N 4 ? 
M N N 4 ? 
N N N 4 ? 
O N N 4 ? 
P N N 4 ? 
# 
loop_
_struct_biol.id 
_struct_biol.pdbx_parent_biol_id 
_struct_biol.details 
1 ? ? 
2 ? ? 
3 ? ? 
# 
loop_
_struct_conn.id 
_struct_conn.conn_type_id 
_struct_conn.pdbx_leaving_atom_flag 
_struct_conn.pdbx_PDB_id 
_struct_conn.ptnr1_label_asym_id 
_struct_conn.ptnr1_label_comp_id 
_struct_conn.ptnr1_label_seq_id 
_struct_conn.ptnr1_label_atom_id 
_struct_conn.pdbx_ptnr1_label_alt_id 
_struct_conn.pdbx_ptnr1_PDB_ins_code 
_struct_conn.pdbx_ptnr1_standard_comp_id 
_struct_conn.ptnr1_symmetry 
_struct_conn.ptnr2_label_asym_id 
_struct_conn.ptnr2_label_comp_id 
_struct_conn.ptnr2_label_seq_id 
_struct_conn.ptnr2_label_atom_id 
_struct_conn.pdbx_ptnr2_label_alt_id 
_struct_conn.pdbx_ptnr2_PDB_ins_code 
_struct_conn.ptnr1_auth_asym_id 
_struct_conn.ptnr1_auth_comp_id 
_struct_conn.ptnr1_auth_seq_id 
_struct_conn.ptnr2_auth_asym_id 
_struct_conn.ptnr2_auth_comp_id 
_struct_conn.ptnr2_auth_seq_id 
_struct_conn.ptnr2_symmetry 
_struct_conn.pdbx_ptnr3_label_atom_id 
_struct_conn.pdbx_ptnr3_label_seq_id 
_struct_conn.pdbx_ptnr3_label_comp_id 
_struct_conn.pdbx_ptnr3_label_asym_id 
_struct_conn.pdbx_ptnr3_label_alt_id 
_struct_conn.pdbx_ptnr3_PDB_ins_code 
_struct_conn.details 
_struct_conn.pdbx_dist_value 
_struct_conn.pdbx_value_order 
_struct_conn.pdbx_role 
metalc1  metalc ? ? K HOH .  O  ? ? ? 1_555 H MG  .  MG ? ? A HOH 2646 B MG  2383 1_555 ? ? ? ? ? ? ?                       1.972 
? ? 
metalc2  metalc ? ? K HOH .  O  ? ? ? 1_555 H MG  .  MG ? ? A HOH 2647 B MG  2383 1_555 ? ? ? ? ? ? ?                       2.079 
? ? 
metalc3  metalc ? ? K HOH .  O  ? ? ? 1_555 H MG  .  MG ? ? A HOH 2649 B MG  2383 1_555 ? ? ? ? ? ? ?                       2.065 
? ? 
metalc4  metalc ? ? H MG  .  MG ? ? ? 1_555 L HOH .  O  ? ? B MG  2383 B HOH 2645 1_555 ? ? ? ? ? ? ?                       2.081 
? ? 
metalc5  metalc ? ? H MG  .  MG ? ? ? 1_555 L HOH .  O  ? ? B MG  2383 B HOH 2648 1_555 ? ? ? ? ? ? ?                       2.056 
? ? 
metalc6  metalc ? ? H MG  .  MG ? ? ? 1_555 L HOH .  O  ? ? B MG  2383 B HOH 2650 1_555 ? ? ? ? ? ? ?                       2.115 
? ? 
hydrog1  hydrog ? ? A DG  1  N1 ? ? ? 1_555 B DC  12 N3 ? ? A DG  1    B DC  24   1_555 ? ? ? ? ? ? WATSON-CRICK            ?     
? ? 
hydrog2  hydrog ? ? A DG  1  N2 ? ? ? 1_555 B DC  12 O2 ? ? A DG  1    B DC  24   1_555 ? ? ? ? ? ? WATSON-CRICK            ?     
? ? 
hydrog3  hydrog ? ? A DG  1  O6 ? ? ? 1_555 B DC  12 N4 ? ? A DG  1    B DC  24   1_555 ? ? ? ? ? ? WATSON-CRICK            ?     
? ? 
hydrog4  hydrog ? ? A DC  2  N3 ? ? ? 1_555 B DG  11 N1 ? ? A DC  2    B DG  23   1_555 ? ? ? ? ? ? WATSON-CRICK            ?     
? ? 
hydrog5  hydrog ? ? A DC  2  N4 ? ? ? 1_555 B DG  11 O6 ? ? A DC  2    B DG  23   1_555 ? ? ? ? ? ? WATSON-CRICK            ?     
? ? 
hydrog6  hydrog ? ? A DC  2  O2 ? ? ? 1_555 B DG  11 N2 ? ? A DC  2    B DG  23   1_555 ? ? ? ? ? ? WATSON-CRICK            ?     
? ? 
hydrog7  hydrog ? ? A DA  3  N1 ? ? ? 1_555 B DT  10 N3 ? ? A DA  3    B DT  22   1_555 ? ? ? ? ? ? WATSON-CRICK            ?     
? ? 
hydrog8  hydrog ? ? A DA  3  N6 ? ? ? 1_555 B DT  10 O4 ? ? A DA  3    B DT  22   1_555 ? ? ? ? ? ? WATSON-CRICK            ?     
? ? 
hydrog9  hydrog ? ? A DG  4  N1 ? ? ? 1_555 B DC  9  N3 ? ? A DG  4    B DC  21   1_555 ? ? ? ? ? ? WATSON-CRICK            ?     
? ? 
hydrog10 hydrog ? ? A DG  4  N2 ? ? ? 1_555 B DC  9  O2 ? ? A DG  4    B DC  21   1_555 ? ? ? ? ? ? WATSON-CRICK            ?     
? ? 
hydrog11 hydrog ? ? A DG  4  O6 ? ? ? 1_555 B DC  9  N4 ? ? A DG  4    B DC  21   1_555 ? ? ? ? ? ? WATSON-CRICK            ?     
? ? 
hydrog12 hydrog ? ? A DA  5  N1 ? ? ? 1_555 B DT  8  N3 ? ? A DA  5    B DT  20   1_555 ? ? ? ? ? ? WATSON-CRICK            ?     
? ? 
hydrog13 hydrog ? ? A DA  5  N6 ? ? ? 1_555 B DT  8  O4 ? ? A DA  5    B DT  20   1_555 ? ? ? ? ? ? WATSON-CRICK            ?     
? ? 
hydrog14 hydrog ? ? A DC  6  N3 ? ? ? 1_555 B DG  7  N2 ? ? A DC  6    B DG  19   1_555 ? ? ? ? ? ? 'REVERSED WATSON-CRICK' ?     
? ? 
hydrog15 hydrog ? ? A DC  6  O2 ? ? ? 1_555 B DG  7  N1 ? ? A DC  6    B DG  19   1_555 ? ? ? ? ? ? 'REVERSED WATSON-CRICK' ?     
? ? 
hydrog16 hydrog ? ? A DG  7  N1 ? ? ? 1_555 B DC  6  N3 ? ? A DG  7    B DC  18   1_555 ? ? ? ? ? ? WATSON-CRICK            ?     
? ? 
hydrog17 hydrog ? ? A DG  7  N2 ? ? ? 1_555 B DC  6  O2 ? ? A DG  7    B DC  18   1_555 ? ? ? ? ? ? WATSON-CRICK            ?     
? ? 
hydrog18 hydrog ? ? A DG  7  O6 ? ? ? 1_555 B DC  6  N4 ? ? A DG  7    B DC  18   1_555 ? ? ? ? ? ? WATSON-CRICK            ?     
? ? 
hydrog19 hydrog ? ? A DT  8  N3 ? ? ? 1_555 B DA  5  N1 ? ? A DT  8    B DA  17   1_555 ? ? ? ? ? ? 'DT-DA PAIR'            ?     
? ? 
hydrog20 hydrog ? ? A DC  9  N3 ? ? ? 1_555 B DG  4  N1 ? ? A DC  9    B DG  16   1_555 ? ? ? ? ? ? WATSON-CRICK            ?     
? ? 
hydrog21 hydrog ? ? A DC  9  N4 ? ? ? 1_555 B DG  4  O6 ? ? A DC  9    B DG  16   1_555 ? ? ? ? ? ? WATSON-CRICK            ?     
? ? 
hydrog22 hydrog ? ? A DC  9  O2 ? ? ? 1_555 B DG  4  N2 ? ? A DC  9    B DG  16   1_555 ? ? ? ? ? ? WATSON-CRICK            ?     
? ? 
hydrog23 hydrog ? ? A DT  10 N3 ? ? ? 1_555 B DA  3  N1 ? ? A DT  10   B DA  15   1_555 ? ? ? ? ? ? WATSON-CRICK            ?     
? ? 
hydrog24 hydrog ? ? A DT  10 O4 ? ? ? 1_555 B DA  3  N6 ? ? A DT  10   B DA  15   1_555 ? ? ? ? ? ? WATSON-CRICK            ?     
? ? 
hydrog25 hydrog ? ? A DG  11 N1 ? ? ? 1_555 B DC  2  N3 ? ? A DG  11   B DC  14   1_555 ? ? ? ? ? ? WATSON-CRICK            ?     
? ? 
hydrog26 hydrog ? ? A DG  11 N2 ? ? ? 1_555 B DC  2  O2 ? ? A DG  11   B DC  14   1_555 ? ? ? ? ? ? WATSON-CRICK            ?     
? ? 
hydrog27 hydrog ? ? A DG  11 O6 ? ? ? 1_555 B DC  2  N4 ? ? A DG  11   B DC  14   1_555 ? ? ? ? ? ? WATSON-CRICK            ?     
? ? 
hydrog28 hydrog ? ? A DC  12 N3 ? ? ? 1_555 B DG  1  N1 ? ? A DC  12   B DG  13   1_555 ? ? ? ? ? ? WATSON-CRICK            ?     
? ? 
hydrog29 hydrog ? ? A DC  12 N4 ? ? ? 1_555 B DG  1  O6 ? ? A DC  12   B DG  13   1_555 ? ? ? ? ? ? WATSON-CRICK            ?     
? ? 
hydrog30 hydrog ? ? A DC  12 O2 ? ? ? 1_555 B DG  1  N2 ? ? A DC  12   B DG  13   1_555 ? ? ? ? ? ? WATSON-CRICK            ?     
? ? 
hydrog31 hydrog ? ? C DG  1  N1 ? ? ? 1_555 D DC  12 N3 ? ? C DG  1    D DC  24   1_555 ? ? ? ? ? ? 'DG-DC PAIR'            ?     
? ? 
hydrog32 hydrog ? ? C DC  2  N3 ? ? ? 1_555 D DG  11 N1 ? ? C DC  2    D DG  23   1_555 ? ? ? ? ? ? WATSON-CRICK            ?     
? ? 
hydrog33 hydrog ? ? C DC  2  N4 ? ? ? 1_555 D DG  11 O6 ? ? C DC  2    D DG  23   1_555 ? ? ? ? ? ? WATSON-CRICK            ?     
? ? 
hydrog34 hydrog ? ? C DC  2  O2 ? ? ? 1_555 D DG  11 N2 ? ? C DC  2    D DG  23   1_555 ? ? ? ? ? ? WATSON-CRICK            ?     
? ? 
hydrog35 hydrog ? ? C DA  3  N1 ? ? ? 1_555 D DT  10 N3 ? ? C DA  3    D DT  22   1_555 ? ? ? ? ? ? WATSON-CRICK            ?     
? ? 
hydrog36 hydrog ? ? C DA  3  N6 ? ? ? 1_555 D DT  10 O4 ? ? C DA  3    D DT  22   1_555 ? ? ? ? ? ? WATSON-CRICK            ?     
? ? 
hydrog37 hydrog ? ? C DG  4  N1 ? ? ? 1_555 D DC  9  N3 ? ? C DG  4    D DC  21   1_555 ? ? ? ? ? ? WATSON-CRICK            ?     
? ? 
hydrog38 hydrog ? ? C DG  4  N2 ? ? ? 1_555 D DC  9  O2 ? ? C DG  4    D DC  21   1_555 ? ? ? ? ? ? WATSON-CRICK            ?     
? ? 
hydrog39 hydrog ? ? C DG  4  O6 ? ? ? 1_555 D DC  9  N4 ? ? C DG  4    D DC  21   1_555 ? ? ? ? ? ? WATSON-CRICK            ?     
? ? 
hydrog40 hydrog ? ? C DA  5  N1 ? ? ? 1_555 D DT  8  N3 ? ? C DA  5    D DT  20   1_555 ? ? ? ? ? ? WATSON-CRICK            ?     
? ? 
hydrog41 hydrog ? ? C DA  5  N6 ? ? ? 1_555 D DT  8  O4 ? ? C DA  5    D DT  20   1_555 ? ? ? ? ? ? WATSON-CRICK            ?     
? ? 
hydrog42 hydrog ? ? C DC  6  N3 ? ? ? 1_555 D DG  7  N1 ? ? C DC  6    D DG  19   1_555 ? ? ? ? ? ? WATSON-CRICK            ?     
? ? 
hydrog43 hydrog ? ? C DC  6  N4 ? ? ? 1_555 D DG  7  O6 ? ? C DC  6    D DG  19   1_555 ? ? ? ? ? ? WATSON-CRICK            ?     
? ? 
hydrog44 hydrog ? ? C DC  6  O2 ? ? ? 1_555 D DG  7  N2 ? ? C DC  6    D DG  19   1_555 ? ? ? ? ? ? WATSON-CRICK            ?     
? ? 
hydrog45 hydrog ? ? C DG  7  N1 ? ? ? 1_555 D DC  6  N3 ? ? C DG  7    D DC  18   1_555 ? ? ? ? ? ? WATSON-CRICK            ?     
? ? 
hydrog46 hydrog ? ? C DG  7  N2 ? ? ? 1_555 D DC  6  O2 ? ? C DG  7    D DC  18   1_555 ? ? ? ? ? ? WATSON-CRICK            ?     
? ? 
hydrog47 hydrog ? ? C DG  7  O6 ? ? ? 1_555 D DC  6  N4 ? ? C DG  7    D DC  18   1_555 ? ? ? ? ? ? WATSON-CRICK            ?     
? ? 
hydrog48 hydrog ? ? C DT  8  N3 ? ? ? 1_555 D DA  5  N1 ? ? C DT  8    D DA  17   1_555 ? ? ? ? ? ? WATSON-CRICK            ?     
? ? 
hydrog49 hydrog ? ? C DT  8  O4 ? ? ? 1_555 D DA  5  N6 ? ? C DT  8    D DA  17   1_555 ? ? ? ? ? ? WATSON-CRICK            ?     
? ? 
hydrog50 hydrog ? ? C DC  9  N3 ? ? ? 1_555 D DG  4  N1 ? ? C DC  9    D DG  16   1_555 ? ? ? ? ? ? WATSON-CRICK            ?     
? ? 
hydrog51 hydrog ? ? C DC  9  N4 ? ? ? 1_555 D DG  4  O6 ? ? C DC  9    D DG  16   1_555 ? ? ? ? ? ? WATSON-CRICK            ?     
? ? 
hydrog52 hydrog ? ? C DC  9  O2 ? ? ? 1_555 D DG  4  N2 ? ? C DC  9    D DG  16   1_555 ? ? ? ? ? ? WATSON-CRICK            ?     
? ? 
hydrog53 hydrog ? ? C DT  10 N3 ? ? ? 1_555 D DA  3  N1 ? ? C DT  10   D DA  15   1_555 ? ? ? ? ? ? WATSON-CRICK            ?     
? ? 
hydrog54 hydrog ? ? C DT  10 O4 ? ? ? 1_555 D DA  3  N6 ? ? C DT  10   D DA  15   1_555 ? ? ? ? ? ? WATSON-CRICK            ?     
? ? 
hydrog55 hydrog ? ? C DG  11 N1 ? ? ? 1_555 D DC  2  O2 ? ? C DG  11   D DC  14   1_555 ? ? ? ? ? ? 'REVERSED WATSON-CRICK' ?     
? ? 
hydrog56 hydrog ? ? C DG  11 N2 ? ? ? 1_555 D DC  2  N3 ? ? C DG  11   D DC  14   1_555 ? ? ? ? ? ? 'REVERSED WATSON-CRICK' ?     
? ? 
hydrog57 hydrog ? ? C DC  12 N3 ? ? ? 1_555 D DG  1  N1 ? ? C DC  12   D DG  13   1_555 ? ? ? ? ? ? WATSON-CRICK            ?     
? ? 
hydrog58 hydrog ? ? C DC  12 N4 ? ? ? 1_555 D DG  1  O6 ? ? C DC  12   D DG  13   1_555 ? ? ? ? ? ? WATSON-CRICK            ?     
? ? 
hydrog59 hydrog ? ? C DC  12 O2 ? ? ? 1_555 D DG  1  N2 ? ? C DC  12   D DG  13   1_555 ? ? ? ? ? ? WATSON-CRICK            ?     
? ? 
hydrog60 hydrog ? ? E DG  1  N1 ? ? ? 1_555 F DC  12 N3 ? ? E DG  1    F DC  24   1_555 ? ? ? ? ? ? WATSON-CRICK            ?     
? ? 
hydrog61 hydrog ? ? E DG  1  N2 ? ? ? 1_555 F DC  12 O2 ? ? E DG  1    F DC  24   1_555 ? ? ? ? ? ? WATSON-CRICK            ?     
? ? 
hydrog62 hydrog ? ? E DG  1  O6 ? ? ? 1_555 F DC  12 N4 ? ? E DG  1    F DC  24   1_555 ? ? ? ? ? ? WATSON-CRICK            ?     
? ? 
hydrog63 hydrog ? ? E DC  2  N3 ? ? ? 1_555 F DG  11 N1 ? ? E DC  2    F DG  23   1_555 ? ? ? ? ? ? WATSON-CRICK            ?     
? ? 
hydrog64 hydrog ? ? E DC  2  N4 ? ? ? 1_555 F DG  11 O6 ? ? E DC  2    F DG  23   1_555 ? ? ? ? ? ? WATSON-CRICK            ?     
? ? 
hydrog65 hydrog ? ? E DC  2  O2 ? ? ? 1_555 F DG  11 N2 ? ? E DC  2    F DG  23   1_555 ? ? ? ? ? ? WATSON-CRICK            ?     
? ? 
hydrog66 hydrog ? ? E DA  3  N1 ? ? ? 1_555 F DT  10 N3 ? ? E DA  3    F DT  22   1_555 ? ? ? ? ? ? WATSON-CRICK            ?     
? ? 
hydrog67 hydrog ? ? E DA  3  N6 ? ? ? 1_555 F DT  10 O4 ? ? E DA  3    F DT  22   1_555 ? ? ? ? ? ? WATSON-CRICK            ?     
? ? 
hydrog68 hydrog ? ? E DG  4  N1 ? ? ? 1_555 F DC  9  N3 ? ? E DG  4    F DC  21   1_555 ? ? ? ? ? ? WATSON-CRICK            ?     
? ? 
hydrog69 hydrog ? ? E DG  4  N2 ? ? ? 1_555 F DC  9  O2 ? ? E DG  4    F DC  21   1_555 ? ? ? ? ? ? WATSON-CRICK            ?     
? ? 
hydrog70 hydrog ? ? E DG  4  O6 ? ? ? 1_555 F DC  9  N4 ? ? E DG  4    F DC  21   1_555 ? ? ? ? ? ? WATSON-CRICK            ?     
? ? 
hydrog71 hydrog ? ? E DA  5  N1 ? ? ? 1_555 F DT  8  N3 ? ? E DA  5    F DT  20   1_555 ? ? ? ? ? ? WATSON-CRICK            ?     
? ? 
hydrog72 hydrog ? ? E DA  5  N6 ? ? ? 1_555 F DT  8  O4 ? ? E DA  5    F DT  20   1_555 ? ? ? ? ? ? WATSON-CRICK            ?     
? ? 
hydrog73 hydrog ? ? E DC  6  N3 ? ? ? 1_555 F DG  7  N1 ? ? E DC  6    F DG  19   1_555 ? ? ? ? ? ? WATSON-CRICK            ?     
? ? 
hydrog74 hydrog ? ? E DC  6  N4 ? ? ? 1_555 F DG  7  O6 ? ? E DC  6    F DG  19   1_555 ? ? ? ? ? ? WATSON-CRICK            ?     
? ? 
hydrog75 hydrog ? ? E DC  6  O2 ? ? ? 1_555 F DG  7  N2 ? ? E DC  6    F DG  19   1_555 ? ? ? ? ? ? WATSON-CRICK            ?     
? ? 
hydrog76 hydrog ? ? E DG  7  N1 ? ? ? 1_555 F DC  6  N3 ? ? E DG  7    F DC  18   1_555 ? ? ? ? ? ? WATSON-CRICK            ?     
? ? 
hydrog77 hydrog ? ? E DG  7  N2 ? ? ? 1_555 F DC  6  O2 ? ? E DG  7    F DC  18   1_555 ? ? ? ? ? ? WATSON-CRICK            ?     
? ? 
hydrog78 hydrog ? ? E DG  7  O6 ? ? ? 1_555 F DC  6  N4 ? ? E DG  7    F DC  18   1_555 ? ? ? ? ? ? WATSON-CRICK            ?     
? ? 
hydrog79 hydrog ? ? E DT  8  N3 ? ? ? 1_555 F DA  5  N1 ? ? E DT  8    F DA  17   1_555 ? ? ? ? ? ? WATSON-CRICK            ?     
? ? 
hydrog80 hydrog ? ? E DT  8  O4 ? ? ? 1_555 F DA  5  N6 ? ? E DT  8    F DA  17   1_555 ? ? ? ? ? ? WATSON-CRICK            ?     
? ? 
hydrog81 hydrog ? ? E DC  9  N3 ? ? ? 1_555 F DG  4  N1 ? ? E DC  9    F DG  16   1_555 ? ? ? ? ? ? WATSON-CRICK            ?     
? ? 
hydrog82 hydrog ? ? E DC  9  N4 ? ? ? 1_555 F DG  4  O6 ? ? E DC  9    F DG  16   1_555 ? ? ? ? ? ? WATSON-CRICK            ?     
? ? 
hydrog83 hydrog ? ? E DC  9  O2 ? ? ? 1_555 F DG  4  N2 ? ? E DC  9    F DG  16   1_555 ? ? ? ? ? ? WATSON-CRICK            ?     
? ? 
hydrog84 hydrog ? ? E DT  10 N3 ? ? ? 1_555 F DA  3  N1 ? ? E DT  10   F DA  15   1_555 ? ? ? ? ? ? WATSON-CRICK            ?     
? ? 
hydrog85 hydrog ? ? E DT  10 O4 ? ? ? 1_555 F DA  3  N6 ? ? E DT  10   F DA  15   1_555 ? ? ? ? ? ? WATSON-CRICK            ?     
? ? 
hydrog86 hydrog ? ? E DG  11 N1 ? ? ? 1_555 F DC  2  N3 ? ? E DG  11   F DC  14   1_555 ? ? ? ? ? ? WATSON-CRICK            ?     
? ? 
hydrog87 hydrog ? ? E DG  11 N2 ? ? ? 1_555 F DC  2  O2 ? ? E DG  11   F DC  14   1_555 ? ? ? ? ? ? WATSON-CRICK            ?     
? ? 
hydrog88 hydrog ? ? E DG  11 O6 ? ? ? 1_555 F DC  2  N4 ? ? E DG  11   F DC  14   1_555 ? ? ? ? ? ? WATSON-CRICK            ?     
? ? 
hydrog89 hydrog ? ? E DC  12 N3 ? ? ? 1_555 F DG  1  N1 ? ? E DC  12   F DG  13   1_555 ? ? ? ? ? ? WATSON-CRICK            ?     
? ? 
hydrog90 hydrog ? ? E DC  12 N4 ? ? ? 1_555 F DG  1  O6 ? ? E DC  12   F DG  13   1_555 ? ? ? ? ? ? WATSON-CRICK            ?     
? ? 
hydrog91 hydrog ? ? E DC  12 O2 ? ? ? 1_555 F DG  1  N2 ? ? E DC  12   F DG  13   1_555 ? ? ? ? ? ? WATSON-CRICK            ?     
? ? 
# 
loop_
_struct_conn_type.id 
_struct_conn_type.criteria 
_struct_conn_type.reference 
metalc ? ? 
hydrog ? ? 
# 
loop_
_struct_site.id 
_struct_site.pdbx_evidence_code 
_struct_site.pdbx_auth_asym_id 
_struct_site.pdbx_auth_comp_id 
_struct_site.pdbx_auth_seq_id 
_struct_site.pdbx_auth_ins_code 
_struct_site.pdbx_num_residues 
_struct_site.details 
AC1 Software B MG  2383 ? 6 'BINDING SITE FOR RESIDUE MG B 2383'  
AC2 Software A NCO 2505 ? 5 'BINDING SITE FOR RESIDUE NCO A 2505' 
AC3 Software F NCO 2506 ? 6 'BINDING SITE FOR RESIDUE NCO F 2506' 
AC4 Software C NCO 2507 ? 6 'BINDING SITE FOR RESIDUE NCO C 2507' 
# 
loop_
_struct_site_gen.id 
_struct_site_gen.site_id 
_struct_site_gen.pdbx_num_res 
_struct_site_gen.label_comp_id 
_struct_site_gen.label_asym_id 
_struct_site_gen.label_seq_id 
_struct_site_gen.pdbx_auth_ins_code 
_struct_site_gen.auth_comp_id 
_struct_site_gen.auth_asym_id 
_struct_site_gen.auth_seq_id 
_struct_site_gen.label_atom_id 
_struct_site_gen.label_alt_id 
_struct_site_gen.symmetry 
_struct_site_gen.details 
1  AC1 6 HOH K . ? HOH A 2646 . ? 1_555 ? 
2  AC1 6 HOH K . ? HOH A 2647 . ? 1_555 ? 
3  AC1 6 HOH K . ? HOH A 2649 . ? 1_555 ? 
4  AC1 6 HOH L . ? HOH B 2645 . ? 1_555 ? 
5  AC1 6 HOH L . ? HOH B 2648 . ? 1_555 ? 
6  AC1 6 HOH L . ? HOH B 2650 . ? 1_555 ? 
7  AC2 5 DA  A 3 ? DA  A 3    . ? 1_555 ? 
8  AC2 5 DG  A 4 ? DG  A 4    . ? 1_555 ? 
9  AC2 5 HOH K . ? HOH A 2512 . ? 1_555 ? 
10 AC2 5 DT  B 8 ? DT  B 20   . ? 1_555 ? 
11 AC2 5 DG  C 4 ? DG  C 4    . ? 1_555 ? 
12 AC3 6 DA  A 3 ? DA  A 3    . ? 1_555 ? 
13 AC3 6 DA  C 3 ? DA  C 3    . ? 1_555 ? 
14 AC3 6 DT  E 8 ? DT  E 8    . ? 1_555 ? 
15 AC3 6 DA  F 3 ? DA  F 15   . ? 1_555 ? 
16 AC3 6 DG  F 4 ? DG  F 16   . ? 1_555 ? 
17 AC3 6 DA  F 5 ? DA  F 17   . ? 1_555 ? 
18 AC4 6 DG  A 4 ? DG  A 4    . ? 1_555 ? 
19 AC4 6 DA  C 3 ? DA  C 3    . ? 1_555 ? 
20 AC4 6 DG  C 4 ? DG  C 4    . ? 1_555 ? 
21 AC4 6 HOH M . ? HOH C 2636 . ? 1_555 ? 
22 AC4 6 DT  D 8 ? DT  D 20   . ? 1_555 ? 
23 AC4 6 DC  E 6 ? DC  E 6    . ? 1_555 ? 
# 
_atom_sites.entry_id                    2B1D 
_atom_sites.fract_transf_matrix[1][1]   -0.02279169 
_atom_sites.fract_transf_matrix[1][2]   -0.01426460 
_atom_sites.fract_transf_matrix[1][3]   0.00137504 
_atom_sites.fract_transf_matrix[2][1]   0.01049695 
_atom_sites.fract_transf_matrix[2][2]   -0.01342618 
_atom_sites.fract_transf_matrix[2][3]   -0.01851361 
_atom_sites.fract_transf_matrix[3][1]   0.01704971 
_atom_sites.fract_transf_matrix[3][2]   -0.00814694 
_atom_sites.fract_transf_matrix[3][3]   0.01886332 
_atom_sites.fract_transf_vector[1]      -1.255801 
_atom_sites.fract_transf_vector[2]      -0.423234 
_atom_sites.fract_transf_vector[3]      0.925583 
# 
loop_
_atom_type.symbol 
C  
CO 
MG 
N  
O  
P  
# 
loop_
_atom_site.group_PDB 
_atom_site.id 
_atom_site.type_symbol 
_atom_site.label_atom_id 
_atom_site.label_alt_id 
_atom_site.label_comp_id 
_atom_site.label_asym_id 
_atom_site.label_entity_id 
_atom_site.label_seq_id 
_atom_site.pdbx_PDB_ins_code 
_atom_site.Cartn_x 
_atom_site.Cartn_y 
_atom_site.Cartn_z 
_atom_site.occupancy 
_atom_site.B_iso_or_equiv 
_atom_site.pdbx_formal_charge 
_atom_site.auth_seq_id 
_atom_site.auth_comp_id 
_atom_site.auth_asym_id 
_atom_site.auth_atom_id 
_atom_site.pdbx_PDB_model_num 
ATOM   1    O  "O5'" . DG  A 1 1  ? 1.602   1.522   18.795  1.00 55.68  ? 1    DG  A "O5'" 1 
ATOM   2    C  "C5'" . DG  A 1 1  ? 2.956   1.175   18.488  1.00 55.01  ? 1    DG  A "C5'" 1 
ATOM   3    C  "C4'" . DG  A 1 1  ? 3.098   0.637   17.087  1.00 46.16  ? 1    DG  A "C4'" 1 
ATOM   4    O  "O4'" . DG  A 1 1  ? 2.103   -0.370  16.786  1.00 51.66  ? 1    DG  A "O4'" 1 
ATOM   5    C  "C3'" . DG  A 1 1  ? 2.910   1.701   16.032  1.00 48.45  ? 1    DG  A "C3'" 1 
ATOM   6    O  "O3'" . DG  A 1 1  ? 3.779   1.361   14.991  1.00 52.11  ? 1    DG  A "O3'" 1 
ATOM   7    C  "C2'" . DG  A 1 1  ? 1.466   1.535   15.602  1.00 37.69  ? 1    DG  A "C2'" 1 
ATOM   8    C  "C1'" . DG  A 1 1  ? 1.308   0.029   15.678  1.00 49.17  ? 1    DG  A "C1'" 1 
ATOM   9    N  N9    . DG  A 1 1  ? -0.027  -0.482  15.952  1.00 32.42  ? 1    DG  A N9    1 
ATOM   10   C  C8    . DG  A 1 1  ? -0.907  0.028   16.854  1.00 32.04  ? 1    DG  A C8    1 
ATOM   11   N  N7    . DG  A 1 1  ? -1.937  -0.771  17.067  1.00 37.52  ? 1    DG  A N7    1 
ATOM   12   C  C5    . DG  A 1 1  ? -1.744  -1.844  16.199  1.00 19.82  ? 1    DG  A C5    1 
ATOM   13   C  C6    . DG  A 1 1  ? -2.454  -3.053  16.079  1.00 33.38  ? 1    DG  A C6    1 
ATOM   14   O  O6    . DG  A 1 1  ? -3.431  -3.457  16.728  1.00 42.60  ? 1    DG  A O6    1 
ATOM   15   N  N1    . DG  A 1 1  ? -1.913  -3.875  15.111  1.00 29.12  ? 1    DG  A N1    1 
ATOM   16   C  C2    . DG  A 1 1  ? -0.808  -3.595  14.385  1.00 27.18  ? 1    DG  A C2    1 
ATOM   17   N  N2    . DG  A 1 1  ? -0.533  -4.503  13.430  1.00 26.83  ? 1    DG  A N2    1 
ATOM   18   N  N3    . DG  A 1 1  ? -0.060  -2.500  14.560  1.00 19.34  ? 1    DG  A N3    1 
ATOM   19   C  C4    . DG  A 1 1  ? -0.602  -1.662  15.460  1.00 25.98  ? 1    DG  A C4    1 
ATOM   20   P  P     . DC  A 1 2  ? 3.807   2.266   13.674  1.00 43.73  ? 2    DC  A P     1 
ATOM   21   O  OP1   . DC  A 1 2  ? 5.204   2.426   13.230  1.00 46.66  ? 2    DC  A OP1   1 
ATOM   22   O  OP2   . DC  A 1 2  ? 2.979   3.444   13.958  1.00 47.20  ? 2    DC  A OP2   1 
ATOM   23   O  "O5'" . DC  A 1 2  ? 3.011   1.348   12.651  1.00 43.95  ? 2    DC  A "O5'" 1 
ATOM   24   C  "C5'" . DC  A 1 2  ? 3.575   0.131   12.153  1.00 32.15  ? 2    DC  A "C5'" 1 
ATOM   25   C  "C4'" . DC  A 1 2  ? 2.633   -0.475  11.141  1.00 42.58  ? 2    DC  A "C4'" 1 
ATOM   26   O  "O4'" . DC  A 1 2  ? 1.375   -0.967  11.705  1.00 41.22  ? 2    DC  A "O4'" 1 
ATOM   27   C  "C3'" . DC  A 1 2  ? 2.229   0.564   10.097  1.00 45.89  ? 2    DC  A "C3'" 1 
ATOM   28   O  "O3'" . DC  A 1 2  ? 2.239   -0.181  8.902   1.00 46.47  ? 2    DC  A "O3'" 1 
ATOM   29   C  "C2'" . DC  A 1 2  ? 0.838   1.027   10.567  1.00 30.74  ? 2    DC  A "C2'" 1 
ATOM   30   C  "C1'" . DC  A 1 2  ? 0.299   -0.322  11.033  1.00 31.61  ? 2    DC  A "C1'" 1 
ATOM   31   N  N1    . DC  A 1 2  ? -0.883  -0.368  11.863  1.00 15.08  ? 2    DC  A N1    1 
ATOM   32   C  C2    . DC  A 1 2  ? -1.721  -1.487  11.760  1.00 26.29  ? 2    DC  A C2    1 
ATOM   33   O  O2    . DC  A 1 2  ? -1.399  -2.408  10.983  1.00 26.32  ? 2    DC  A O2    1 
ATOM   34   N  N3    . DC  A 1 2  ? -2.888  -1.549  12.514  1.00 18.23  ? 2    DC  A N3    1 
ATOM   35   C  C4    . DC  A 1 2  ? -3.174  -0.562  13.359  1.00 21.09  ? 2    DC  A C4    1 
ATOM   36   N  N4    . DC  A 1 2  ? -4.225  -0.716  14.170  1.00 28.89  ? 2    DC  A N4    1 
ATOM   37   C  C5    . DC  A 1 2  ? -2.360  0.610   13.454  1.00 20.49  ? 2    DC  A C5    1 
ATOM   38   C  C6    . DC  A 1 2  ? -1.218  0.654   12.703  1.00 24.64  ? 2    DC  A C6    1 
ATOM   39   P  P     . DA  A 1 3  ? 2.672   0.513   7.546   1.00 48.89  ? 3    DA  A P     1 
ATOM   40   O  OP1   . DA  A 1 3  ? 4.141   0.564   7.571   1.00 48.78  ? 3    DA  A OP1   1 
ATOM   41   O  OP2   . DA  A 1 3  ? 1.910   1.775   7.492   1.00 49.53  ? 3    DA  A OP2   1 
ATOM   42   O  "O5'" . DA  A 1 3  ? 2.182   -0.593  6.489   1.00 39.63  ? 3    DA  A "O5'" 1 
ATOM   43   C  "C5'" . DA  A 1 3  ? 2.283   -2.002  6.803   1.00 29.37  ? 3    DA  A "C5'" 1 
ATOM   44   C  "C4'" . DA  A 1 3  ? 1.328   -2.841  5.970   1.00 34.29  ? 3    DA  A "C4'" 1 
ATOM   45   O  "O4'" . DA  A 1 3  ? 0.008   -2.982  6.580   1.00 33.40  ? 3    DA  A "O4'" 1 
ATOM   46   C  "C3'" . DA  A 1 3  ? 1.059   -2.319  4.553   1.00 23.24  ? 3    DA  A "C3'" 1 
ATOM   47   O  "O3'" . DA  A 1 3  ? 0.655   -3.476  3.800   1.00 35.86  ? 3    DA  A "O3'" 1 
ATOM   48   C  "C2'" . DA  A 1 3  ? -0.123  -1.387  4.798   1.00 34.42  ? 3    DA  A "C2'" 1 
ATOM   49   C  "C1'" . DA  A 1 3  ? -0.909  -2.125  5.911   1.00 27.96  ? 3    DA  A "C1'" 1 
ATOM   50   N  N9    . DA  A 1 3  ? -1.510  -1.241  6.904   1.00 29.25  ? 3    DA  A N9    1 
ATOM   51   C  C8    . DA  A 1 3  ? -1.071  0.012   7.165   1.00 26.36  ? 3    DA  A C8    1 
ATOM   52   N  N7    . DA  A 1 3  ? -1.791  0.637   8.079   1.00 25.25  ? 3    DA  A N7    1 
ATOM   53   C  C5    . DA  A 1 3  ? -2.761  -0.293  8.457   1.00 15.19  ? 3    DA  A C5    1 
ATOM   54   C  C6    . DA  A 1 3  ? -3.861  -0.183  9.332   1.00 15.22  ? 3    DA  A C6    1 
ATOM   55   N  N6    . DA  A 1 3  ? -4.006  0.867   10.160  1.00 22.68  ? 3    DA  A N6    1 
ATOM   56   N  N1    . DA  A 1 3  ? -4.778  -1.174  9.366   1.00 18.78  ? 3    DA  A N1    1 
ATOM   57   C  C2    . DA  A 1 3  ? -4.552  -2.257  8.589   1.00 15.39  ? 3    DA  A C2    1 
ATOM   58   N  N3    . DA  A 1 3  ? -3.513  -2.492  7.757   1.00 26.34  ? 3    DA  A N3    1 
ATOM   59   C  C4    . DA  A 1 3  ? -2.634  -1.444  7.739   1.00 18.02  ? 3    DA  A C4    1 
ATOM   60   P  P     . DG  A 1 4  ? 0.451   -3.359  2.227   1.00 37.70  ? 4    DG  A P     1 
ATOM   61   O  OP1   . DG  A 1 4  ? 0.748   -4.678  1.671   1.00 49.14  ? 4    DG  A OP1   1 
ATOM   62   O  OP2   . DG  A 1 4  ? 1.194   -2.150  1.721   1.00 29.25  ? 4    DG  A OP2   1 
ATOM   63   O  "O5'" . DG  A 1 4  ? -1.125  -3.138  2.142   1.00 24.56  ? 4    DG  A "O5'" 1 
ATOM   64   C  "C5'" . DG  A 1 4  ? -2.046  -4.207  2.420   1.00 14.05  ? 4    DG  A "C5'" 1 
ATOM   65   C  "C4'" . DG  A 1 4  ? -3.455  -3.630  2.534   1.00 25.23  ? 4    DG  A "C4'" 1 
ATOM   66   O  "O4'" . DG  A 1 4  ? -3.546  -2.671  3.635   1.00 25.07  ? 4    DG  A "O4'" 1 
ATOM   67   C  "C3'" . DG  A 1 4  ? -4.040  -2.881  1.322   1.00 24.18  ? 4    DG  A "C3'" 1 
ATOM   68   O  "O3'" . DG  A 1 4  ? -5.374  -3.331  1.120   1.00 36.48  ? 4    DG  A "O3'" 1 
ATOM   69   C  "C2'" . DG  A 1 4  ? -4.190  -1.452  1.789   1.00 12.17  ? 4    DG  A "C2'" 1 
ATOM   70   C  "C1'" . DG  A 1 4  ? -4.491  -1.711  3.240   1.00 23.28  ? 4    DG  A "C1'" 1 
ATOM   71   N  N9    . DG  A 1 4  ? -4.290  -0.541  4.060   1.00 15.97  ? 4    DG  A N9    1 
ATOM   72   C  C8    . DG  A 1 4  ? -3.336  0.403   3.863   1.00 15.98  ? 4    DG  A C8    1 
ATOM   73   N  N7    . DG  A 1 4  ? -3.395  1.381   4.685   1.00 11.55  ? 4    DG  A N7    1 
ATOM   74   C  C5    . DG  A 1 4  ? -4.450  1.035   5.514   1.00 6.30   ? 4    DG  A C5    1 
ATOM   75   C  C6    . DG  A 1 4  ? -4.952  1.707   6.619   1.00 8.79   ? 4    DG  A C6    1 
ATOM   76   O  O6    . DG  A 1 4  ? -4.565  2.770   7.088   1.00 10.81  ? 4    DG  A O6    1 
ATOM   77   N  N1    . DG  A 1 4  ? -6.035  1.056   7.153   1.00 15.48  ? 4    DG  A N1    1 
ATOM   78   C  C2    . DG  A 1 4  ? -6.586  -0.091  6.675   1.00 17.86  ? 4    DG  A C2    1 
ATOM   79   N  N2    . DG  A 1 4  ? -7.676  -0.493  7.340   1.00 22.64  ? 4    DG  A N2    1 
ATOM   80   N  N3    . DG  A 1 4  ? -6.104  -0.780  5.640   1.00 28.94  ? 4    DG  A N3    1 
ATOM   81   C  C4    . DG  A 1 4  ? -5.015  -0.149  5.115   1.00 15.59  ? 4    DG  A C4    1 
ATOM   82   P  P     . DA  A 1 5  ? -6.043  -3.132  -0.321  1.00 38.06  ? 5    DA  A P     1 
ATOM   83   O  OP1   . DA  A 1 5  ? -5.314  -4.161  -1.082  1.00 30.59  ? 5    DA  A OP1   1 
ATOM   84   O  OP2   . DA  A 1 5  ? -5.966  -1.693  -0.705  1.00 35.73  ? 5    DA  A OP2   1 
ATOM   85   O  "O5'" . DA  A 1 5  ? -7.571  -3.549  -0.176  1.00 38.15  ? 5    DA  A "O5'" 1 
ATOM   86   C  "C5'" . DA  A 1 5  ? -8.001  -4.414  0.817   1.00 34.03  ? 5    DA  A "C5'" 1 
ATOM   87   C  "C4'" . DA  A 1 5  ? -9.180  -3.779  1.509   1.00 44.24  ? 5    DA  A "C4'" 1 
ATOM   88   O  "O4'" . DA  A 1 5  ? -8.822  -2.770  2.500   1.00 41.20  ? 5    DA  A "O4'" 1 
ATOM   89   C  "C3'" . DA  A 1 5  ? -10.198 -3.124  0.573   1.00 35.16  ? 5    DA  A "C3'" 1 
ATOM   90   O  "O3'" . DA  A 1 5  ? -11.473 -3.457  1.169   1.00 55.31  ? 5    DA  A "O3'" 1 
ATOM   91   C  "C2'" . DA  A 1 5  ? -9.916  -1.652  0.769   1.00 45.46  ? 5    DA  A "C2'" 1 
ATOM   92   C  "C1'" . DA  A 1 5  ? -9.534  -1.563  2.252   1.00 28.93  ? 5    DA  A "C1'" 1 
ATOM   93   N  N9    . DA  A 1 5  ? -8.633  -0.424  2.505   1.00 19.99  ? 5    DA  A N9    1 
ATOM   94   C  C8    . DA  A 1 5  ? -7.518  -0.127  1.734   1.00 23.28  ? 5    DA  A C8    1 
ATOM   95   N  N7    . DA  A 1 5  ? -6.923  1.016   2.069   1.00 28.23  ? 5    DA  A N7    1 
ATOM   96   C  C5    . DA  A 1 5  ? -7.647  1.464   3.160   1.00 23.06  ? 5    DA  A C5    1 
ATOM   97   C  C6    . DA  A 1 5  ? -7.408  2.508   4.070   1.00 16.20  ? 5    DA  A C6    1 
ATOM   98   N  N6    . DA  A 1 5  ? -6.439  3.402   3.946   1.00 18.44  ? 5    DA  A N6    1 
ATOM   99   N  N1    . DA  A 1 5  ? -8.237  2.616   5.136   1.00 27.03  ? 5    DA  A N1    1 
ATOM   100  C  C2    . DA  A 1 5  ? -9.199  1.686   5.267   1.00 23.88  ? 5    DA  A C2    1 
ATOM   101  N  N3    . DA  A 1 5  ? -9.485  0.644   4.504   1.00 18.85  ? 5    DA  A N3    1 
ATOM   102  C  C4    . DA  A 1 5  ? -8.699  0.593   3.449   1.00 19.78  ? 5    DA  A C4    1 
ATOM   103  P  P     . DC  A 1 6  ? -12.855 -3.365  0.350   1.00 52.84  ? 6    DC  A P     1 
ATOM   104  O  OP1   . DC  A 1 6  ? -13.632 -4.496  0.919   1.00 59.03  ? 6    DC  A OP1   1 
ATOM   105  O  OP2   . DC  A 1 6  ? -12.653 -3.263  -1.096  1.00 63.55  ? 6    DC  A OP2   1 
ATOM   106  O  "O5'" . DC  A 1 6  ? -13.465 -1.995  0.863   1.00 50.94  ? 6    DC  A "O5'" 1 
ATOM   107  C  "C5'" . DC  A 1 6  ? -13.598 -1.824  2.253   1.00 42.83  ? 6    DC  A "C5'" 1 
ATOM   108  C  "C4'" . DC  A 1 6  ? -13.802 -0.379  2.567   1.00 46.55  ? 6    DC  A "C4'" 1 
ATOM   109  O  "O4'" . DC  A 1 6  ? -12.483 0.246   2.588   1.00 45.40  ? 6    DC  A "O4'" 1 
ATOM   110  C  "C3'" . DC  A 1 6  ? -14.608 0.322   1.459   1.00 45.30  ? 6    DC  A "C3'" 1 
ATOM   111  O  "O3'" . DC  A 1 6  ? -15.466 1.384   1.986   1.00 56.74  ? 6    DC  A "O3'" 1 
ATOM   112  C  "C2'" . DC  A 1 6  ? -13.498 1.023   0.713   1.00 50.63  ? 6    DC  A "C2'" 1 
ATOM   113  C  "C1'" . DC  A 1 6  ? -12.725 1.453   1.951   1.00 49.41  ? 6    DC  A "C1'" 1 
ATOM   114  N  N1    . DC  A 1 6  ? -11.485 2.149   1.712   1.00 34.94  ? 6    DC  A N1    1 
ATOM   115  C  C2    . DC  A 1 6  ? -11.177 3.237   2.520   1.00 39.99  ? 6    DC  A C2    1 
ATOM   116  O  O2    . DC  A 1 6  ? -11.980 3.501   3.507   1.00 35.83  ? 6    DC  A O2    1 
ATOM   117  N  N3    . DC  A 1 6  ? -10.020 3.968   2.231   1.00 19.29  ? 6    DC  A N3    1 
ATOM   118  C  C4    . DC  A 1 6  ? -9.225  3.552   1.221   1.00 30.40  ? 6    DC  A C4    1 
ATOM   119  N  N4    . DC  A 1 6  ? -8.089  4.196   0.957   1.00 17.74  ? 6    DC  A N4    1 
ATOM   120  C  C5    . DC  A 1 6  ? -9.554  2.436   0.427   1.00 15.75  ? 6    DC  A C5    1 
ATOM   121  C  C6    . DC  A 1 6  ? -10.669 1.776   0.702   1.00 28.10  ? 6    DC  A C6    1 
ATOM   122  P  P     . DG  A 1 7  ? -17.096 1.312   1.805   1.00 59.82  ? 7    DG  A P     1 
ATOM   123  O  OP1   . DG  A 1 7  ? -17.466 -0.012  2.386   1.00 54.33  ? 7    DG  A OP1   1 
ATOM   124  O  OP2   . DG  A 1 7  ? -17.522 1.669   0.431   1.00 59.14  ? 7    DG  A OP2   1 
ATOM   125  O  "O5'" . DG  A 1 7  ? -17.605 2.554   2.653   1.00 45.66  ? 7    DG  A "O5'" 1 
ATOM   126  C  "C5'" . DG  A 1 7  ? -17.282 2.636   4.035   1.00 58.74  ? 7    DG  A "C5'" 1 
ATOM   127  C  "C4'" . DG  A 1 7  ? -16.892 4.044   4.410   1.00 58.61  ? 7    DG  A "C4'" 1 
ATOM   128  O  "O4'" . DG  A 1 7  ? -15.556 4.355   3.951   1.00 50.05  ? 7    DG  A "O4'" 1 
ATOM   129  C  "C3'" . DG  A 1 7  ? -17.809 5.125   3.843   1.00 66.09  ? 7    DG  A "C3'" 1 
ATOM   130  O  "O3'" . DG  A 1 7  ? -18.107 6.083   4.873   1.00 76.93  ? 7    DG  A "O3'" 1 
ATOM   131  C  "C2'" . DG  A 1 7  ? -16.953 5.765   2.771   1.00 60.43  ? 7    DG  A "C2'" 1 
ATOM   132  C  "C1'" . DG  A 1 7  ? -15.558 5.657   3.381   1.00 54.84  ? 7    DG  A "C1'" 1 
ATOM   133  N  N9    . DG  A 1 7  ? -14.510 5.710   2.357   1.00 43.05  ? 7    DG  A N9    1 
ATOM   134  C  C8    . DG  A 1 7  ? -14.397 4.848   1.290   1.00 36.70  ? 7    DG  A C8    1 
ATOM   135  N  N7    . DG  A 1 7  ? -13.381 5.131   0.536   1.00 45.34  ? 7    DG  A N7    1 
ATOM   136  C  C5    . DG  A 1 7  ? -12.784 6.241   1.147   1.00 32.33  ? 7    DG  A C5    1 
ATOM   137  C  C6    . DG  A 1 7  ? -11.633 6.984   0.779   1.00 30.93  ? 7    DG  A C6    1 
ATOM   138  O  O6    . DG  A 1 7  ? -10.797 6.729   -0.085  1.00 41.54  ? 7    DG  A O6    1 
ATOM   139  N  N1    . DG  A 1 7  ? -11.458 8.086   1.575   1.00 38.12  ? 7    DG  A N1    1 
ATOM   140  C  C2    . DG  A 1 7  ? -12.228 8.372   2.651   1.00 38.19  ? 7    DG  A C2    1 
ATOM   141  N  N2    . DG  A 1 7  ? -11.921 9.498   3.321   1.00 44.23  ? 7    DG  A N2    1 
ATOM   142  N  N3    . DG  A 1 7  ? -13.227 7.632   3.053   1.00 34.47  ? 7    DG  A N3    1 
ATOM   143  C  C4    . DG  A 1 7  ? -13.465 6.608   2.250   1.00 32.60  ? 7    DG  A C4    1 
ATOM   144  P  P     . DT  A 1 8  ? -19.268 7.161   4.646   1.00 89.19  ? 8    DT  A P     1 
ATOM   145  O  OP1   . DT  A 1 8  ? -20.051 7.263   5.897   1.00 96.62  ? 8    DT  A OP1   1 
ATOM   146  O  OP2   . DT  A 1 8  ? -19.962 6.898   3.365   1.00 96.15  ? 8    DT  A OP2   1 
ATOM   147  O  "O5'" . DT  A 1 8  ? -18.469 8.504   4.483   1.00 78.63  ? 8    DT  A "O5'" 1 
ATOM   148  C  "C5'" . DT  A 1 8  ? -17.660 8.940   5.527   1.00 77.04  ? 8    DT  A "C5'" 1 
ATOM   149  C  "C4'" . DT  A 1 8  ? -16.831 10.096  5.045   1.00 74.13  ? 8    DT  A "C4'" 1 
ATOM   150  O  "O4'" . DT  A 1 8  ? -15.939 9.644   3.998   1.00 71.31  ? 8    DT  A "O4'" 1 
ATOM   151  C  "C3'" . DT  A 1 8  ? -17.672 11.215  4.433   1.00 68.83  ? 8    DT  A "C3'" 1 
ATOM   152  O  "O3'" . DT  A 1 8  ? -17.384 12.396  5.151   1.00 74.08  ? 8    DT  A "O3'" 1 
ATOM   153  C  "C2'" . DT  A 1 8  ? -17.164 11.333  3.007   1.00 66.43  ? 8    DT  A "C2'" 1 
ATOM   154  C  "C1'" . DT  A 1 8  ? -15.767 10.712  3.084   1.00 63.11  ? 8    DT  A "C1'" 1 
ATOM   155  N  N1    . DT  A 1 8  ? -15.254 10.123  1.817   1.00 32.18  ? 8    DT  A N1    1 
ATOM   156  C  C2    . DT  A 1 8  ? -14.155 10.637  1.162   1.00 25.95  ? 8    DT  A C2    1 
ATOM   157  O  O2    . DT  A 1 8  ? -13.532 11.672  1.463   1.00 39.75  ? 8    DT  A O2    1 
ATOM   158  N  N3    . DT  A 1 8  ? -13.786 9.905   0.087   1.00 28.07  ? 8    DT  A N3    1 
ATOM   159  C  C4    . DT  A 1 8  ? -14.373 8.793   -0.430  1.00 27.68  ? 8    DT  A C4    1 
ATOM   160  O  O4    . DT  A 1 8  ? -13.873 8.262   -1.403  1.00 39.99  ? 8    DT  A O4    1 
ATOM   161  C  C5    . DT  A 1 8  ? -15.541 8.345   0.227   1.00 29.43  ? 8    DT  A C5    1 
ATOM   162  C  C7    . DT  A 1 8  ? -16.280 7.177   -0.336  1.00 24.75  ? 8    DT  A C7    1 
ATOM   163  C  C6    . DT  A 1 8  ? -15.921 9.009   1.322   1.00 36.98  ? 8    DT  A C6    1 
ATOM   164  P  P     . DC  A 1 9  ? -18.007 13.779  4.678   1.00 74.41  ? 9    DC  A P     1 
ATOM   165  O  OP1   . DC  A 1 9  ? -17.766 14.811  5.730   1.00 59.33  ? 9    DC  A OP1   1 
ATOM   166  O  OP2   . DC  A 1 9  ? -19.397 13.475  4.189   1.00 63.65  ? 9    DC  A OP2   1 
ATOM   167  O  "O5'" . DC  A 1 9  ? -16.968 14.271  3.590   1.00 77.64  ? 9    DC  A "O5'" 1 
ATOM   168  C  "C5'" . DC  A 1 9  ? -15.856 15.014  4.065   1.00 83.00  ? 9    DC  A "C5'" 1 
ATOM   169  C  "C4'" . DC  A 1 9  ? -15.162 15.726  2.936   1.00 92.31  ? 9    DC  A "C4'" 1 
ATOM   170  O  "O4'" . DC  A 1 9  ? -14.721 14.780  1.933   1.00 91.84  ? 9    DC  A "O4'" 1 
ATOM   171  C  "C3'" . DC  A 1 9  ? -16.031 16.741  2.210   1.00 97.44  ? 9    DC  A "C3'" 1 
ATOM   172  O  "O3'" . DC  A 1 9  ? -15.202 17.842  1.878   1.00 106.02 ? 9    DC  A "O3'" 1 
ATOM   173  C  "C2'" . DC  A 1 9  ? -16.443 15.999  0.952   1.00 93.30  ? 9    DC  A "C2'" 1 
ATOM   174  C  "C1'" . DC  A 1 9  ? -15.181 15.201  0.663   1.00 79.90  ? 9    DC  A "C1'" 1 
ATOM   175  N  N1    . DC  A 1 9  ? -15.401 13.994  -0.139  1.00 52.08  ? 9    DC  A N1    1 
ATOM   176  C  C2    . DC  A 1 9  ? -14.549 13.737  -1.225  1.00 44.45  ? 9    DC  A C2    1 
ATOM   177  O  O2    . DC  A 1 9  ? -13.605 14.556  -1.493  1.00 44.08  ? 9    DC  A O2    1 
ATOM   178  N  N3    . DC  A 1 9  ? -14.753 12.629  -1.961  1.00 43.24  ? 9    DC  A N3    1 
ATOM   179  C  C4    . DC  A 1 9  ? -15.759 11.784  -1.658  1.00 37.70  ? 9    DC  A C4    1 
ATOM   180  N  N4    . DC  A 1 9  ? -15.932 10.673  -2.457  1.00 31.62  ? 9    DC  A N4    1 
ATOM   181  C  C5    . DC  A 1 9  ? -16.630 12.020  -0.549  1.00 39.02  ? 9    DC  A C5    1 
ATOM   182  C  C6    . DC  A 1 9  ? -16.417 13.132  0.171   1.00 39.28  ? 9    DC  A C6    1 
ATOM   183  P  P     . DT  A 1 10 ? -15.637 19.312  2.308   1.00 110.22 ? 10   DT  A P     1 
ATOM   184  O  OP1   . DT  A 1 10 ? -15.325 19.476  3.747   1.00 117.02 ? 10   DT  A OP1   1 
ATOM   185  O  OP2   . DT  A 1 10 ? -17.038 19.454  1.829   1.00 113.78 ? 10   DT  A OP2   1 
ATOM   186  O  "O5'" . DT  A 1 10 ? -14.604 20.206  1.497   1.00 124.96 ? 10   DT  A "O5'" 1 
ATOM   187  C  "C5'" . DT  A 1 10 ? -13.250 19.760  1.380   1.00 119.33 ? 10   DT  A "C5'" 1 
ATOM   188  C  "C4'" . DT  A 1 10 ? -12.769 19.907  -0.043  1.00 111.40 ? 10   DT  A "C4'" 1 
ATOM   189  O  "O4'" . DT  A 1 10 ? -13.019 18.729  -0.848  1.00 102.99 ? 10   DT  A "O4'" 1 
ATOM   190  C  "C3'" . DT  A 1 10 ? -13.455 21.062  -0.752  1.00 110.45 ? 10   DT  A "C3'" 1 
ATOM   191  O  "O3'" . DT  A 1 10 ? -12.465 21.917  -1.313  1.00 110.64 ? 10   DT  A "O3'" 1 
ATOM   192  C  "C2'" . DT  A 1 10 ? -14.317 20.382  -1.805  1.00 103.05 ? 10   DT  A "C2'" 1 
ATOM   193  C  "C1'" . DT  A 1 10 ? -13.501 19.145  -2.104  1.00 94.15  ? 10   DT  A "C1'" 1 
ATOM   194  N  N1    . DT  A 1 10 ? -14.219 18.001  -2.720  1.00 49.67  ? 10   DT  A N1    1 
ATOM   195  C  C2    . DT  A 1 10 ? -13.575 17.321  -3.729  1.00 45.19  ? 10   DT  A C2    1 
ATOM   196  O  O2    . DT  A 1 10 ? -12.548 17.726  -4.277  1.00 50.55  ? 10   DT  A O2    1 
ATOM   197  N  N3    . DT  A 1 10 ? -14.217 16.175  -4.129  1.00 32.71  ? 10   DT  A N3    1 
ATOM   198  C  C4    . DT  A 1 10 ? -15.450 15.721  -3.717  1.00 26.51  ? 10   DT  A C4    1 
ATOM   199  O  O4    . DT  A 1 10 ? -15.933 14.657  -4.183  1.00 29.31  ? 10   DT  A O4    1 
ATOM   200  C  C5    . DT  A 1 10 ? -16.101 16.524  -2.775  1.00 28.80  ? 10   DT  A C5    1 
ATOM   201  C  C7    . DT  A 1 10 ? -17.493 16.122  -2.379  1.00 34.77  ? 10   DT  A C7    1 
ATOM   202  C  C6    . DT  A 1 10 ? -15.463 17.605  -2.295  1.00 35.96  ? 10   DT  A C6    1 
ATOM   203  P  P     . DG  A 1 11 ? -12.895 22.952  -2.447  1.00 88.42  ? 11   DG  A P     1 
ATOM   204  O  OP1   . DG  A 1 11 ? -11.961 24.111  -2.494  1.00 91.53  ? 11   DG  A OP1   1 
ATOM   205  O  OP2   . DG  A 1 11 ? -14.352 23.188  -2.186  1.00 78.29  ? 11   DG  A OP2   1 
ATOM   206  O  "O5'" . DG  A 1 11 ? -12.644 22.093  -3.776  1.00 91.13  ? 11   DG  A "O5'" 1 
ATOM   207  C  "C5'" . DG  A 1 11 ? -11.457 21.287  -3.925  1.00 84.93  ? 11   DG  A "C5'" 1 
ATOM   208  C  "C4'" . DG  A 1 11 ? -11.167 21.035  -5.391  1.00 79.07  ? 11   DG  A "C4'" 1 
ATOM   209  O  "O4'" . DG  A 1 11 ? -11.880 19.894  -5.948  1.00 70.95  ? 11   DG  A "O4'" 1 
ATOM   210  C  "C3'" . DG  A 1 11 ? -11.481 22.218  -6.294  1.00 75.49  ? 11   DG  A "C3'" 1 
ATOM   211  O  "O3'" . DG  A 1 11 ? -10.397 22.405  -7.215  1.00 73.37  ? 11   DG  A "O3'" 1 
ATOM   212  C  "C2'" . DG  A 1 11 ? -12.797 21.835  -6.955  1.00 60.43  ? 11   DG  A "C2'" 1 
ATOM   213  C  "C1'" . DG  A 1 11 ? -12.809 20.304  -6.941  1.00 61.15  ? 11   DG  A "C1'" 1 
ATOM   214  N  N9    . DG  A 1 11 ? -14.099 19.780  -6.528  1.00 48.80  ? 11   DG  A N9    1 
ATOM   215  C  C8    . DG  A 1 11 ? -14.976 20.432  -5.708  1.00 51.75  ? 11   DG  A C8    1 
ATOM   216  N  N7    . DG  A 1 11 ? -16.049 19.738  -5.446  1.00 50.46  ? 11   DG  A N7    1 
ATOM   217  C  C5    . DG  A 1 11 ? -15.880 18.563  -6.146  1.00 41.24  ? 11   DG  A C5    1 
ATOM   218  C  C6    . DG  A 1 11 ? -16.773 17.489  -6.299  1.00 50.11  ? 11   DG  A C6    1 
ATOM   219  O  O6    . DG  A 1 11 ? -17.912 17.342  -5.766  1.00 56.64  ? 11   DG  A O6    1 
ATOM   220  N  N1    . DG  A 1 11 ? -16.269 16.519  -7.167  1.00 40.76  ? 11   DG  A N1    1 
ATOM   221  C  C2    . DG  A 1 11 ? -15.071 16.619  -7.841  1.00 42.29  ? 11   DG  A C2    1 
ATOM   222  N  N2    . DG  A 1 11 ? -14.802 15.613  -8.698  1.00 38.37  ? 11   DG  A N2    1 
ATOM   223  N  N3    . DG  A 1 11 ? -14.217 17.641  -7.702  1.00 39.48  ? 11   DG  A N3    1 
ATOM   224  C  C4    . DG  A 1 11 ? -14.685 18.566  -6.834  1.00 37.97  ? 11   DG  A C4    1 
ATOM   225  P  P     . DC  A 1 12 ? -10.491 23.576  -8.306  1.00 64.59  ? 12   DC  A P     1 
ATOM   226  O  OP1   . DC  A 1 12 ? -9.160  24.090  -8.740  1.00 53.92  ? 12   DC  A OP1   1 
ATOM   227  O  OP2   . DC  A 1 12 ? -11.469 24.502  -7.666  1.00 63.85  ? 12   DC  A OP2   1 
ATOM   228  O  "O5'" . DC  A 1 12 ? -11.159 22.799  -9.542  1.00 61.15  ? 12   DC  A "O5'" 1 
ATOM   229  C  "C5'" . DC  A 1 12 ? -10.452 21.758  -10.227 1.00 39.51  ? 12   DC  A "C5'" 1 
ATOM   230  C  "C4'" . DC  A 1 12 ? -11.365 21.054  -11.216 1.00 50.21  ? 12   DC  A "C4'" 1 
ATOM   231  O  "O4'" . DC  A 1 12 ? -12.451 20.342  -10.553 1.00 47.75  ? 12   DC  A "O4'" 1 
ATOM   232  C  "C3'" . DC  A 1 12 ? -12.018 21.952  -12.286 1.00 41.80  ? 12   DC  A "C3'" 1 
ATOM   233  O  "O3'" . DC  A 1 12 ? -11.650 21.571  -13.595 1.00 45.72  ? 12   DC  A "O3'" 1 
ATOM   234  C  "C2'" . DC  A 1 12 ? -13.505 21.729  -12.109 1.00 40.55  ? 12   DC  A "C2'" 1 
ATOM   235  C  "C1'" . DC  A 1 12 ? -13.590 20.385  -11.393 1.00 39.63  ? 12   DC  A "C1'" 1 
ATOM   236  N  N1    . DC  A 1 12 ? -14.762 20.329  -10.530 1.00 23.07  ? 12   DC  A N1    1 
ATOM   237  C  C2    . DC  A 1 12 ? -15.526 19.209  -10.534 1.00 21.33  ? 12   DC  A C2    1 
ATOM   238  O  O2    . DC  A 1 12 ? -15.220 18.299  -11.345 1.00 21.98  ? 12   DC  A O2    1 
ATOM   239  N  N3    . DC  A 1 12 ? -16.595 19.113  -9.684  1.00 15.62  ? 12   DC  A N3    1 
ATOM   240  C  C4    . DC  A 1 12 ? -16.902 20.148  -8.889  1.00 17.33  ? 12   DC  A C4    1 
ATOM   241  N  N4    . DC  A 1 12 ? -17.952 20.040  -8.052  1.00 26.81  ? 12   DC  A N4    1 
ATOM   242  C  C5    . DC  A 1 12 ? -16.156 21.335  -8.907  1.00 18.43  ? 12   DC  A C5    1 
ATOM   243  C  C6    . DC  A 1 12 ? -15.084 21.382  -9.725  1.00 27.23  ? 12   DC  A C6    1 
ATOM   244  O  "O5'" . DG  B 1 1  ? -24.120 13.987  -10.739 1.00 63.27  ? 13   DG  B "O5'" 1 
ATOM   245  C  "C5'" . DG  B 1 1  ? -24.217 12.756  -11.465 1.00 62.90  ? 13   DG  B "C5'" 1 
ATOM   246  C  "C4'" . DG  B 1 1  ? -22.941 12.358  -12.166 1.00 63.96  ? 13   DG  B "C4'" 1 
ATOM   247  O  "O4'" . DG  B 1 1  ? -21.928 13.399  -12.150 1.00 61.13  ? 13   DG  B "O4'" 1 
ATOM   248  C  "C3'" . DG  B 1 1  ? -22.259 11.172  -11.535 1.00 66.04  ? 13   DG  B "C3'" 1 
ATOM   249  O  "O3'" . DG  B 1 1  ? -21.455 10.606  -12.558 1.00 80.65  ? 13   DG  B "O3'" 1 
ATOM   250  C  "C2'" . DG  B 1 1  ? -21.402 11.830  -10.471 1.00 62.30  ? 13   DG  B "C2'" 1 
ATOM   251  C  "C1'" . DG  B 1 1  ? -20.923 13.088  -11.193 1.00 55.31  ? 13   DG  B "C1'" 1 
ATOM   252  N  N9    . DG  B 1 1  ? -20.756 14.270  -10.356 1.00 51.10  ? 13   DG  B N9    1 
ATOM   253  C  C8    . DG  B 1 1  ? -21.564 14.660  -9.314  1.00 47.06  ? 13   DG  B C8    1 
ATOM   254  N  N7    . DG  B 1 1  ? -21.220 15.822  -8.809  1.00 48.33  ? 13   DG  B N7    1 
ATOM   255  C  C5    . DG  B 1 1  ? -20.100 16.208  -9.546  1.00 41.78  ? 13   DG  B C5    1 
ATOM   256  C  C6    . DG  B 1 1  ? -19.273 17.340  -9.421  1.00 48.91  ? 13   DG  B C6    1 
ATOM   257  O  O6    . DG  B 1 1  ? -19.391 18.293  -8.662  1.00 54.64  ? 13   DG  B O6    1 
ATOM   258  N  N1    . DG  B 1 1  ? -18.216 17.312  -10.308 1.00 52.23  ? 13   DG  B N1    1 
ATOM   259  C  C2    . DG  B 1 1  ? -17.987 16.337  -11.224 1.00 50.85  ? 13   DG  B C2    1 
ATOM   260  N  N2    . DG  B 1 1  ? -16.923 16.540  -12.007 1.00 42.53  ? 13   DG  B N2    1 
ATOM   261  N  N3    . DG  B 1 1  ? -18.750 15.258  -11.363 1.00 51.34  ? 13   DG  B N3    1 
ATOM   262  C  C4    . DG  B 1 1  ? -19.783 15.259  -10.489 1.00 48.80  ? 13   DG  B C4    1 
ATOM   263  P  P     . DC  B 1 2  ? -20.868 9.140   -12.370 1.00 122.66 ? 14   DC  B P     1 
ATOM   264  O  OP1   . DC  B 1 2  ? -21.092 8.380   -13.629 1.00 125.24 ? 14   DC  B OP1   1 
ATOM   265  O  OP2   . DC  B 1 2  ? -21.420 8.644   -11.085 1.00 131.03 ? 14   DC  B OP2   1 
ATOM   266  O  "O5'" . DC  B 1 2  ? -19.312 9.378   -12.203 1.00 76.57  ? 14   DC  B "O5'" 1 
ATOM   267  C  "C5'" . DC  B 1 2  ? -18.580 10.018  -13.224 1.00 72.88  ? 14   DC  B "C5'" 1 
ATOM   268  C  "C4'" . DC  B 1 2  ? -17.301 10.588  -12.662 1.00 72.01  ? 14   DC  B "C4'" 1 
ATOM   269  O  "O4'" . DC  B 1 2  ? -17.526 11.742  -11.820 1.00 66.46  ? 14   DC  B "O4'" 1 
ATOM   270  C  "C3'" . DC  B 1 2  ? -16.523 9.605   -11.796 1.00 73.60  ? 14   DC  B "C3'" 1 
ATOM   271  O  "O3'" . DC  B 1 2  ? -15.178 9.707   -12.180 1.00 74.66  ? 14   DC  B "O3'" 1 
ATOM   272  C  "C2'" . DC  B 1 2  ? -16.666 10.163  -10.395 1.00 68.10  ? 14   DC  B "C2'" 1 
ATOM   273  C  "C1'" . DC  B 1 2  ? -16.648 11.636  -10.722 1.00 62.32  ? 14   DC  B "C1'" 1 
ATOM   274  N  N1    . DC  B 1 2  ? -17.150 12.505  -9.665  1.00 57.40  ? 14   DC  B N1    1 
ATOM   275  C  C2    . DC  B 1 2  ? -16.482 13.695  -9.396  1.00 50.97  ? 14   DC  B C2    1 
ATOM   276  O  O2    . DC  B 1 2  ? -15.490 14.007  -10.081 1.00 51.28  ? 14   DC  B O2    1 
ATOM   277  N  N3    . DC  B 1 2  ? -16.921 14.491  -8.420  1.00 55.63  ? 14   DC  B N3    1 
ATOM   278  C  C4    . DC  B 1 2  ? -18.013 14.158  -7.741  1.00 63.82  ? 14   DC  B C4    1 
ATOM   279  N  N4    . DC  B 1 2  ? -18.443 15.015  -6.805  1.00 70.43  ? 14   DC  B N4    1 
ATOM   280  C  C5    . DC  B 1 2  ? -18.719 12.950  -7.994  1.00 61.14  ? 14   DC  B C5    1 
ATOM   281  C  C6    . DC  B 1 2  ? -18.253 12.159  -8.955  1.00 61.04  ? 14   DC  B C6    1 
ATOM   282  P  P     . DA  B 1 3  ? -14.225 8.457   -11.984 1.00 81.96  ? 15   DA  B P     1 
ATOM   283  O  OP1   . DA  B 1 3  ? -14.073 7.810   -13.322 1.00 82.02  ? 15   DA  B OP1   1 
ATOM   284  O  OP2   . DA  B 1 3  ? -14.701 7.663   -10.810 1.00 81.03  ? 15   DA  B OP2   1 
ATOM   285  O  "O5'" . DA  B 1 3  ? -12.862 9.197   -11.695 1.00 82.79  ? 15   DA  B "O5'" 1 
ATOM   286  C  "C5'" . DA  B 1 3  ? -12.448 10.182  -12.611 1.00 68.42  ? 15   DA  B "C5'" 1 
ATOM   287  C  "C4'" . DA  B 1 3  ? -11.331 10.989  -12.010 1.00 60.63  ? 15   DA  B "C4'" 1 
ATOM   288  O  "O4'" . DA  B 1 3  ? -11.799 11.879  -10.968 1.00 53.55  ? 15   DA  B "O4'" 1 
ATOM   289  C  "C3'" . DA  B 1 3  ? -10.284 10.101  -11.376 1.00 53.34  ? 15   DA  B "C3'" 1 
ATOM   290  O  "O3'" . DA  B 1 3  ? -9.026  10.706  -11.633 1.00 60.46  ? 15   DA  B "O3'" 1 
ATOM   291  C  "C2'" . DA  B 1 3  ? -10.667 10.097  -9.912  1.00 51.71  ? 15   DA  B "C2'" 1 
ATOM   292  C  "C1'" . DA  B 1 3  ? -11.343 11.451  -9.702  1.00 45.87  ? 15   DA  B "C1'" 1 
ATOM   293  N  N9    . DA  B 1 3  ? -12.523 11.358  -8.872  1.00 30.14  ? 15   DA  B N9    1 
ATOM   294  C  C8    . DA  B 1 3  ? -13.437 10.319  -8.828  1.00 22.28  ? 15   DA  B C8    1 
ATOM   295  N  N7    . DA  B 1 3  ? -14.434 10.541  -8.000  1.00 24.83  ? 15   DA  B N7    1 
ATOM   296  C  C5    . DA  B 1 3  ? -14.141 11.805  -7.470  1.00 11.60  ? 15   DA  B C5    1 
ATOM   297  C  C6    . DA  B 1 3  ? -14.769 12.542  -6.511  1.00 14.86  ? 15   DA  B C6    1 
ATOM   298  N  N6    . DA  B 1 3  ? -15.867 12.104  -5.889  1.00 33.80  ? 15   DA  B N6    1 
ATOM   299  N  N1    . DA  B 1 3  ? -14.253 13.737  -6.165  1.00 19.77  ? 15   DA  B N1    1 
ATOM   300  C  C2    . DA  B 1 3  ? -13.103 14.115  -6.775  1.00 13.38  ? 15   DA  B C2    1 
ATOM   301  N  N3    . DA  B 1 3  ? -12.386 13.450  -7.690  1.00 23.05  ? 15   DA  B N3    1 
ATOM   302  C  C4    . DA  B 1 3  ? -12.973 12.302  -7.987  1.00 16.69  ? 15   DA  B C4    1 
ATOM   303  P  P     . DG  B 1 4  ? -7.702  9.884   -11.336 1.00 73.86  ? 16   DG  B P     1 
ATOM   304  O  OP1   . DG  B 1 4  ? -6.618  10.314  -12.258 1.00 78.63  ? 16   DG  B OP1   1 
ATOM   305  O  OP2   . DG  B 1 4  ? -8.172  8.466   -11.341 1.00 69.82  ? 16   DG  B OP2   1 
ATOM   306  O  "O5'" . DG  B 1 4  ? -7.314  10.444  -9.901  1.00 50.15  ? 16   DG  B "O5'" 1 
ATOM   307  C  "C5'" . DG  B 1 4  ? -6.915  11.792  -9.785  1.00 49.29  ? 16   DG  B "C5'" 1 
ATOM   308  C  "C4'" . DG  B 1 4  ? -6.923  12.209  -8.339  1.00 55.29  ? 16   DG  B "C4'" 1 
ATOM   309  O  "O4'" . DG  B 1 4  ? -8.252  12.056  -7.801  1.00 61.24  ? 16   DG  B "O4'" 1 
ATOM   310  C  "C3'" . DG  B 1 4  ? -6.027  11.413  -7.379  1.00 51.91  ? 16   DG  B "C3'" 1 
ATOM   311  O  "O3'" . DG  B 1 4  ? -5.672  12.322  -6.347  1.00 52.22  ? 16   DG  B "O3'" 1 
ATOM   312  C  "C2'" . DG  B 1 4  ? -6.999  10.426  -6.766  1.00 50.74  ? 16   DG  B "C2'" 1 
ATOM   313  C  "C1'" . DG  B 1 4  ? -8.132  11.394  -6.555  1.00 52.03  ? 16   DG  B "C1'" 1 
ATOM   314  N  N9    . DG  B 1 4  ? -9.430  10.846  -6.214  1.00 45.82  ? 16   DG  B N9    1 
ATOM   315  C  C8    . DG  B 1 4  ? -9.965  9.627   -6.562  1.00 46.95  ? 16   DG  B C8    1 
ATOM   316  N  N7    . DG  B 1 4  ? -11.167 9.434   -6.069  1.00 44.56  ? 16   DG  B N7    1 
ATOM   317  C  C5    . DG  B 1 4  ? -11.428 10.601  -5.366  1.00 39.09  ? 16   DG  B C5    1 
ATOM   318  C  C6    . DG  B 1 4  ? -12.518 10.940  -4.565  1.00 32.34  ? 16   DG  B C6    1 
ATOM   319  O  O6    . DG  B 1 4  ? -13.507 10.254  -4.281  1.00 41.26  ? 16   DG  B O6    1 
ATOM   320  N  N1    . DG  B 1 4  ? -12.374 12.187  -4.014  1.00 30.17  ? 16   DG  B N1    1 
ATOM   321  C  C2    . DG  B 1 4  ? -11.278 12.987  -4.151  1.00 38.73  ? 16   DG  B C2    1 
ATOM   322  N  N2    . DG  B 1 4  ? -11.337 14.127  -3.462  1.00 42.05  ? 16   DG  B N2    1 
ATOM   323  N  N3    . DG  B 1 4  ? -10.213 12.686  -4.884  1.00 40.57  ? 16   DG  B N3    1 
ATOM   324  C  C4    . DG  B 1 4  ? -10.362 11.482  -5.460  1.00 42.04  ? 16   DG  B C4    1 
ATOM   325  P  P     . DA  B 1 5  ? -4.161  12.426  -5.878  1.00 67.69  ? 17   DA  B P     1 
ATOM   326  O  OP1   . DA  B 1 5  ? -3.334  13.293  -6.768  1.00 66.98  ? 17   DA  B OP1   1 
ATOM   327  O  OP2   . DA  B 1 5  ? -3.842  10.997  -5.706  1.00 66.16  ? 17   DA  B OP2   1 
ATOM   328  O  "O5'" . DA  B 1 5  ? -4.266  13.189  -4.494  1.00 64.84  ? 17   DA  B "O5'" 1 
ATOM   329  C  "C5'" . DA  B 1 5  ? -4.727  14.521  -4.469  1.00 63.92  ? 17   DA  B "C5'" 1 
ATOM   330  C  "C4'" . DA  B 1 5  ? -5.412  14.807  -3.160  1.00 67.43  ? 17   DA  B "C4'" 1 
ATOM   331  O  "O4'" . DA  B 1 5  ? -6.634  14.060  -3.127  1.00 64.52  ? 17   DA  B "O4'" 1 
ATOM   332  C  "C3'" . DA  B 1 5  ? -4.621  14.396  -1.919  1.00 67.28  ? 17   DA  B "C3'" 1 
ATOM   333  O  "O3'" . DA  B 1 5  ? -4.622  15.463  -0.992  1.00 70.27  ? 17   DA  B "O3'" 1 
ATOM   334  C  "C2'" . DA  B 1 5  ? -5.389  13.224  -1.342  1.00 61.39  ? 17   DA  B "C2'" 1 
ATOM   335  C  "C1'" . DA  B 1 5  ? -6.785  13.453  -1.862  1.00 60.66  ? 17   DA  B "C1'" 1 
ATOM   336  N  N9    . DA  B 1 5  ? -7.489  12.227  -2.126  1.00 52.97  ? 17   DA  B N9    1 
ATOM   337  C  C8    . DA  B 1 5  ? -7.069  11.238  -2.958  1.00 48.56  ? 17   DA  B C8    1 
ATOM   338  N  N7    . DA  B 1 5  ? -7.947  10.284  -3.129  1.00 47.67  ? 17   DA  B N7    1 
ATOM   339  C  C5    . DA  B 1 5  ? -9.001  10.668  -2.326  1.00 32.02  ? 17   DA  B C5    1 
ATOM   340  C  C6    . DA  B 1 5  ? -10.224 10.099  -2.098  1.00 34.52  ? 17   DA  B C6    1 
ATOM   341  N  N6    . DA  B 1 5  ? -10.609 8.958   -2.677  1.00 43.91  ? 17   DA  B N6    1 
ATOM   342  N  N1    . DA  B 1 5  ? -11.062 10.730  -1.256  1.00 39.69  ? 17   DA  B N1    1 
ATOM   343  C  C2    . DA  B 1 5  ? -10.652 11.872  -0.698  1.00 42.30  ? 17   DA  B C2    1 
ATOM   344  N  N3    . DA  B 1 5  ? -9.497  12.515  -0.849  1.00 41.11  ? 17   DA  B N3    1 
ATOM   345  C  C4    . DA  B 1 5  ? -8.716  11.849  -1.681  1.00 41.23  ? 17   DA  B C4    1 
ATOM   346  P  P     . DC  B 1 6  ? -3.782  15.334  0.362   1.00 69.19  ? 18   DC  B P     1 
ATOM   347  O  OP1   . DC  B 1 6  ? -3.531  16.706  0.816   1.00 66.48  ? 18   DC  B OP1   1 
ATOM   348  O  OP2   . DC  B 1 6  ? -2.661  14.361  0.270   1.00 76.69  ? 18   DC  B OP2   1 
ATOM   349  O  "O5'" . DC  B 1 6  ? -4.861  14.744  1.326   1.00 68.74  ? 18   DC  B "O5'" 1 
ATOM   350  C  "C5'" . DC  B 1 6  ? -6.146  15.271  1.289   1.00 61.51  ? 18   DC  B "C5'" 1 
ATOM   351  C  "C4'" . DC  B 1 6  ? -7.008  14.466  2.217   1.00 63.05  ? 18   DC  B "C4'" 1 
ATOM   352  O  "O4'" . DC  B 1 6  ? -7.480  13.319  1.501   1.00 52.62  ? 18   DC  B "O4'" 1 
ATOM   353  C  "C3'" . DC  B 1 6  ? -6.265  13.910  3.438   1.00 59.91  ? 18   DC  B "C3'" 1 
ATOM   354  O  "O3'" . DC  B 1 6  ? -7.023  14.266  4.573   1.00 65.86  ? 18   DC  B "O3'" 1 
ATOM   355  C  "C2'" . DC  B 1 6  ? -6.398  12.414  3.277   1.00 49.41  ? 18   DC  B "C2'" 1 
ATOM   356  C  "C1'" . DC  B 1 6  ? -7.677  12.348  2.461   1.00 46.10  ? 18   DC  B "C1'" 1 
ATOM   357  N  N1    . DC  B 1 6  ? -7.874  11.125  1.741   1.00 23.47  ? 18   DC  B N1    1 
ATOM   358  C  C2    . DC  B 1 6  ? -9.024  10.426  1.926   1.00 25.72  ? 18   DC  B C2    1 
ATOM   359  O  O2    . DC  B 1 6  ? -9.835  10.869  2.733   1.00 36.07  ? 18   DC  B O2    1 
ATOM   360  N  N3    . DC  B 1 6  ? -9.225  9.266   1.265   1.00 22.80  ? 18   DC  B N3    1 
ATOM   361  C  C4    . DC  B 1 6  ? -8.248  8.811   0.476   1.00 25.42  ? 18   DC  B C4    1 
ATOM   362  N  N4    . DC  B 1 6  ? -8.408  7.639   -0.160  1.00 23.84  ? 18   DC  B N4    1 
ATOM   363  C  C5    . DC  B 1 6  ? -7.043  9.526   0.290   1.00 29.62  ? 18   DC  B C5    1 
ATOM   364  C  C6    . DC  B 1 6  ? -6.907  10.672  0.914   1.00 27.24  ? 18   DC  B C6    1 
ATOM   365  P  P     . DG  B 1 7  ? -6.336  14.297  5.992   1.00 78.48  ? 19   DG  B P     1 
ATOM   366  O  OP1   . DG  B 1 7  ? -6.169  15.723  6.317   1.00 84.47  ? 19   DG  B OP1   1 
ATOM   367  O  OP2   . DG  B 1 7  ? -5.140  13.436  5.865   1.00 74.24  ? 19   DG  B OP2   1 
ATOM   368  O  "O5'" . DG  B 1 7  ? -7.479  13.579  6.828   1.00 54.21  ? 19   DG  B "O5'" 1 
ATOM   369  C  "C5'" . DG  B 1 7  ? -8.056  12.415  6.294   1.00 46.62  ? 19   DG  B "C5'" 1 
ATOM   370  C  "C4'" . DG  B 1 7  ? -9.241  12.002  7.111   1.00 46.94  ? 19   DG  B "C4'" 1 
ATOM   371  O  "O4'" . DG  B 1 7  ? -10.027 11.022  6.408   1.00 43.90  ? 19   DG  B "O4'" 1 
ATOM   372  C  "C3'" . DG  B 1 7  ? -8.946  11.378  8.460   1.00 47.38  ? 19   DG  B "C3'" 1 
ATOM   373  O  "O3'" . DG  B 1 7  ? -10.132 11.571  9.222   1.00 50.91  ? 19   DG  B "O3'" 1 
ATOM   374  C  "C2'" . DG  B 1 7  ? -8.812  9.907   8.136   1.00 46.05  ? 19   DG  B "C2'" 1 
ATOM   375  C  "C1'" . DG  B 1 7  ? -9.717  9.714   6.908   1.00 40.32  ? 19   DG  B "C1'" 1 
ATOM   376  N  N9    . DG  B 1 7  ? -8.985  9.031   5.856   1.00 32.97  ? 19   DG  B N9    1 
ATOM   377  C  C8    . DG  B 1 7  ? -7.795  9.490   5.329   1.00 17.12  ? 19   DG  B C8    1 
ATOM   378  N  N7    . DG  B 1 7  ? -7.327  8.710   4.397   1.00 38.34  ? 19   DG  B N7    1 
ATOM   379  C  C5    . DG  B 1 7  ? -8.267  7.679   4.292   1.00 23.87  ? 19   DG  B C5    1 
ATOM   380  C  C6    . DG  B 1 7  ? -8.250  6.524   3.451   1.00 27.61  ? 19   DG  B C6    1 
ATOM   381  O  O6    . DG  B 1 7  ? -7.379  6.232   2.639   1.00 32.51  ? 19   DG  B O6    1 
ATOM   382  N  N1    . DG  B 1 7  ? -9.369  5.688   3.662   1.00 15.82  ? 19   DG  B N1    1 
ATOM   383  C  C2    . DG  B 1 7  ? -10.386 6.000   4.613   1.00 27.73  ? 19   DG  B C2    1 
ATOM   384  N  N2    . DG  B 1 7  ? -11.477 5.167   4.697   1.00 34.68  ? 19   DG  B N2    1 
ATOM   385  N  N3    . DG  B 1 7  ? -10.354 7.069   5.421   1.00 18.52  ? 19   DG  B N3    1 
ATOM   386  C  C4    . DG  B 1 7  ? -9.294  7.853   5.198   1.00 22.80  ? 19   DG  B C4    1 
ATOM   387  P  P     . DT  B 1 8  ? -10.235 11.014  10.696  1.00 67.54  ? 20   DT  B P     1 
ATOM   388  O  OP1   . DT  B 1 8  ? -11.347 11.760  11.321  1.00 77.28  ? 20   DT  B OP1   1 
ATOM   389  O  OP2   . DT  B 1 8  ? -8.862  11.061  11.274  1.00 72.25  ? 20   DT  B OP2   1 
ATOM   390  O  "O5'" . DT  B 1 8  ? -10.807 9.548   10.509  1.00 58.97  ? 20   DT  B "O5'" 1 
ATOM   391  C  "C5'" . DT  B 1 8  ? -12.060 9.404   9.889   1.00 54.74  ? 20   DT  B "C5'" 1 
ATOM   392  C  "C4'" . DT  B 1 8  ? -12.447 7.952   9.821   1.00 55.22  ? 20   DT  B "C4'" 1 
ATOM   393  O  "O4'" . DT  B 1 8  ? -11.651 7.248   8.829   1.00 56.27  ? 20   DT  B "O4'" 1 
ATOM   394  C  "C3'" . DT  B 1 8  ? -12.251 7.212   11.142  1.00 55.32  ? 20   DT  B "C3'" 1 
ATOM   395  O  "O3'" . DT  B 1 8  ? -13.372 6.343   11.324  1.00 47.30  ? 20   DT  B "O3'" 1 
ATOM   396  C  "C2'" . DT  B 1 8  ? -10.949 6.441   10.926  1.00 57.05  ? 20   DT  B "C2'" 1 
ATOM   397  C  "C1'" . DT  B 1 8  ? -11.023 6.115   9.435   1.00 53.82  ? 20   DT  B "C1'" 1 
ATOM   398  N  N1    . DT  B 1 8  ? -9.765  5.821   8.695   1.00 26.08  ? 20   DT  B N1    1 
ATOM   399  C  C2    . DT  B 1 8  ? -9.801  4.703   7.923   1.00 28.16  ? 20   DT  B C2    1 
ATOM   400  O  O2    . DT  B 1 8  ? -10.718 3.912   7.962   1.00 37.02  ? 20   DT  B O2    1 
ATOM   401  N  N3    . DT  B 1 8  ? -8.721  4.518   7.104   1.00 34.37  ? 20   DT  B N3    1 
ATOM   402  C  C4    . DT  B 1 8  ? -7.606  5.337   7.024   1.00 29.42  ? 20   DT  B C4    1 
ATOM   403  O  O4    . DT  B 1 8  ? -6.794  5.096   6.228   1.00 23.82  ? 20   DT  B O4    1 
ATOM   404  C  C5    . DT  B 1 8  ? -7.573  6.464   7.956   1.00 28.03  ? 20   DT  B C5    1 
ATOM   405  C  C7    . DT  B 1 8  ? -6.378  7.366   7.994   1.00 10.84  ? 20   DT  B C7    1 
ATOM   406  C  C6    . DT  B 1 8  ? -8.656  6.642   8.743   1.00 27.02  ? 20   DT  B C6    1 
ATOM   407  P  P     . DC  B 1 9  ? -13.539 5.541   12.685  1.00 65.88  ? 21   DC  B P     1 
ATOM   408  O  OP1   . DC  B 1 9  ? -14.982 5.340   12.973  1.00 72.95  ? 21   DC  B OP1   1 
ATOM   409  O  OP2   . DC  B 1 9  ? -12.647 6.188   13.668  1.00 62.28  ? 21   DC  B OP2   1 
ATOM   410  O  "O5'" . DC  B 1 9  ? -13.024 4.090   12.382  1.00 48.03  ? 21   DC  B "O5'" 1 
ATOM   411  C  "C5'" . DC  B 1 9  ? -13.641 3.327   11.397  1.00 49.31  ? 21   DC  B "C5'" 1 
ATOM   412  C  "C4'" . DC  B 1 9  ? -12.767 2.150   11.070  1.00 44.72  ? 21   DC  B "C4'" 1 
ATOM   413  O  "O4'" . DC  B 1 9  ? -11.566 2.547   10.375  1.00 43.64  ? 21   DC  B "O4'" 1 
ATOM   414  C  "C3'" . DC  B 1 9  ? -12.293 1.478   12.341  1.00 54.28  ? 21   DC  B "C3'" 1 
ATOM   415  O  "O3'" . DC  B 1 9  ? -12.479 0.095   12.164  1.00 58.85  ? 21   DC  B "O3'" 1 
ATOM   416  C  "C2'" . DC  B 1 9  ? -10.825 1.850   12.432  1.00 44.98  ? 21   DC  B "C2'" 1 
ATOM   417  C  "C1'" . DC  B 1 9  ? -10.489 1.815   10.964  1.00 42.12  ? 21   DC  B "C1'" 1 
ATOM   418  N  N1    . DC  B 1 9  ? -9.212  2.441   10.566  1.00 24.21  ? 21   DC  B N1    1 
ATOM   419  C  C2    . DC  B 1 9  ? -8.464  1.832   9.612   1.00 23.12  ? 21   DC  B C2    1 
ATOM   420  O  O2    . DC  B 1 9  ? -8.929  0.816   9.085   1.00 28.57  ? 21   DC  B O2    1 
ATOM   421  N  N3    . DC  B 1 9  ? -7.280  2.360   9.232   1.00 16.67  ? 21   DC  B N3    1 
ATOM   422  C  C4    . DC  B 1 9  ? -6.888  3.491   9.760   1.00 29.03  ? 21   DC  B C4    1 
ATOM   423  N  N4    . DC  B 1 9  ? -5.756  4.021   9.364   1.00 28.17  ? 21   DC  B N4    1 
ATOM   424  C  C5    . DC  B 1 9  ? -7.663  4.161   10.740  1.00 29.36  ? 21   DC  B C5    1 
ATOM   425  C  C6    . DC  B 1 9  ? -8.802  3.600   11.115  1.00 26.35  ? 21   DC  B C6    1 
ATOM   426  P  P     . DT  B 1 10 ? -13.108 -0.728  13.358  1.00 76.40  ? 22   DT  B P     1 
ATOM   427  O  OP1   . DT  B 1 10 ? -14.568 -0.530  13.462  1.00 73.45  ? 22   DT  B OP1   1 
ATOM   428  O  OP2   . DT  B 1 10 ? -12.229 -0.320  14.495  1.00 77.88  ? 22   DT  B OP2   1 
ATOM   429  O  "O5'" . DT  B 1 10 ? -12.883 -2.210  12.862  1.00 40.97  ? 22   DT  B "O5'" 1 
ATOM   430  C  "C5'" . DT  B 1 10 ? -13.300 -2.594  11.584  1.00 41.35  ? 22   DT  B "C5'" 1 
ATOM   431  C  "C4'" . DT  B 1 10 ? -12.211 -3.383  10.909  1.00 51.31  ? 22   DT  B "C4'" 1 
ATOM   432  O  "O4'" . DT  B 1 10 ? -11.042 -2.534  10.785  1.00 53.01  ? 22   DT  B "O4'" 1 
ATOM   433  C  "C3'" . DT  B 1 10 ? -11.764 -4.569  11.765  1.00 60.63  ? 22   DT  B "C3'" 1 
ATOM   434  O  "O3'" . DT  B 1 10 ? -11.475 -5.711  10.971  1.00 64.44  ? 22   DT  B "O3'" 1 
ATOM   435  C  "C2'" . DT  B 1 10 ? -10.491 -4.080  12.429  1.00 58.90  ? 22   DT  B "C2'" 1 
ATOM   436  C  "C1'" . DT  B 1 10 ? -9.925  -3.230  11.331  1.00 49.24  ? 22   DT  B "C1'" 1 
ATOM   437  N  N1    . DT  B 1 10 ? -8.912  -2.254  11.725  1.00 38.84  ? 22   DT  B N1    1 
ATOM   438  C  C2    . DT  B 1 10 ? -7.784  -2.294  10.975  1.00 30.33  ? 22   DT  B C2    1 
ATOM   439  O  O2    . DT  B 1 10 ? -7.590  -3.195  10.211  1.00 36.36  ? 22   DT  B O2    1 
ATOM   440  N  N3    . DT  B 1 10 ? -6.884  -1.275  11.183  1.00 27.23  ? 22   DT  B N3    1 
ATOM   441  C  C4    . DT  B 1 10 ? -6.996  -0.263  12.129  1.00 33.24  ? 22   DT  B C4    1 
ATOM   442  O  O4    . DT  B 1 10 ? -6.167  0.692   12.156  1.00 29.58  ? 22   DT  B O4    1 
ATOM   443  C  C5    . DT  B 1 10 ? -8.155  -0.379  13.004  1.00 38.67  ? 22   DT  B C5    1 
ATOM   444  C  C7    . DT  B 1 10 ? -8.269  0.553   14.160  1.00 42.55  ? 22   DT  B C7    1 
ATOM   445  C  C6    . DT  B 1 10 ? -9.069  -1.340  12.739  1.00 38.08  ? 22   DT  B C6    1 
ATOM   446  P  P     . DG  B 1 11 ? -11.914 -7.151  11.514  1.00 81.62  ? 23   DG  B P     1 
ATOM   447  O  OP1   . DG  B 1 11 ? -13.186 -7.462  10.795  1.00 85.52  ? 23   DG  B OP1   1 
ATOM   448  O  OP2   . DG  B 1 11 ? -11.908 -7.047  12.994  1.00 85.38  ? 23   DG  B OP2   1 
ATOM   449  O  "O5'" . DG  B 1 11 ? -10.749 -8.109  11.024  1.00 48.94  ? 23   DG  B "O5'" 1 
ATOM   450  C  "C5'" . DG  B 1 11 ? -10.073 -7.828  9.797   1.00 44.06  ? 23   DG  B "C5'" 1 
ATOM   451  C  "C4'" . DG  B 1 11 ? -8.683  -8.404  9.816   1.00 49.20  ? 23   DG  B "C4'" 1 
ATOM   452  O  "O4'" . DG  B 1 11 ? -7.695  -7.415  10.232  1.00 56.10  ? 23   DG  B "O4'" 1 
ATOM   453  C  "C3'" . DG  B 1 11 ? -8.547  -9.593  10.767  1.00 51.73  ? 23   DG  B "C3'" 1 
ATOM   454  O  "O3'" . DG  B 1 11 ? -7.823  -10.568 10.040  1.00 42.38  ? 23   DG  B "O3'" 1 
ATOM   455  C  "C2'" . DG  B 1 11 ? -7.891  -9.007  12.022  1.00 42.62  ? 23   DG  B "C2'" 1 
ATOM   456  C  "C1'" . DG  B 1 11 ? -7.094  -7.797  11.479  1.00 50.43  ? 23   DG  B "C1'" 1 
ATOM   457  N  N9    . DG  B 1 11 ? -6.986  -6.589  12.297  1.00 39.03  ? 23   DG  B N9    1 
ATOM   458  C  C8    . DG  B 1 11 ? -7.800  -6.156  13.317  1.00 41.55  ? 23   DG  B C8    1 
ATOM   459  N  N7    . DG  B 1 11 ? -7.415  -4.993  13.832  1.00 34.47  ? 23   DG  B N7    1 
ATOM   460  C  C5    . DG  B 1 11 ? -6.293  -4.648  13.096  1.00 15.69  ? 23   DG  B C5    1 
ATOM   461  C  C6    . DG  B 1 11 ? -5.496  -3.514  13.164  1.00 18.50  ? 23   DG  B C6    1 
ATOM   462  O  O6    . DG  B 1 11 ? -5.627  -2.526  13.906  1.00 27.57  ? 23   DG  B O6    1 
ATOM   463  N  N1    . DG  B 1 11 ? -4.464  -3.542  12.227  1.00 22.62  ? 23   DG  B N1    1 
ATOM   464  C  C2    . DG  B 1 11 ? -4.258  -4.556  11.341  1.00 31.39  ? 23   DG  B C2    1 
ATOM   465  N  N2    . DG  B 1 11 ? -3.211  -4.402  10.563  1.00 15.20  ? 23   DG  B N2    1 
ATOM   466  N  N3    . DG  B 1 11 ? -5.013  -5.640  11.249  1.00 27.27  ? 23   DG  B N3    1 
ATOM   467  C  C4    . DG  B 1 11 ? -6.003  -5.623  12.152  1.00 34.26  ? 23   DG  B C4    1 
ATOM   468  P  P     . DC  B 1 12 ? -6.949  -11.654 10.805  1.00 77.17  ? 24   DC  B P     1 
ATOM   469  O  OP1   . DC  B 1 12 ? -6.453  -12.596 9.740   1.00 72.55  ? 24   DC  B OP1   1 
ATOM   470  O  OP2   . DC  B 1 12 ? -7.622  -12.164 12.062  1.00 63.78  ? 24   DC  B OP2   1 
ATOM   471  O  "O5'" . DC  B 1 12 ? -5.653  -10.830 11.163  1.00 62.27  ? 24   DC  B "O5'" 1 
ATOM   472  C  "C5'" . DC  B 1 12 ? -4.709  -10.538 10.137  1.00 57.82  ? 24   DC  B "C5'" 1 
ATOM   473  C  "C4'" . DC  B 1 12 ? -3.496  -9.894  10.752  1.00 52.47  ? 24   DC  B "C4'" 1 
ATOM   474  O  "O4'" . DC  B 1 12 ? -3.978  -8.796  11.536  1.00 49.62  ? 24   DC  B "O4'" 1 
ATOM   475  C  "C3'" . DC  B 1 12 ? -2.887  -10.854 11.760  1.00 51.60  ? 24   DC  B "C3'" 1 
ATOM   476  O  "O3'" . DC  B 1 12 ? -1.866  -11.627 11.144  1.00 50.98  ? 24   DC  B "O3'" 1 
ATOM   477  C  "C2'" . DC  B 1 12 ? -2.921  -10.107 13.087  1.00 44.35  ? 24   DC  B "C2'" 1 
ATOM   478  C  "C1'" . DC  B 1 12 ? -3.119  -8.692  12.617  1.00 41.50  ? 24   DC  B "C1'" 1 
ATOM   479  N  N1    . DC  B 1 12 ? -3.722  -7.795  13.589  1.00 31.59  ? 24   DC  B N1    1 
ATOM   480  C  C2    . DC  B 1 12 ? -3.053  -6.635  13.876  1.00 29.56  ? 24   DC  B C2    1 
ATOM   481  O  O2    . DC  B 1 12 ? -2.030  -6.376  13.211  1.00 34.23  ? 24   DC  B O2    1 
ATOM   482  N  N3    . DC  B 1 12 ? -3.517  -5.807  14.836  1.00 21.79  ? 24   DC  B N3    1 
ATOM   483  C  C4    . DC  B 1 12 ? -4.677  -6.081  15.440  1.00 29.04  ? 24   DC  B C4    1 
ATOM   484  N  N4    . DC  B 1 12 ? -5.157  -5.192  16.296  1.00 29.21  ? 24   DC  B N4    1 
ATOM   485  C  C5    . DC  B 1 12 ? -5.411  -7.258  15.154  1.00 33.00  ? 24   DC  B C5    1 
ATOM   486  C  C6    . DC  B 1 12 ? -4.891  -8.094  14.217  1.00 33.06  ? 24   DC  B C6    1 
ATOM   487  O  "O5'" . DG  C 1 1  ? 13.257  2.506   -7.577  1.00 69.91  ? 1    DG  C "O5'" 1 
ATOM   488  C  "C5'" . DG  C 1 1  ? 14.261  3.102   -6.762  1.00 53.01  ? 1    DG  C "C5'" 1 
ATOM   489  C  "C4'" . DG  C 1 1  ? 13.434  3.767   -5.692  1.00 45.03  ? 1    DG  C "C4'" 1 
ATOM   490  O  "O4'" . DG  C 1 1  ? 12.542  4.681   -6.370  1.00 48.22  ? 1    DG  C "O4'" 1 
ATOM   491  C  "C3'" . DG  C 1 1  ? 12.538  2.797   -4.909  1.00 50.93  ? 1    DG  C "C3'" 1 
ATOM   492  O  "O3'" . DG  C 1 1  ? 12.496  3.266   -3.527  1.00 47.95  ? 1    DG  C "O3'" 1 
ATOM   493  C  "C2'" . DG  C 1 1  ? 11.261  2.786   -5.742  1.00 37.34  ? 1    DG  C "C2'" 1 
ATOM   494  C  "C1'" . DG  C 1 1  ? 11.203  4.215   -6.311  1.00 40.24  ? 1    DG  C "C1'" 1 
ATOM   495  N  N9    . DG  C 1 1  ? 10.568  4.452   -7.625  1.00 31.47  ? 1    DG  C N9    1 
ATOM   496  C  C8    . DG  C 1 1  ? 10.846  3.813   -8.807  1.00 25.68  ? 1    DG  C C8    1 
ATOM   497  N  N7    . DG  C 1 1  ? 10.144  4.294   -9.824  1.00 30.53  ? 1    DG  C N7    1 
ATOM   498  C  C5    . DG  C 1 1  ? 9.361   5.292   -9.283  1.00 18.59  ? 1    DG  C C5    1 
ATOM   499  C  C6    . DG  C 1 1  ? 8.444   6.156   -9.912  1.00 28.20  ? 1    DG  C C6    1 
ATOM   500  O  O6    . DG  C 1 1  ? 8.152   6.224   -11.121 1.00 31.84  ? 1    DG  C O6    1 
ATOM   501  N  N1    . DG  C 1 1  ? 7.843   7.020   -8.997  1.00 20.02  ? 1    DG  C N1    1 
ATOM   502  C  C2    . DG  C 1 1  ? 8.103   7.013   -7.626  1.00 25.77  ? 1    DG  C C2    1 
ATOM   503  N  N2    . DG  C 1 1  ? 7.393   7.915   -6.866  1.00 19.50  ? 1    DG  C N2    1 
ATOM   504  N  N3    . DG  C 1 1  ? 8.964   6.210   -7.052  1.00 15.72  ? 1    DG  C N3    1 
ATOM   505  C  C4    . DG  C 1 1  ? 9.570   5.398   -7.924  1.00 21.43  ? 1    DG  C C4    1 
ATOM   506  P  P     . DC  C 1 2  ? 11.596  2.526   -2.391  1.00 65.60  ? 2    DC  C P     1 
ATOM   507  O  OP1   . DC  C 1 2  ? 12.330  2.870   -1.087  1.00 51.70  ? 2    DC  C OP1   1 
ATOM   508  O  OP2   . DC  C 1 2  ? 11.227  1.125   -2.677  1.00 47.98  ? 2    DC  C OP2   1 
ATOM   509  O  "O5'" . DC  C 1 2  ? 10.178  3.264   -2.543  1.00 52.99  ? 2    DC  C "O5'" 1 
ATOM   510  C  "C5'" . DC  C 1 2  ? 10.037  4.602   -2.185  1.00 47.44  ? 2    DC  C "C5'" 1 
ATOM   511  C  "C4'" . DC  C 1 2  ? 8.585   4.980   -2.149  1.00 43.52  ? 2    DC  C "C4'" 1 
ATOM   512  O  "O4'" . DC  C 1 2  ? 8.051   5.258   -3.463  1.00 40.85  ? 2    DC  C "O4'" 1 
ATOM   513  C  "C3'" . DC  C 1 2  ? 7.614   4.029   -1.470  1.00 38.90  ? 2    DC  C "C3'" 1 
ATOM   514  O  "O3'" . DC  C 1 2  ? 6.730   4.932   -0.849  1.00 45.72  ? 2    DC  C "O3'" 1 
ATOM   515  C  "C2'" . DC  C 1 2  ? 6.928   3.349   -2.633  1.00 35.41  ? 2    DC  C "C2'" 1 
ATOM   516  C  "C1'" . DC  C 1 2  ? 6.894   4.478   -3.686  1.00 32.87  ? 2    DC  C "C1'" 1 
ATOM   517  N  N1    . DC  C 1 2  ? 6.977   3.998   -5.071  1.00 18.19  ? 2    DC  C N1    1 
ATOM   518  C  C2    . DC  C 1 2  ? 6.195   4.588   -6.066  1.00 22.77  ? 2    DC  C C2    1 
ATOM   519  O  O2    . DC  C 1 2  ? 5.412   5.521   -5.757  1.00 32.54  ? 2    DC  C O2    1 
ATOM   520  N  N3    . DC  C 1 2  ? 6.280   4.145   -7.316  1.00 23.62  ? 2    DC  C N3    1 
ATOM   521  C  C4    . DC  C 1 2  ? 7.087   3.121   -7.591  1.00 29.42  ? 2    DC  C C4    1 
ATOM   522  N  N4    . DC  C 1 2  ? 7.106   2.639   -8.830  1.00 29.50  ? 2    DC  C N4    1 
ATOM   523  C  C5    . DC  C 1 2  ? 7.904   2.518   -6.608  1.00 28.52  ? 2    DC  C C5    1 
ATOM   524  C  C6    . DC  C 1 2  ? 7.816   2.988   -5.367  1.00 20.78  ? 2    DC  C C6    1 
ATOM   525  P  P     . DA  C 1 3  ? 5.716   4.424   0.263   1.00 37.02  ? 3    DA  C P     1 
ATOM   526  O  OP1   . DA  C 1 3  ? 5.967   5.309   1.416   1.00 47.51  ? 3    DA  C OP1   1 
ATOM   527  O  OP2   . DA  C 1 3  ? 5.822   2.990   0.367   1.00 40.75  ? 3    DA  C OP2   1 
ATOM   528  O  "O5'" . DA  C 1 3  ? 4.320   4.871   -0.365  1.00 39.79  ? 3    DA  C "O5'" 1 
ATOM   529  C  "C5'" . DA  C 1 3  ? 4.185   6.170   -0.934  1.00 26.29  ? 3    DA  C "C5'" 1 
ATOM   530  C  "C4'" . DA  C 1 3  ? 2.739   6.445   -1.268  1.00 33.33  ? 3    DA  C "C4'" 1 
ATOM   531  O  "O4'" . DA  C 1 3  ? 2.359   6.015   -2.603  1.00 24.72  ? 3    DA  C "O4'" 1 
ATOM   532  C  "C3'" . DA  C 1 3  ? 1.813   5.710   -0.338  1.00 21.46  ? 3    DA  C "C3'" 1 
ATOM   533  O  "O3'" . DA  C 1 3  ? 0.662   6.552   -0.145  1.00 37.48  ? 3    DA  C "O3'" 1 
ATOM   534  C  "C2'" . DA  C 1 3  ? 1.622   4.392   -1.066  1.00 14.30  ? 3    DA  C "C2'" 1 
ATOM   535  C  "C1'" . DA  C 1 3  ? 1.788   4.745   -2.558  1.00 24.02  ? 3    DA  C "C1'" 1 
ATOM   536  N  N9    . DA  C 1 3  ? 2.539   3.844   -3.496  1.00 33.53  ? 3    DA  C N9    1 
ATOM   537  C  C8    . DA  C 1 3  ? 3.491   2.935   -3.149  1.00 34.25  ? 3    DA  C C8    1 
ATOM   538  N  N7    . DA  C 1 3  ? 3.931   2.211   -4.148  1.00 29.22  ? 3    DA  C N7    1 
ATOM   539  C  C5    . DA  C 1 3  ? 3.238   2.686   -5.256  1.00 28.71  ? 3    DA  C C5    1 
ATOM   540  C  C6    . DA  C 1 3  ? 3.244   2.285   -6.660  1.00 23.36  ? 3    DA  C C6    1 
ATOM   541  N  N6    . DA  C 1 3  ? 4.047   1.340   -7.168  1.00 27.83  ? 3    DA  C N6    1 
ATOM   542  N  N1    . DA  C 1 3  ? 2.415   2.919   -7.511  1.00 16.97  ? 3    DA  C N1    1 
ATOM   543  C  C2    . DA  C 1 3  ? 1.659   3.903   -7.018  1.00 27.41  ? 3    DA  C C2    1 
ATOM   544  N  N3    . DA  C 1 3  ? 1.569   4.378   -5.733  1.00 24.82  ? 3    DA  C N3    1 
ATOM   545  C  C4    . DA  C 1 3  ? 2.391   3.703   -4.889  1.00 29.76  ? 3    DA  C C4    1 
ATOM   546  P  P     . DG  C 1 4  ? -0.624  5.976   0.587   1.00 31.32  ? 4    DG  C P     1 
ATOM   547  O  OP1   . DG  C 1 4  ? -1.546  7.056   0.977   1.00 52.02  ? 4    DG  C OP1   1 
ATOM   548  O  OP2   . DG  C 1 4  ? -0.218  4.911   1.558   1.00 42.25  ? 4    DG  C OP2   1 
ATOM   549  O  "O5'" . DG  C 1 4  ? -1.407  5.268   -0.593  1.00 26.09  ? 4    DG  C "O5'" 1 
ATOM   550  C  "C5'" . DG  C 1 4  ? -1.977  6.032   -1.639  1.00 18.16  ? 4    DG  C "C5'" 1 
ATOM   551  C  "C4'" . DG  C 1 4  ? -2.626  5.102   -2.645  1.00 19.79  ? 4    DG  C "C4'" 1 
ATOM   552  O  "O4'" . DG  C 1 4  ? -1.594  4.332   -3.270  1.00 17.56  ? 4    DG  C "O4'" 1 
ATOM   553  C  "C3'" . DG  C 1 4  ? -3.663  4.062   -2.188  1.00 15.53  ? 4    DG  C "C3'" 1 
ATOM   554  O  "O3'" . DG  C 1 4  ? -4.833  4.372   -2.924  1.00 32.48  ? 4    DG  C "O3'" 1 
ATOM   555  C  "C2'" . DG  C 1 4  ? -3.139  2.746   -2.744  1.00 10.79  ? 4    DG  C "C2'" 1 
ATOM   556  C  "C1'" . DG  C 1 4  ? -2.205  3.209   -3.788  1.00 14.74  ? 4    DG  C "C1'" 1 
ATOM   557  N  N9    . DG  C 1 4  ? -1.167  2.250   -3.987  1.00 30.91  ? 4    DG  C N9    1 
ATOM   558  C  C8    . DG  C 1 4  ? -0.519  1.611   -2.997  1.00 18.83  ? 4    DG  C C8    1 
ATOM   559  N  N7    . DG  C 1 4  ? 0.373   0.779   -3.414  1.00 19.90  ? 4    DG  C N7    1 
ATOM   560  C  C5    . DG  C 1 4  ? 0.313   0.887   -4.791  1.00 23.42  ? 4    DG  C C5    1 
ATOM   561  C  C6    . DG  C 1 4  ? 0.967   0.125   -5.761  1.00 27.03  ? 4    DG  C C6    1 
ATOM   562  O  O6    . DG  C 1 4  ? 1.875   -0.749  -5.596  1.00 13.64  ? 4    DG  C O6    1 
ATOM   563  N  N1    . DG  C 1 4  ? 0.472   0.409   -7.027  1.00 14.18  ? 4    DG  C N1    1 
ATOM   564  C  C2    . DG  C 1 4  ? -0.539  1.291   -7.319  1.00 36.75  ? 4    DG  C C2    1 
ATOM   565  N  N2    . DG  C 1 4  ? -0.948  1.291   -8.644  1.00 32.33  ? 4    DG  C N2    1 
ATOM   566  N  N3    . DG  C 1 4  ? -1.129  2.077   -6.396  1.00 27.54  ? 4    DG  C N3    1 
ATOM   567  C  C4    . DG  C 1 4  ? -0.653  1.798   -5.164  1.00 27.54  ? 4    DG  C C4    1 
ATOM   568  P  P     . DA  C 1 5  ? -6.286  3.917   -2.393  1.00 37.74  ? 5    DA  C P     1 
ATOM   569  O  OP1   . DA  C 1 5  ? -6.702  5.218   -1.847  1.00 32.14  ? 5    DA  C OP1   1 
ATOM   570  O  OP2   . DA  C 1 5  ? -6.274  2.711   -1.533  1.00 43.65  ? 5    DA  C OP2   1 
ATOM   571  O  "O5'" . DA  C 1 5  ? -6.932  3.525   -3.793  1.00 39.79  ? 5    DA  C "O5'" 1 
ATOM   572  C  "C5'" . DA  C 1 5  ? -6.568  4.298   -4.940  1.00 32.38  ? 5    DA  C "C5'" 1 
ATOM   573  C  "C4'" . DA  C 1 5  ? -6.777  3.509   -6.205  1.00 32.54  ? 5    DA  C "C4'" 1 
ATOM   574  O  "O4'" . DA  C 1 5  ? -5.602  2.740   -6.523  1.00 40.10  ? 5    DA  C "O4'" 1 
ATOM   575  C  "C3'" . DA  C 1 5  ? -7.975  2.559   -6.314  1.00 33.78  ? 5    DA  C "C3'" 1 
ATOM   576  O  "O3'" . DA  C 1 5  ? -8.527  2.735   -7.656  1.00 42.83  ? 5    DA  C "O3'" 1 
ATOM   577  C  "C2'" . DA  C 1 5  ? -7.344  1.192   -6.199  1.00 35.60  ? 5    DA  C "C2'" 1 
ATOM   578  C  "C1'" . DA  C 1 5  ? -5.930  1.382   -6.757  1.00 37.80  ? 5    DA  C "C1'" 1 
ATOM   579  N  N9    . DA  C 1 5  ? -4.903  0.572   -6.079  1.00 34.39  ? 5    DA  C N9    1 
ATOM   580  C  C8    . DA  C 1 5  ? -4.708  0.473   -4.721  1.00 22.85  ? 5    DA  C C8    1 
ATOM   581  N  N7    . DA  C 1 5  ? -3.745  -0.376  -4.386  1.00 31.19  ? 5    DA  C N7    1 
ATOM   582  C  C5    . DA  C 1 5  ? -3.255  -0.829  -5.600  1.00 21.51  ? 5    DA  C C5    1 
ATOM   583  C  C6    . DA  C 1 5  ? -2.182  -1.697  -5.946  1.00 22.54  ? 5    DA  C C6    1 
ATOM   584  N  N6    . DA  C 1 5  ? -1.372  -2.340  -5.047  1.00 20.54  ? 5    DA  C N6    1 
ATOM   585  N  N1    . DA  C 1 5  ? -1.963  -1.910  -7.280  1.00 17.99  ? 5    DA  C N1    1 
ATOM   586  C  C2    . DA  C 1 5  ? -2.733  -1.303  -8.150  1.00 21.39  ? 5    DA  C C2    1 
ATOM   587  N  N3    . DA  C 1 5  ? -3.744  -0.449  -7.951  1.00 35.47  ? 5    DA  C N3    1 
ATOM   588  C  C4    . DA  C 1 5  ? -3.961  -0.259  -6.652  1.00 30.48  ? 5    DA  C C4    1 
ATOM   589  P  P     . DC  C 1 6  ? -9.836  1.920   -8.155  1.00 50.07  ? 6    DC  C P     1 
ATOM   590  O  OP1   . DC  C 1 6  ? -10.291 2.765   -9.302  1.00 55.15  ? 6    DC  C OP1   1 
ATOM   591  O  OP2   . DC  C 1 6  ? -10.761 1.648   -7.039  1.00 52.43  ? 6    DC  C OP2   1 
ATOM   592  O  "O5'" . DC  C 1 6  ? -9.324  0.487   -8.647  1.00 33.16  ? 6    DC  C "O5'" 1 
ATOM   593  C  "C5'" . DC  C 1 6  ? -8.249  0.428   -9.543  1.00 34.91  ? 6    DC  C "C5'" 1 
ATOM   594  C  "C4'" . DC  C 1 6  ? -7.868  -1.002  -9.788  1.00 37.83  ? 6    DC  C "C4'" 1 
ATOM   595  O  "O4'" . DC  C 1 6  ? -6.773  -1.395  -8.898  1.00 37.76  ? 6    DC  C "O4'" 1 
ATOM   596  C  "C3'" . DC  C 1 6  ? -9.018  -2.000  -9.545  1.00 35.38  ? 6    DC  C "C3'" 1 
ATOM   597  O  "O3'" . DC  C 1 6  ? -8.846  -3.148  -10.413 1.00 49.37  ? 6    DC  C "O3'" 1 
ATOM   598  C  "C2'" . DC  C 1 6  ? -8.639  -2.559  -8.193  1.00 39.49  ? 6    DC  C "C2'" 1 
ATOM   599  C  "C1'" . DC  C 1 6  ? -7.120  -2.693  -8.418  1.00 39.48  ? 6    DC  C "C1'" 1 
ATOM   600  N  N1    . DC  C 1 6  ? -6.294  -3.038  -7.245  1.00 32.36  ? 6    DC  C N1    1 
ATOM   601  C  C2    . DC  C 1 6  ? -5.133  -3.897  -7.397  1.00 35.84  ? 6    DC  C C2    1 
ATOM   602  O  O2    . DC  C 1 6  ? -4.815  -4.342  -8.547  1.00 37.08  ? 6    DC  C O2    1 
ATOM   603  N  N3    . DC  C 1 6  ? -4.395  -4.214  -6.282  1.00 21.70  ? 6    DC  C N3    1 
ATOM   604  C  C4    . DC  C 1 6  ? -4.777  -3.720  -5.069  1.00 29.75  ? 6    DC  C C4    1 
ATOM   605  N  N4    . DC  C 1 6  ? -4.066  -4.036  -3.980  1.00 20.86  ? 6    DC  C N4    1 
ATOM   606  C  C5    . DC  C 1 6  ? -5.930  -2.871  -4.924  1.00 28.55  ? 6    DC  C C5    1 
ATOM   607  C  C6    . DC  C 1 6  ? -6.636  -2.562  -6.023  1.00 19.71  ? 6    DC  C C6    1 
ATOM   608  P  P     . DG  C 1 7  ? -9.993  -3.605  -11.454 1.00 55.86  ? 7    DG  C P     1 
ATOM   609  O  OP1   . DG  C 1 7  ? -10.241 -2.519  -12.439 1.00 52.78  ? 7    DG  C OP1   1 
ATOM   610  O  OP2   . DG  C 1 7  ? -11.123 -4.196  -10.706 1.00 63.56  ? 7    DG  C OP2   1 
ATOM   611  O  "O5'" . DG  C 1 7  ? -9.273  -4.804  -12.241 1.00 55.36  ? 7    DG  C "O5'" 1 
ATOM   612  C  "C5'" . DG  C 1 7  ? -7.936  -4.660  -12.761 1.00 49.07  ? 7    DG  C "C5'" 1 
ATOM   613  C  "C4'" . DG  C 1 7  ? -7.167  -5.948  -12.608 1.00 45.13  ? 7    DG  C "C4'" 1 
ATOM   614  O  "O4'" . DG  C 1 7  ? -6.439  -5.949  -11.351 1.00 49.41  ? 7    DG  C "O4'" 1 
ATOM   615  C  "C3'" . DG  C 1 7  ? -8.036  -7.208  -12.606 1.00 49.72  ? 7    DG  C "C3'" 1 
ATOM   616  O  "O3'" . DG  C 1 7  ? -7.597  -8.136  -13.601 1.00 59.86  ? 7    DG  C "O3'" 1 
ATOM   617  C  "C2'" . DG  C 1 7  ? -7.775  -7.872  -11.262 1.00 47.59  ? 7    DG  C "C2'" 1 
ATOM   618  C  "C1'" . DG  C 1 7  ? -6.476  -7.252  -10.733 1.00 39.89  ? 7    DG  C "C1'" 1 
ATOM   619  N  N9    . DG  C 1 7  ? -6.537  -7.077  -9.264  1.00 34.45  ? 7    DG  C N9    1 
ATOM   620  C  C8    . DG  C 1 7  ? -7.384  -6.218  -8.615  1.00 28.48  ? 7    DG  C C8    1 
ATOM   621  N  N7    . DG  C 1 7  ? -7.286  -6.299  -7.319  1.00 35.06  ? 7    DG  C N7    1 
ATOM   622  C  C5    . DG  C 1 7  ? -6.319  -7.276  -7.090  1.00 31.54  ? 7    DG  C C5    1 
ATOM   623  C  C6    . DG  C 1 7  ? -5.725  -7.762  -5.828  1.00 29.16  ? 7    DG  C C6    1 
ATOM   624  O  O6    . DG  C 1 7  ? -6.030  -7.475  -4.726  1.00 28.63  ? 7    DG  C O6    1 
ATOM   625  N  N1    . DG  C 1 7  ? -4.684  -8.657  -6.026  1.00 20.80  ? 7    DG  C N1    1 
ATOM   626  C  C2    . DG  C 1 7  ? -4.229  -9.005  -7.267  1.00 27.49  ? 7    DG  C C2    1 
ATOM   627  N  N2    . DG  C 1 7  ? -3.174  -9.847  -7.305  1.00 39.32  ? 7    DG  C N2    1 
ATOM   628  N  N3    . DG  C 1 7  ? -4.761  -8.567  -8.427  1.00 27.86  ? 7    DG  C N3    1 
ATOM   629  C  C4    . DG  C 1 7  ? -5.815  -7.739  -8.261  1.00 19.84  ? 7    DG  C C4    1 
ATOM   630  P  P     . DT  C 1 8  ? -8.329  -9.546  -13.724 1.00 98.29  ? 8    DT  C P     1 
ATOM   631  O  OP1   . DT  C 1 8  ? -8.350  -9.894  -15.158 1.00 106.96 ? 8    DT  C OP1   1 
ATOM   632  O  OP2   . DT  C 1 8  ? -9.607  -9.471  -12.980 1.00 104.70 ? 8    DT  C OP2   1 
ATOM   633  O  "O5'" . DT  C 1 8  ? -7.340  -10.520 -12.956 1.00 62.26  ? 8    DT  C "O5'" 1 
ATOM   634  C  "C5'" . DT  C 1 8  ? -5.987  -10.603 -13.348 1.00 60.68  ? 8    DT  C "C5'" 1 
ATOM   635  C  "C4'" . DT  C 1 8  ? -5.262  -11.572 -12.452 1.00 61.80  ? 8    DT  C "C4'" 1 
ATOM   636  O  "O4'" . DT  C 1 8  ? -5.426  -11.150 -11.070 1.00 60.95  ? 8    DT  C "O4'" 1 
ATOM   637  C  "C3'" . DT  C 1 8  ? -5.843  -12.984 -12.522 1.00 62.46  ? 8    DT  C "C3'" 1 
ATOM   638  O  "O3'" . DT  C 1 8  ? -4.788  -13.935 -12.424 1.00 64.60  ? 8    DT  C "O3'" 1 
ATOM   639  C  "C2'" . DT  C 1 8  ? -6.721  -13.071 -11.282 1.00 60.98  ? 8    DT  C "C2'" 1 
ATOM   640  C  "C1'" . DT  C 1 8  ? -5.876  -12.272 -10.299 1.00 57.79  ? 8    DT  C "C1'" 1 
ATOM   641  N  N1    . DT  C 1 8  ? -6.524  -11.757 -9.054  1.00 41.68  ? 8    DT  C N1    1 
ATOM   642  C  C2    . DT  C 1 8  ? -6.018  -12.138 -7.809  1.00 38.00  ? 8    DT  C C2    1 
ATOM   643  O  O2    . DT  C 1 8  ? -5.143  -13.023 -7.649  1.00 40.69  ? 8    DT  C O2    1 
ATOM   644  N  N3    . DT  C 1 8  ? -6.578  -11.466 -6.757  1.00 26.77  ? 8    DT  C N3    1 
ATOM   645  C  C4    . DT  C 1 8  ? -7.570  -10.506 -6.820  1.00 35.15  ? 8    DT  C C4    1 
ATOM   646  O  O4    . DT  C 1 8  ? -7.946  -9.961  -5.805  1.00 39.90  ? 8    DT  C O4    1 
ATOM   647  C  C5    . DT  C 1 8  ? -8.094  -10.211 -8.119  1.00 35.18  ? 8    DT  C C5    1 
ATOM   648  C  C7    . DT  C 1 8  ? -9.187  -9.183  -8.264  1.00 35.23  ? 8    DT  C C7    1 
ATOM   649  C  C6    . DT  C 1 8  ? -7.569  -10.864 -9.155  1.00 44.45  ? 8    DT  C C6    1 
ATOM   650  P  P     . DC  C 1 9  ? -5.153  -15.445 -12.080 1.00 65.78  ? 9    DC  C P     1 
ATOM   651  O  OP1   . DC  C 1 9  ? -4.111  -16.446 -12.460 1.00 69.05  ? 9    DC  C OP1   1 
ATOM   652  O  OP2   . DC  C 1 9  ? -6.522  -15.529 -12.644 1.00 71.77  ? 9    DC  C OP2   1 
ATOM   653  O  "O5'" . DC  C 1 9  ? -5.125  -15.480 -10.497 1.00 69.08  ? 9    DC  C "O5'" 1 
ATOM   654  C  "C5'" . DC  C 1 9  ? -3.864  -15.463 -9.867  1.00 74.58  ? 9    DC  C "C5'" 1 
ATOM   655  C  "C4'" . DC  C 1 9  ? -3.856  -16.348 -8.648  1.00 71.90  ? 9    DC  C "C4'" 1 
ATOM   656  O  "O4'" . DC  C 1 9  ? -4.569  -15.664 -7.594  1.00 66.71  ? 9    DC  C "O4'" 1 
ATOM   657  C  "C3'" . DC  C 1 9  ? -4.527  -17.709 -8.800  1.00 72.31  ? 9    DC  C "C3'" 1 
ATOM   658  O  "O3'" . DC  C 1 9  ? -3.822  -18.634 -7.971  1.00 72.89  ? 9    DC  C "O3'" 1 
ATOM   659  C  "C2'" . DC  C 1 9  ? -5.917  -17.453 -8.255  1.00 69.79  ? 9    DC  C "C2'" 1 
ATOM   660  C  "C1'" . DC  C 1 9  ? -5.608  -16.490 -7.112  1.00 63.56  ? 9    DC  C "C1'" 1 
ATOM   661  N  N1    . DC  C 1 9  ? -6.705  -15.599 -6.732  1.00 44.10  ? 9    DC  C N1    1 
ATOM   662  C  C2    . DC  C 1 9  ? -6.877  -15.282 -5.393  1.00 41.24  ? 9    DC  C C2    1 
ATOM   663  O  O2    . DC  C 1 9  ? -6.089  -15.803 -4.535  1.00 47.69  ? 9    DC  C O2    1 
ATOM   664  N  N3    . DC  C 1 9  ? -7.874  -14.422 -5.044  1.00 34.38  ? 9    DC  C N3    1 
ATOM   665  C  C4    . DC  C 1 9  ? -8.644  -13.891 -5.988  1.00 35.08  ? 9    DC  C C4    1 
ATOM   666  N  N4    . DC  C 1 9  ? -9.567  -13.001 -5.639  1.00 48.74  ? 9    DC  C N4    1 
ATOM   667  C  C5    . DC  C 1 9  ? -8.499  -14.223 -7.347  1.00 39.06  ? 9    DC  C C5    1 
ATOM   668  C  C6    . DC  C 1 9  ? -7.530  -15.077 -7.673  1.00 47.15  ? 9    DC  C C6    1 
ATOM   669  P  P     . DT  C 1 10 ? -4.263  -20.186 -7.926  1.00 78.71  ? 10   DT  C P     1 
ATOM   670  O  OP1   . DT  C 1 10 ? -3.071  -21.073 -8.184  1.00 71.78  ? 10   DT  C OP1   1 
ATOM   671  O  OP2   . DT  C 1 10 ? -5.528  -20.376 -8.709  1.00 71.41  ? 10   DT  C OP2   1 
ATOM   672  O  "O5'" . DT  C 1 10 ? -4.556  -20.376 -6.372  1.00 95.31  ? 10   DT  C "O5'" 1 
ATOM   673  C  "C5'" . DT  C 1 10 ? -3.536  -20.027 -5.424  1.00 95.71  ? 10   DT  C "C5'" 1 
ATOM   674  C  "C4'" . DT  C 1 10 ? -3.946  -20.387 -4.017  1.00 88.35  ? 10   DT  C "C4'" 1 
ATOM   675  O  "O4'" . DT  C 1 10 ? -4.925  -19.461 -3.522  1.00 80.19  ? 10   DT  C "O4'" 1 
ATOM   676  C  "C3'" . DT  C 1 10 ? -4.568  -21.762 -3.886  1.00 86.40  ? 10   DT  C "C3'" 1 
ATOM   677  O  "O3'" . DT  C 1 10 ? -4.193  -22.320 -2.647  1.00 90.86  ? 10   DT  C "O3'" 1 
ATOM   678  C  "C2'" . DT  C 1 10 ? -6.052  -21.480 -3.920  1.00 81.81  ? 10   DT  C "C2'" 1 
ATOM   679  C  "C1'" . DT  C 1 10 ? -6.130  -20.130 -3.253  1.00 74.44  ? 10   DT  C "C1'" 1 
ATOM   680  N  N1    . DT  C 1 10 ? -7.184  -19.294 -3.780  1.00 52.47  ? 10   DT  C N1    1 
ATOM   681  C  C2    . DT  C 1 10 ? -7.846  -18.486 -2.889  1.00 50.20  ? 10   DT  C C2    1 
ATOM   682  O  O2    . DT  C 1 10 ? -7.642  -18.529 -1.673  1.00 56.71  ? 10   DT  C O2    1 
ATOM   683  N  N3    . DT  C 1 10 ? -8.771  -17.655 -3.461  1.00 29.81  ? 10   DT  C N3    1 
ATOM   684  C  C4    . DT  C 1 10 ? -9.129  -17.614 -4.787  1.00 33.65  ? 10   DT  C C4    1 
ATOM   685  O  O4    . DT  C 1 10 ? -10.008 -16.805 -5.181  1.00 33.60  ? 10   DT  C O4    1 
ATOM   686  C  C5    . DT  C 1 10 ? -8.450  -18.536 -5.635  1.00 35.55  ? 10   DT  C C5    1 
ATOM   687  C  C7    . DT  C 1 10 ? -8.863  -18.619 -7.064  1.00 45.74  ? 10   DT  C C7    1 
ATOM   688  C  C6    . DT  C 1 10 ? -7.501  -19.301 -5.113  1.00 44.54  ? 10   DT  C C6    1 
ATOM   689  P  P     . DG  C 1 11 ? -4.890  -23.667 -2.180  1.00 88.63  ? 11   DG  C P     1 
ATOM   690  O  OP1   . DG  C 1 11 ? -3.855  -24.620 -1.721  1.00 95.81  ? 11   DG  C OP1   1 
ATOM   691  O  OP2   . DG  C 1 11 ? -5.814  -24.045 -3.274  1.00 90.07  ? 11   DG  C OP2   1 
ATOM   692  O  "O5'" . DG  C 1 11 ? -5.707  -23.185 -0.920  1.00 88.98  ? 11   DG  C "O5'" 1 
ATOM   693  C  "C5'" . DG  C 1 11 ? -5.105  -22.283 -0.007  1.00 82.98  ? 11   DG  C "C5'" 1 
ATOM   694  C  "C4'" . DG  C 1 11 ? -6.049  -22.004 1.133   1.00 72.12  ? 11   DG  C "C4'" 1 
ATOM   695  O  "O4'" . DG  C 1 11 ? -7.112  -21.134 0.700   1.00 66.20  ? 11   DG  C "O4'" 1 
ATOM   696  C  "C3'" . DG  C 1 11 ? -6.720  -23.239 1.705   1.00 70.41  ? 11   DG  C "C3'" 1 
ATOM   697  O  "O3'" . DG  C 1 11 ? -6.793  -23.041 3.112   1.00 79.72  ? 11   DG  C "O3'" 1 
ATOM   698  C  "C2'" . DG  C 1 11 ? -8.073  -23.255 1.024   1.00 53.67  ? 11   DG  C "C2'" 1 
ATOM   699  C  "C1'" . DG  C 1 11 ? -8.354  -21.780 0.765   1.00 50.98  ? 11   DG  C "C1'" 1 
ATOM   700  N  N9    . DG  C 1 11 ? -9.003  -21.498 -0.493  1.00 30.44  ? 11   DG  C N9    1 
ATOM   701  C  C8    . DG  C 1 11 ? -8.772  -22.148 -1.685  1.00 34.51  ? 11   DG  C C8    1 
ATOM   702  N  N7    . DG  C 1 11 ? -9.465  -21.647 -2.679  1.00 35.25  ? 11   DG  C N7    1 
ATOM   703  C  C5    . DG  C 1 11 ? -10.190 -20.617 -2.099  1.00 27.43  ? 11   DG  C C5    1 
ATOM   704  C  C6    . DG  C 1 11 ? -11.087 -19.738 -2.672  1.00 30.50  ? 11   DG  C C6    1 
ATOM   705  O  O6    . DG  C 1 11 ? -11.402 -19.649 -3.855  1.00 33.84  ? 11   DG  C O6    1 
ATOM   706  N  N1    . DG  C 1 11 ? -11.648 -18.870 -1.728  1.00 23.45  ? 11   DG  C N1    1 
ATOM   707  C  C2    . DG  C 1 11 ? -11.331 -18.863 -0.394  1.00 33.80  ? 11   DG  C C2    1 
ATOM   708  N  N2    . DG  C 1 11 ? -11.971 -17.960 0.378   1.00 30.61  ? 11   DG  C N2    1 
ATOM   709  N  N3    . DG  C 1 11 ? -10.449 -19.691 0.147   1.00 35.29  ? 11   DG  C N3    1 
ATOM   710  C  C4    . DG  C 1 11 ? -9.926  -20.533 -0.750  1.00 28.48  ? 11   DG  C C4    1 
ATOM   711  P  P     . DC  C 1 12 ? -7.341  -24.203 4.049   1.00 71.43  ? 12   DC  C P     1 
ATOM   712  O  OP1   . DC  C 1 12 ? -6.663  -24.051 5.351   1.00 80.55  ? 12   DC  C OP1   1 
ATOM   713  O  OP2   . DC  C 1 12 ? -7.219  -25.484 3.287   1.00 72.49  ? 12   DC  C OP2   1 
ATOM   714  O  "O5'" . DC  C 1 12 ? -8.836  -23.719 4.253   1.00 51.69  ? 12   DC  C "O5'" 1 
ATOM   715  C  "C5'" . DC  C 1 12 ? -9.087  -22.444 4.830   1.00 55.06  ? 12   DC  C "C5'" 1 
ATOM   716  C  "C4'" . DC  C 1 12 ? -10.542 -22.073 4.678   1.00 54.08  ? 12   DC  C "C4'" 1 
ATOM   717  O  "O4'" . DC  C 1 12 ? -10.832 -21.680 3.319   1.00 54.99  ? 12   DC  C "O4'" 1 
ATOM   718  C  "C3'" . DC  C 1 12 ? -11.500 -23.216 5.010   1.00 58.93  ? 12   DC  C "C3'" 1 
ATOM   719  O  "O3'" . DC  C 1 12 ? -12.278 -22.883 6.187   1.00 72.01  ? 12   DC  C "O3'" 1 
ATOM   720  C  "C2'" . DC  C 1 12 ? -12.306 -23.407 3.738   1.00 52.92  ? 12   DC  C "C2'" 1 
ATOM   721  C  "C1'" . DC  C 1 12 ? -12.143 -22.084 3.009   1.00 44.59  ? 12   DC  C "C1'" 1 
ATOM   722  N  N1    . DC  C 1 12 ? -12.236 -22.249 1.555   1.00 41.94  ? 12   DC  C N1    1 
ATOM   723  C  C2    . DC  C 1 12 ? -13.123 -21.454 0.807   1.00 33.50  ? 12   DC  C C2    1 
ATOM   724  O  O2    . DC  C 1 12 ? -13.785 -20.590 1.370   1.00 31.81  ? 12   DC  C O2    1 
ATOM   725  N  N3    . DC  C 1 12 ? -13.243 -21.672 -0.516  1.00 35.17  ? 12   DC  C N3    1 
ATOM   726  C  C4    . DC  C 1 12 ? -12.547 -22.672 -1.083  1.00 36.24  ? 12   DC  C C4    1 
ATOM   727  N  N4    . DC  C 1 12 ? -12.734 -22.908 -2.358  1.00 40.78  ? 12   DC  C N4    1 
ATOM   728  C  C5    . DC  C 1 12 ? -11.638 -23.474 -0.358  1.00 37.08  ? 12   DC  C C5    1 
ATOM   729  C  C6    . DC  C 1 12 ? -11.490 -23.214 0.942   1.00 39.66  ? 12   DC  C C6    1 
ATOM   730  O  "O5'" . DG  D 1 1  ? -20.337 -18.853 -6.201  1.00 55.40  ? 13   DG  D "O5'" 1 
ATOM   731  C  "C5'" . DG  D 1 1  ? -21.007 -17.586 -6.100  1.00 65.24  ? 13   DG  D "C5'" 1 
ATOM   732  C  "C4'" . DG  D 1 1  ? -20.849 -17.001 -4.717  1.00 69.00  ? 13   DG  D "C4'" 1 
ATOM   733  O  "O4'" . DG  D 1 1  ? -19.962 -17.854 -3.943  1.00 70.00  ? 13   DG  D "O4'" 1 
ATOM   734  C  "C3'" . DG  D 1 1  ? -20.187 -15.637 -4.711  1.00 70.97  ? 13   DG  D "C3'" 1 
ATOM   735  O  "O3'" . DG  D 1 1  ? -20.668 -14.952 -3.556  1.00 79.80  ? 13   DG  D "O3'" 1 
ATOM   736  C  "C2'" . DG  D 1 1  ? -18.710 -16.003 -4.643  1.00 63.97  ? 13   DG  D "C2'" 1 
ATOM   737  C  "C1'" . DG  D 1 1  ? -18.709 -17.232 -3.731  1.00 54.97  ? 13   DG  D "C1'" 1 
ATOM   738  N  N9    . DG  D 1 1  ? -17.681 -18.257 -3.940  1.00 49.79  ? 13   DG  D N9    1 
ATOM   739  C  C8    . DG  D 1 1  ? -17.346 -18.860 -5.123  1.00 44.13  ? 13   DG  D C8    1 
ATOM   740  N  N7    . DG  D 1 1  ? -16.445 -19.810 -4.985  1.00 45.43  ? 13   DG  D N7    1 
ATOM   741  C  C5    . DG  D 1 1  ? -16.135 -19.817 -3.630  1.00 40.51  ? 13   DG  D C5    1 
ATOM   742  C  C6    . DG  D 1 1  ? -15.220 -20.628 -2.892  1.00 41.39  ? 13   DG  D C6    1 
ATOM   743  O  O6    . DG  D 1 1  ? -14.490 -21.547 -3.298  1.00 41.69  ? 13   DG  D O6    1 
ATOM   744  N  N1    . DG  D 1 1  ? -15.200 -20.293 -1.554  1.00 46.08  ? 13   DG  D N1    1 
ATOM   745  C  C2    . DG  D 1 1  ? -15.963 -19.310 -0.985  1.00 48.57  ? 13   DG  D C2    1 
ATOM   746  N  N2    . DG  D 1 1  ? -15.770 -19.113 0.338   1.00 53.19  ? 13   DG  D N2    1 
ATOM   747  N  N3    . DG  D 1 1  ? -16.835 -18.563 -1.644  1.00 41.51  ? 13   DG  D N3    1 
ATOM   748  C  C4    . DG  D 1 1  ? -16.867 -18.864 -2.959  1.00 48.88  ? 13   DG  D C4    1 
ATOM   749  P  P     . DC  D 1 2  ? -20.238 -13.433 -3.287  1.00 107.16 ? 14   DC  D P     1 
ATOM   750  O  OP1   . DC  D 1 2  ? -21.256 -12.770 -2.435  1.00 106.54 ? 14   DC  D OP1   1 
ATOM   751  O  OP2   . DC  D 1 2  ? -19.886 -12.840 -4.604  1.00 116.04 ? 14   DC  D OP2   1 
ATOM   752  O  "O5'" . DC  D 1 2  ? -18.943 -13.593 -2.380  1.00 82.99  ? 14   DC  D "O5'" 1 
ATOM   753  C  "C5'" . DC  D 1 2  ? -19.060 -14.094 -1.057  1.00 86.53  ? 14   DC  D "C5'" 1 
ATOM   754  C  "C4'" . DC  D 1 2  ? -17.710 -14.118 -0.383  1.00 90.28  ? 14   DC  D "C4'" 1 
ATOM   755  O  "O4'" . DC  D 1 2  ? -16.928 -15.277 -0.786  1.00 88.85  ? 14   DC  D "O4'" 1 
ATOM   756  C  "C3'" . DC  D 1 2  ? -16.854 -12.895 -0.716  1.00 93.41  ? 14   DC  D "C3'" 1 
ATOM   757  O  "O3'" . DC  D 1 2  ? -16.205 -12.446 0.473   1.00 91.52  ? 14   DC  D "O3'" 1 
ATOM   758  C  "C2'" . DC  D 1 2  ? -15.827 -13.455 -1.682  1.00 90.14  ? 14   DC  D "C2'" 1 
ATOM   759  C  "C1'" . DC  D 1 2  ? -15.609 -14.831 -1.065  1.00 82.22  ? 14   DC  D "C1'" 1 
ATOM   760  N  N1    . DC  D 1 2  ? -14.936 -15.805 -1.958  1.00 49.48  ? 14   DC  D N1    1 
ATOM   761  C  C2    . DC  D 1 2  ? -13.933 -16.690 -1.451  1.00 39.16  ? 14   DC  D C2    1 
ATOM   762  O  O2    . DC  D 1 2  ? -13.634 -16.671 -0.240  1.00 28.82  ? 14   DC  D O2    1 
ATOM   763  N  N3    . DC  D 1 2  ? -13.326 -17.530 -2.309  1.00 35.82  ? 14   DC  D N3    1 
ATOM   764  C  C4    . DC  D 1 2  ? -13.668 -17.526 -3.602  1.00 38.64  ? 14   DC  D C4    1 
ATOM   765  N  N4    . DC  D 1 2  ? -13.063 -18.377 -4.428  1.00 35.67  ? 14   DC  D N4    1 
ATOM   766  C  C5    . DC  D 1 2  ? -14.649 -16.659 -4.119  1.00 45.39  ? 14   DC  D C5    1 
ATOM   767  C  C6    . DC  D 1 2  ? -15.258 -15.830 -3.272  1.00 48.17  ? 14   DC  D C6    1 
ATOM   768  P  P     . DA  D 1 3  ? -16.582 -11.022 1.090   1.00 103.43 ? 15   DA  D P     1 
ATOM   769  O  OP1   . DA  D 1 3  ? -17.990 -11.058 1.541   1.00 102.10 ? 15   DA  D OP1   1 
ATOM   770  O  OP2   . DA  D 1 3  ? -16.158 -9.995  0.109   1.00 109.01 ? 15   DA  D OP2   1 
ATOM   771  O  "O5'" . DA  D 1 3  ? -15.663 -10.931 2.387   1.00 76.49  ? 15   DA  D "O5'" 1 
ATOM   772  C  "C5'" . DA  D 1 3  ? -15.571 -12.029 3.275   1.00 58.33  ? 15   DA  D "C5'" 1 
ATOM   773  C  "C4'" . DA  D 1 3  ? -14.127 -12.333 3.577   1.00 50.35  ? 15   DA  D "C4'" 1 
ATOM   774  O  "O4'" . DA  D 1 3  ? -13.527 -13.171 2.561   1.00 55.08  ? 15   DA  D "O4'" 1 
ATOM   775  C  "C3'" . DA  D 1 3  ? -13.224 -11.115 3.719   1.00 51.88  ? 15   DA  D "C3'" 1 
ATOM   776  O  "O3'" . DA  D 1 3  ? -12.353 -11.377 4.822   1.00 61.60  ? 15   DA  D "O3'" 1 
ATOM   777  C  "C2'" . DA  D 1 3  ? -12.444 -11.090 2.411   1.00 57.36  ? 15   DA  D "C2'" 1 
ATOM   778  C  "C1'" . DA  D 1 3  ? -12.358 -12.569 2.026   1.00 53.09  ? 15   DA  D "C1'" 1 
ATOM   779  N  N9    . DA  D 1 3  ? -12.372 -12.798 0.580   1.00 47.16  ? 15   DA  D N9    1 
ATOM   780  C  C8    . DA  D 1 3  ? -13.057 -12.043 -0.340  1.00 36.86  ? 15   DA  D C8    1 
ATOM   781  N  N7    . DA  D 1 3  ? -12.915 -12.477 -1.573  1.00 41.31  ? 15   DA  D N7    1 
ATOM   782  C  C5    . DA  D 1 3  ? -12.094 -13.590 -1.454  1.00 28.68  ? 15   DA  D C5    1 
ATOM   783  C  C6    . DA  D 1 3  ? -11.553 -14.453 -2.403  1.00 31.69  ? 15   DA  D C6    1 
ATOM   784  N  N6    . DA  D 1 3  ? -11.863 -14.406 -3.683  1.00 38.62  ? 15   DA  D N6    1 
ATOM   785  N  N1    . DA  D 1 3  ? -10.675 -15.393 -1.992  1.00 36.93  ? 15   DA  D N1    1 
ATOM   786  C  C2    . DA  D 1 3  ? -10.379 -15.451 -0.705  1.00 26.60  ? 15   DA  D C2    1 
ATOM   787  N  N3    . DA  D 1 3  ? -10.860 -14.714 0.298   1.00 41.54  ? 15   DA  D N3    1 
ATOM   788  C  C4    . DA  D 1 3  ? -11.731 -13.791 -0.147  1.00 35.57  ? 15   DA  D C4    1 
ATOM   789  P  P     . DG  D 1 4  ? -11.288 -10.282 5.261   1.00 69.54  ? 16   DG  D P     1 
ATOM   790  O  OP1   . DG  D 1 4  ? -11.261 -10.319 6.766   1.00 66.75  ? 16   DG  D OP1   1 
ATOM   791  O  OP2   . DG  D 1 4  ? -11.621 -9.021  4.553   1.00 67.71  ? 16   DG  D OP2   1 
ATOM   792  O  "O5'" . DG  D 1 4  ? -9.942  -10.875 4.677   1.00 60.25  ? 16   DG  D "O5'" 1 
ATOM   793  C  "C5'" . DG  D 1 4  ? -9.333  -11.986 5.328   1.00 66.90  ? 16   DG  D "C5'" 1 
ATOM   794  C  "C4'" . DG  D 1 4  ? -8.049  -12.374 4.630   1.00 64.85  ? 16   DG  D "C4'" 1 
ATOM   795  O  "O4'" . DG  D 1 4  ? -8.341  -12.658 3.242   1.00 67.25  ? 16   DG  D "O4'" 1 
ATOM   796  C  "C3'" . DG  D 1 4  ? -6.883  -11.380 4.629   1.00 59.52  ? 16   DG  D "C3'" 1 
ATOM   797  O  "O3'" . DG  D 1 4  ? -5.706  -12.154 4.935   1.00 56.85  ? 16   DG  D "O3'" 1 
ATOM   798  C  "C2'" . DG  D 1 4  ? -6.923  -10.808 3.217   1.00 49.04  ? 16   DG  D "C2'" 1 
ATOM   799  C  "C1'" . DG  D 1 4  ? -7.442  -11.988 2.393   1.00 51.94  ? 16   DG  D "C1'" 1 
ATOM   800  N  N9    . DG  D 1 4  ? -8.175  -11.751 1.153   1.00 49.85  ? 16   DG  D N9    1 
ATOM   801  C  C8    . DG  D 1 4  ? -9.252  -10.918 0.976   1.00 54.08  ? 16   DG  D C8    1 
ATOM   802  N  N7    . DG  D 1 4  ? -9.747  -10.963 -0.236  1.00 49.53  ? 16   DG  D N7    1 
ATOM   803  C  C5    . DG  D 1 4  ? -8.931  -11.868 -0.912  1.00 51.23  ? 16   DG  D C5    1 
ATOM   804  C  C6    . DG  D 1 4  ? -9.003  -12.371 -2.286  1.00 50.31  ? 16   DG  D C6    1 
ATOM   805  O  O6    . DG  D 1 4  ? -9.744  -12.000 -3.226  1.00 40.83  ? 16   DG  D O6    1 
ATOM   806  N  N1    . DG  D 1 4  ? -8.073  -13.376 -2.509  1.00 42.75  ? 16   DG  D N1    1 
ATOM   807  C  C2    . DG  D 1 4  ? -7.159  -13.823 -1.574  1.00 57.60  ? 16   DG  D C2    1 
ATOM   808  N  N2    . DG  D 1 4  ? -6.352  -14.806 -2.002  1.00 58.97  ? 16   DG  D N2    1 
ATOM   809  N  N3    . DG  D 1 4  ? -7.047  -13.343 -0.317  1.00 55.03  ? 16   DG  D N3    1 
ATOM   810  C  C4    . DG  D 1 4  ? -7.962  -12.376 -0.061  1.00 50.63  ? 16   DG  D C4    1 
ATOM   811  P  P     . DA  D 1 5  ? -4.250  -11.567 4.652   1.00 69.85  ? 17   DA  D P     1 
ATOM   812  O  OP1   . DA  D 1 5  ? -3.273  -12.158 5.604   1.00 63.71  ? 17   DA  D OP1   1 
ATOM   813  O  OP2   . DA  D 1 5  ? -4.379  -10.100 4.517   1.00 72.06  ? 17   DA  D OP2   1 
ATOM   814  O  "O5'" . DA  D 1 5  ? -3.894  -12.147 3.227   1.00 74.92  ? 17   DA  D "O5'" 1 
ATOM   815  C  "C5'" . DA  D 1 5  ? -4.009  -13.533 2.982   1.00 76.74  ? 17   DA  D "C5'" 1 
ATOM   816  C  "C4'" . DA  D 1 5  ? -3.131  -13.892 1.818   1.00 72.87  ? 17   DA  D "C4'" 1 
ATOM   817  O  "O4'" . DA  D 1 5  ? -3.836  -13.561 0.606   1.00 73.68  ? 17   DA  D "O4'" 1 
ATOM   818  C  "C3'" . DA  D 1 5  ? -1.873  -13.044 1.811   1.00 71.20  ? 17   DA  D "C3'" 1 
ATOM   819  O  "O3'" . DA  D 1 5  ? -0.767  -13.849 1.433   1.00 72.06  ? 17   DA  D "O3'" 1 
ATOM   820  C  "C2'" . DA  D 1 5  ? -2.195  -11.913 0.846   1.00 63.67  ? 17   DA  D "C2'" 1 
ATOM   821  C  "C1'" . DA  D 1 5  ? -3.157  -12.563 -0.120  1.00 58.23  ? 17   DA  D "C1'" 1 
ATOM   822  N  N9    . DA  D 1 5  ? -4.191  -11.712 -0.670  1.00 43.64  ? 17   DA  D N9    1 
ATOM   823  C  C8    . DA  D 1 5  ? -4.904  -10.715 -0.066  1.00 40.53  ? 17   DA  D C8    1 
ATOM   824  N  N7    . DA  D 1 5  ? -5.822  -10.165 -0.850  1.00 38.37  ? 17   DA  D N7    1 
ATOM   825  C  C5    . DA  D 1 5  ? -5.687  -10.851 -2.044  1.00 25.18  ? 17   DA  D C5    1 
ATOM   826  C  C6    . DA  D 1 5  ? -6.329  -10.715 -3.289  1.00 34.02  ? 17   DA  D C6    1 
ATOM   827  N  N6    . DA  D 1 5  ? -7.326  -9.840  -3.518  1.00 24.86  ? 17   DA  D N6    1 
ATOM   828  N  N1    . DA  D 1 5  ? -5.913  -11.520 -4.310  1.00 28.52  ? 17   DA  D N1    1 
ATOM   829  C  C2    . DA  D 1 5  ? -4.929  -12.393 -4.066  1.00 27.44  ? 17   DA  D C2    1 
ATOM   830  N  N3    . DA  D 1 5  ? -4.248  -12.616 -2.911  1.00 34.41  ? 17   DA  D N3    1 
ATOM   831  C  C4    . DA  D 1 5  ? -4.682  -11.805 -1.946  1.00 32.22  ? 17   DA  D C4    1 
ATOM   832  P  P     . DC  D 1 6  ? 0.688   -13.202 1.441   1.00 76.76  ? 18   DC  D P     1 
ATOM   833  O  OP1   . DC  D 1 6  ? 1.709   -14.038 2.108   1.00 73.10  ? 18   DC  D OP1   1 
ATOM   834  O  OP2   . DC  D 1 6  ? 0.478   -11.812 1.895   1.00 80.59  ? 18   DC  D OP2   1 
ATOM   835  O  "O5'" . DC  D 1 6  ? 1.004   -13.215 -0.104  1.00 67.44  ? 18   DC  D "O5'" 1 
ATOM   836  C  "C5'" . DC  D 1 6  ? 0.233   -14.038 -0.939  1.00 55.25  ? 18   DC  D "C5'" 1 
ATOM   837  C  "C4'" . DC  D 1 6  ? 0.185   -13.454 -2.325  1.00 57.82  ? 18   DC  D "C4'" 1 
ATOM   838  O  "O4'" . DC  D 1 6  ? -0.952  -12.575 -2.494  1.00 51.99  ? 18   DC  D "O4'" 1 
ATOM   839  C  "C3'" . DC  D 1 6  ? 1.416   -12.639 -2.731  1.00 52.53  ? 18   DC  D "C3'" 1 
ATOM   840  O  "O3'" . DC  D 1 6  ? 1.824   -13.153 -3.989  1.00 52.10  ? 18   DC  D "O3'" 1 
ATOM   841  C  "C2'" . DC  D 1 6  ? 0.875   -11.224 -2.877  1.00 43.01  ? 18   DC  D "C2'" 1 
ATOM   842  C  "C1'" . DC  D 1 6  ? -0.544  -11.511 -3.305  1.00 34.89  ? 18   DC  D "C1'" 1 
ATOM   843  N  N1    . DC  D 1 6  ? -1.517  -10.453 -3.097  1.00 33.33  ? 18   DC  D N1    1 
ATOM   844  C  C2    . DC  D 1 6  ? -2.361  -10.168 -4.135  1.00 27.24  ? 18   DC  D C2    1 
ATOM   845  O  O2    . DC  D 1 6  ? -2.222  -10.782 -5.190  1.00 26.91  ? 18   DC  D O2    1 
ATOM   846  N  N3    . DC  D 1 6  ? -3.283  -9.242  -3.998  1.00 27.80  ? 18   DC  D N3    1 
ATOM   847  C  C4    . DC  D 1 6  ? -3.388  -8.573  -2.854  1.00 21.10  ? 18   DC  D C4    1 
ATOM   848  N  N4    . DC  D 1 6  ? -4.356  -7.621  -2.783  1.00 22.53  ? 18   DC  D N4    1 
ATOM   849  C  C5    . DC  D 1 6  ? -2.516  -8.834  -1.748  1.00 21.19  ? 18   DC  D C5    1 
ATOM   850  C  C6    . DC  D 1 6  ? -1.603  -9.776  -1.916  1.00 27.83  ? 18   DC  D C6    1 
ATOM   851  P  P     . DG  D 1 7  ? 3.103   -12.551 -4.704  1.00 71.42  ? 19   DG  D P     1 
ATOM   852  O  OP1   . DG  D 1 7  ? 3.839   -13.736 -5.194  1.00 75.11  ? 19   DG  D OP1   1 
ATOM   853  O  OP2   . DG  D 1 7  ? 3.726   -11.653 -3.702  1.00 75.24  ? 19   DG  D OP2   1 
ATOM   854  O  "O5'" . DG  D 1 7  ? 2.478   -11.757 -5.939  1.00 63.60  ? 19   DG  D "O5'" 1 
ATOM   855  C  "C5'" . DG  D 1 7  ? 1.596   -12.420 -6.821  1.00 49.97  ? 19   DG  D "C5'" 1 
ATOM   856  C  "C4'" . DG  D 1 7  ? 1.264   -11.562 -8.017  1.00 56.02  ? 19   DG  D "C4'" 1 
ATOM   857  O  "O4'" . DG  D 1 7  ? 0.271   -10.584 -7.655  1.00 63.14  ? 19   DG  D "O4'" 1 
ATOM   858  C  "C3'" . DG  D 1 7  ? 2.406   -10.778 -8.667  1.00 60.27  ? 19   DG  D "C3'" 1 
ATOM   859  O  "O3'" . DG  D 1 7  ? 2.274   -10.782 -10.099 1.00 56.58  ? 19   DG  D "O3'" 1 
ATOM   860  C  "C2'" . DG  D 1 7  ? 2.206   -9.363  -8.147  1.00 57.50  ? 19   DG  D "C2'" 1 
ATOM   861  C  "C1'" . DG  D 1 7  ? 0.699   -9.279  -8.028  1.00 51.63  ? 19   DG  D "C1'" 1 
ATOM   862  N  N9    . DG  D 1 7  ? 0.223   -8.399  -6.980  1.00 43.60  ? 19   DG  D N9    1 
ATOM   863  C  C8    . DG  D 1 7  ? 0.614   -8.414  -5.658  1.00 26.57  ? 19   DG  D C8    1 
ATOM   864  N  N7    . DG  D 1 7  ? -0.089  -7.596  -4.917  1.00 39.61  ? 19   DG  D N7    1 
ATOM   865  C  C5    . DG  D 1 7  ? -0.957  -6.976  -5.806  1.00 26.25  ? 19   DG  D C5    1 
ATOM   866  C  C6    . DG  D 1 7  ? -2.012  -6.059  -5.572  1.00 34.65  ? 19   DG  D C6    1 
ATOM   867  O  O6    . DG  D 1 7  ? -2.402  -5.575  -4.493  1.00 31.74  ? 19   DG  D O6    1 
ATOM   868  N  N1    . DG  D 1 7  ? -2.671  -5.726  -6.756  1.00 23.69  ? 19   DG  D N1    1 
ATOM   869  C  C2    . DG  D 1 7  ? -2.379  -6.256  -7.994  1.00 34.86  ? 19   DG  D C2    1 
ATOM   870  N  N2    . DG  D 1 7  ? -3.149  -5.796  -9.036  1.00 34.85  ? 19   DG  D N2    1 
ATOM   871  N  N3    . DG  D 1 7  ? -1.426  -7.150  -8.202  1.00 23.39  ? 19   DG  D N3    1 
ATOM   872  C  C4    . DG  D 1 7  ? -0.761  -7.450  -7.090  1.00 35.23  ? 19   DG  D C4    1 
ATOM   873  P  P     . DT  D 1 8  ? 3.269   -9.885  -10.975 1.00 52.07  ? 20   DT  D P     1 
ATOM   874  O  OP1   . DT  D 1 8  ? 3.486   -10.577 -12.261 1.00 62.60  ? 20   DT  D OP1   1 
ATOM   875  O  OP2   . DT  D 1 8  ? 4.389   -9.617  -10.026 1.00 56.73  ? 20   DT  D OP2   1 
ATOM   876  O  "O5'" . DT  D 1 8  ? 2.460   -8.608  -11.430 1.00 46.98  ? 20   DT  D "O5'" 1 
ATOM   877  C  "C5'" . DT  D 1 8  ? 1.157   -8.807  -11.883 1.00 38.94  ? 20   DT  D "C5'" 1 
ATOM   878  C  "C4'" . DT  D 1 8  ? 0.620   -7.551  -12.498 1.00 42.03  ? 20   DT  D "C4'" 1 
ATOM   879  O  "O4'" . DT  D 1 8  ? -0.047  -6.731  -11.505 1.00 46.84  ? 20   DT  D "O4'" 1 
ATOM   880  C  "C3'" . DT  D 1 8  ? 1.660   -6.682  -13.191 1.00 49.45  ? 20   DT  D "C3'" 1 
ATOM   881  O  "O3'" . DT  D 1 8  ? 1.073   -6.320  -14.434 1.00 59.52  ? 20   DT  D "O3'" 1 
ATOM   882  C  "C2'" . DT  D 1 8  ? 1.803   -5.477  -12.275 1.00 41.39  ? 20   DT  D "C2'" 1 
ATOM   883  C  "C1'" . DT  D 1 8  ? 0.468   -5.403  -11.506 1.00 42.93  ? 20   DT  D "C1'" 1 
ATOM   884  N  N1    . DT  D 1 8  ? 0.565   -4.954  -10.089 1.00 34.99  ? 20   DT  D N1    1 
ATOM   885  C  C2    . DT  D 1 8  ? -0.279  -3.948  -9.654  1.00 31.36  ? 20   DT  D C2    1 
ATOM   886  O  O2    . DT  D 1 8  ? -1.002  -3.291  -10.363 1.00 36.48  ? 20   DT  D O2    1 
ATOM   887  N  N3    . DT  D 1 8  ? -0.194  -3.678  -8.330  1.00 28.88  ? 20   DT  D N3    1 
ATOM   888  C  C4    . DT  D 1 8  ? 0.660   -4.234  -7.425  1.00 19.36  ? 20   DT  D C4    1 
ATOM   889  O  O4    . DT  D 1 8  ? 0.562   -3.964  -6.353  1.00 28.15  ? 20   DT  D O4    1 
ATOM   890  C  C5    . DT  D 1 8  ? 1.590   -5.178  -7.928  1.00 32.04  ? 20   DT  D C5    1 
ATOM   891  C  C7    . DT  D 1 8  ? 2.637   -5.714  -6.983  1.00 24.21  ? 20   DT  D C7    1 
ATOM   892  C  C6    . DT  D 1 8  ? 1.483   -5.528  -9.235  1.00 32.26  ? 20   DT  D C6    1 
ATOM   893  P  P     . DC  D 1 9  ? 1.837   -5.349  -15.432 1.00 81.50  ? 21   DC  D P     1 
ATOM   894  O  OP1   . DC  D 1 9  ? 1.389   -5.696  -16.801 1.00 85.34  ? 21   DC  D OP1   1 
ATOM   895  O  OP2   . DC  D 1 9  ? 3.273   -5.416  -15.060 1.00 87.91  ? 21   DC  D OP2   1 
ATOM   896  O  "O5'" . DC  D 1 9  ? 1.231   -3.926  -15.113 1.00 64.10  ? 21   DC  D "O5'" 1 
ATOM   897  C  "C5'" . DC  D 1 9  ? -0.167  -3.746  -15.152 1.00 65.32  ? 21   DC  D "C5'" 1 
ATOM   898  C  "C4'" . DC  D 1 9  ? -0.497  -2.338  -14.757 1.00 60.19  ? 21   DC  D "C4'" 1 
ATOM   899  O  "O4'" . DC  D 1 9  ? -0.369  -2.213  -13.318 1.00 57.41  ? 21   DC  D "O4'" 1 
ATOM   900  C  "C3'" . DC  D 1 9  ? 0.548   -1.415  -15.366 1.00 60.09  ? 21   DC  D "C3'" 1 
ATOM   901  O  "O3'" . DC  D 1 9  ? -0.094  -0.308  -15.929 1.00 60.41  ? 21   DC  D "O3'" 1 
ATOM   902  C  "C2'" . DC  D 1 9  ? 1.421   -1.011  -14.189 1.00 61.13  ? 21   DC  D "C2'" 1 
ATOM   903  C  "C1'" . DC  D 1 9  ? 0.452   -1.091  -13.029 1.00 54.17  ? 21   DC  D "C1'" 1 
ATOM   904  N  N1    . DC  D 1 9  ? 1.109   -1.313  -11.730 1.00 35.53  ? 21   DC  D N1    1 
ATOM   905  C  C2    . DC  D 1 9  ? 0.660   -0.609  -10.628 1.00 33.12  ? 21   DC  D C2    1 
ATOM   906  O  O2    . DC  D 1 9  ? -0.317  0.143   -10.754 1.00 42.28  ? 21   DC  D O2    1 
ATOM   907  N  N3    . DC  D 1 9  ? 1.263   -0.757  -9.459  1.00 25.60  ? 21   DC  D N3    1 
ATOM   908  C  C4    . DC  D 1 9  ? 2.267   -1.608  -9.341  1.00 26.30  ? 21   DC  D C4    1 
ATOM   909  N  N4    . DC  D 1 9  ? 2.853   -1.740  -8.144  1.00 23.69  ? 21   DC  D N4    1 
ATOM   910  C  C5    . DC  D 1 9  ? 2.735   -2.372  -10.443 1.00 28.93  ? 21   DC  D C5    1 
ATOM   911  C  C6    . DC  D 1 9  ? 2.138   -2.181  -11.613 1.00 33.23  ? 21   DC  D C6    1 
ATOM   912  P  P     . DT  D 1 10 ? 0.762   0.770   -16.717 1.00 71.02  ? 22   DT  D P     1 
ATOM   913  O  OP1   . DT  D 1 10 ? 0.340   0.673   -18.126 1.00 77.19  ? 22   DT  D OP1   1 
ATOM   914  O  OP2   . DT  D 1 10 ? 2.202   0.639   -16.384 1.00 68.48  ? 22   DT  D OP2   1 
ATOM   915  O  "O5'" . DT  D 1 10 ? 0.203   2.142   -16.128 1.00 48.36  ? 22   DT  D "O5'" 1 
ATOM   916  C  "C5'" . DT  D 1 10 ? -1.201  2.402   -16.085 1.00 40.84  ? 22   DT  D "C5'" 1 
ATOM   917  C  "C4'" . DT  D 1 10 ? -1.502  3.440   -15.029 1.00 46.66  ? 22   DT  D "C4'" 1 
ATOM   918  O  "O4'" . DT  D 1 10 ? -0.878  3.049   -13.785 1.00 35.64  ? 22   DT  D "O4'" 1 
ATOM   919  C  "C3'" . DT  D 1 10 ? -0.962  4.837   -15.325 1.00 49.63  ? 22   DT  D "C3'" 1 
ATOM   920  O  "O3'" . DT  D 1 10 ? -1.856  5.788   -14.764 1.00 60.20  ? 22   DT  D "O3'" 1 
ATOM   921  C  "C2'" . DT  D 1 10 ? 0.354   4.868   -14.561 1.00 46.91  ? 22   DT  D "C2'" 1 
ATOM   922  C  "C1'" . DT  D 1 10 ? -0.020  4.065   -13.338 1.00 35.66  ? 22   DT  D "C1'" 1 
ATOM   923  N  N1    . DT  D 1 10 ? 1.071   3.409   -12.634 1.00 42.33  ? 22   DT  D N1    1 
ATOM   924  C  C2    . DT  D 1 10 ? 1.113   3.599   -11.296 1.00 33.53  ? 22   DT  D C2    1 
ATOM   925  O  O2    . DT  D 1 10 ? 0.335   4.339   -10.739 1.00 36.40  ? 22   DT  D O2    1 
ATOM   926  N  N3    . DT  D 1 10 ? 2.079   2.917   -10.633 1.00 34.33  ? 22   DT  D N3    1 
ATOM   927  C  C4    . DT  D 1 10 ? 3.005   2.075   -11.171 1.00 35.89  ? 22   DT  D C4    1 
ATOM   928  O  O4    . DT  D 1 10 ? 3.752   1.406   -10.425 1.00 29.12  ? 22   DT  D O4    1 
ATOM   929  C  C5    . DT  D 1 10 ? 2.970   1.989   -12.621 1.00 36.59  ? 22   DT  D C5    1 
ATOM   930  C  C7    . DT  D 1 10 ? 4.020   1.199   -13.324 1.00 38.27  ? 22   DT  D C7    1 
ATOM   931  C  C6    . DT  D 1 10 ? 1.993   2.636   -13.270 1.00 37.12  ? 22   DT  D C6    1 
ATOM   932  P  P     . DG  D 1 11 ? -1.912  7.271   -15.367 1.00 78.57  ? 23   DG  D P     1 
ATOM   933  O  OP1   . DG  D 1 11 ? -3.343  7.659   -15.541 1.00 76.66  ? 23   DG  D OP1   1 
ATOM   934  O  OP2   . DG  D 1 11 ? -0.941  7.313   -16.509 1.00 75.36  ? 23   DG  D OP2   1 
ATOM   935  O  "O5'" . DG  D 1 11 ? -1.349  8.225   -14.233 1.00 54.45  ? 23   DG  D "O5'" 1 
ATOM   936  C  "C5'" . DG  D 1 11 ? -1.795  8.108   -12.894 1.00 57.14  ? 23   DG  D "C5'" 1 
ATOM   937  C  "C4'" . DG  D 1 11 ? -0.720  8.611   -11.956 1.00 57.83  ? 23   DG  D "C4'" 1 
ATOM   938  O  "O4'" . DG  D 1 11 ? 0.251   7.583   -11.647 1.00 51.31  ? 23   DG  D "O4'" 1 
ATOM   939  C  "C3'" . DG  D 1 11 ? 0.091   9.749   -12.547 1.00 54.66  ? 23   DG  D "C3'" 1 
ATOM   940  O  "O3'" . DG  D 1 11 ? 0.235   10.683  -11.512 1.00 58.88  ? 23   DG  D "O3'" 1 
ATOM   941  C  "C2'" . DG  D 1 11 ? 1.419   9.091   -12.885 1.00 50.25  ? 23   DG  D "C2'" 1 
ATOM   942  C  "C1'" . DG  D 1 11 ? 1.516   8.151   -11.719 1.00 43.89  ? 23   DG  D "C1'" 1 
ATOM   943  N  N9    . DG  D 1 11 ? 2.484   7.068   -11.732 1.00 40.36  ? 23   DG  D N9    1 
ATOM   944  C  C8    . DG  D 1 11 ? 2.852   6.264   -12.773 1.00 38.94  ? 23   DG  D C8    1 
ATOM   945  N  N7    . DG  D 1 11 ? 3.723   5.353   -12.430 1.00 36.23  ? 23   DG  D N7    1 
ATOM   946  C  C5    . DG  D 1 11 ? 3.963   5.600   -11.081 1.00 29.04  ? 23   DG  D C5    1 
ATOM   947  C  C6    . DG  D 1 11 ? 4.737   4.850   -10.116 1.00 36.18  ? 23   DG  D C6    1 
ATOM   948  O  O6    . DG  D 1 11 ? 5.533   3.890   -10.319 1.00 39.83  ? 23   DG  D O6    1 
ATOM   949  N  N1    . DG  D 1 11 ? 4.518   5.301   -8.818  1.00 32.58  ? 23   DG  D N1    1 
ATOM   950  C  C2    . DG  D 1 11 ? 3.692   6.343   -8.488  1.00 36.29  ? 23   DG  D C2    1 
ATOM   951  N  N2    . DG  D 1 11 ? 3.601   6.647   -7.178  1.00 34.79  ? 23   DG  D N2    1 
ATOM   952  N  N3    . DG  D 1 11 ? 2.998   7.064   -9.376  1.00 34.46  ? 23   DG  D N3    1 
ATOM   953  C  C4    . DG  D 1 11 ? 3.189   6.640   -10.639 1.00 30.48  ? 23   DG  D C4    1 
ATOM   954  P  P     . DC  D 1 12 ? -0.412  12.122  -11.676 1.00 67.51  ? 24   DC  D P     1 
ATOM   955  O  OP1   . DC  D 1 12 ? -1.854  11.999  -11.348 1.00 73.31  ? 24   DC  D OP1   1 
ATOM   956  O  OP2   . DC  D 1 12 ? -0.001  12.671  -12.986 1.00 79.93  ? 24   DC  D OP2   1 
ATOM   957  O  "O5'" . DC  D 1 12 ? 0.341   12.940  -10.536 1.00 65.98  ? 24   DC  D "O5'" 1 
ATOM   958  C  "C5'" . DC  D 1 12 ? 0.335   12.497  -9.165  1.00 57.77  ? 24   DC  D "C5'" 1 
ATOM   959  C  "C4'" . DC  D 1 12 ? 1.744   12.297  -8.644  1.00 53.51  ? 24   DC  D "C4'" 1 
ATOM   960  O  "O4'" . DC  D 1 12 ? 2.326   11.091  -9.158  1.00 43.25  ? 24   DC  D "O4'" 1 
ATOM   961  C  "C3'" . DC  D 1 12 ? 2.789   13.372  -8.952  1.00 46.04  ? 24   DC  D "C3'" 1 
ATOM   962  O  "O3'" . DC  D 1 12 ? 2.893   14.424  -7.987  1.00 56.16  ? 24   DC  D "O3'" 1 
ATOM   963  C  "C2'" . DC  D 1 12 ? 4.094   12.592  -8.985  1.00 50.70  ? 24   DC  D "C2'" 1 
ATOM   964  C  "C1'" . DC  D 1 12 ? 3.683   11.136  -8.746  1.00 41.07  ? 24   DC  D "C1'" 1 
ATOM   965  N  N1    . DC  D 1 12 ? 4.447   10.181  -9.564  1.00 35.26  ? 24   DC  D N1    1 
ATOM   966  C  C2    . DC  D 1 12 ? 5.307   9.278   -8.941  1.00 37.79  ? 24   DC  D C2    1 
ATOM   967  O  O2    . DC  D 1 12 ? 5.419   9.315   -7.704  1.00 47.60  ? 24   DC  D O2    1 
ATOM   968  N  N3    . DC  D 1 12 ? 6.002   8.391   -9.702  1.00 29.01  ? 24   DC  D N3    1 
ATOM   969  C  C4    . DC  D 1 12 ? 5.869   8.422   -11.058 1.00 27.34  ? 24   DC  D C4    1 
ATOM   970  N  N4    . DC  D 1 12 ? 6.536   7.545   -11.797 1.00 26.51  ? 24   DC  D N4    1 
ATOM   971  C  C5    . DC  D 1 12 ? 5.035   9.349   -11.703 1.00 24.37  ? 24   DC  D C5    1 
ATOM   972  C  C6    . DC  D 1 12 ? 4.327   10.192  -10.925 1.00 41.49  ? 24   DC  D C6    1 
ATOM   973  O  "O5'" . DG  E 1 1  ? 28.634  -10.399 -6.714  1.00 79.88  ? 1    DG  E "O5'" 1 
ATOM   974  C  "C5'" . DG  E 1 1  ? 29.235  -9.585  -7.740  1.00 78.34  ? 1    DG  E "C5'" 1 
ATOM   975  C  "C4'" . DG  E 1 1  ? 28.222  -8.895  -8.623  1.00 71.41  ? 1    DG  E "C4'" 1 
ATOM   976  O  "O4'" . DG  E 1 1  ? 27.105  -9.783  -8.859  1.00 75.02  ? 1    DG  E "O4'" 1 
ATOM   977  C  "C3'" . DG  E 1 1  ? 27.613  -7.643  -8.000  1.00 84.43  ? 1    DG  E "C3'" 1 
ATOM   978  O  "O3'" . DG  E 1 1  ? 27.367  -6.684  -9.026  1.00 95.68  ? 1    DG  E "O3'" 1 
ATOM   979  C  "C2'" . DG  E 1 1  ? 26.301  -8.135  -7.404  1.00 75.40  ? 1    DG  E "C2'" 1 
ATOM   980  C  "C1'" . DG  E 1 1  ? 25.888  -9.197  -8.403  1.00 67.84  ? 1    DG  E "C1'" 1 
ATOM   981  N  N9    . DG  E 1 1  ? 25.090  -10.270 -7.831  1.00 51.08  ? 1    DG  E N9    1 
ATOM   982  C  C8    . DG  E 1 1  ? 25.447  -11.084 -6.783  1.00 49.20  ? 1    DG  E C8    1 
ATOM   983  N  N7    . DG  E 1 1  ? 24.547  -11.996 -6.511  1.00 49.50  ? 1    DG  E N7    1 
ATOM   984  C  C5    . DG  E 1 1  ? 23.526  -11.760 -7.424  1.00 32.02  ? 1    DG  E C5    1 
ATOM   985  C  C6    . DG  E 1 1  ? 22.268  -12.401 -7.552  1.00 39.87  ? 1    DG  E C6    1 
ATOM   986  O  O6    . DG  E 1 1  ? 21.808  -13.411 -6.883  1.00 25.36  ? 1    DG  E O6    1 
ATOM   987  N  N1    . DG  E 1 1  ? 21.509  -11.806 -8.568  1.00 35.93  ? 1    DG  E N1    1 
ATOM   988  C  C2    . DG  E 1 1  ? 21.935  -10.740 -9.353  1.00 34.54  ? 1    DG  E C2    1 
ATOM   989  N  N2    . DG  E 1 1  ? 21.103  -10.304 -10.273 1.00 36.42  ? 1    DG  E N2    1 
ATOM   990  N  N3    . DG  E 1 1  ? 23.111  -10.143 -9.229  1.00 42.72  ? 1    DG  E N3    1 
ATOM   991  C  C4    . DG  E 1 1  ? 23.846  -10.698 -8.249  1.00 44.44  ? 1    DG  E C4    1 
ATOM   992  P  P     . DC  E 1 2  ? 26.421  -5.438  -8.712  1.00 115.20 ? 2    DC  E P     1 
ATOM   993  O  OP1   . DC  E 1 2  ? 26.753  -4.292  -9.591  1.00 123.48 ? 2    DC  E OP1   1 
ATOM   994  O  OP2   . DC  E 1 2  ? 26.458  -5.282  -7.234  1.00 125.37 ? 2    DC  E OP2   1 
ATOM   995  O  "O5'" . DC  E 1 2  ? 24.983  -5.950  -9.133  1.00 87.99  ? 2    DC  E "O5'" 1 
ATOM   996  C  "C5'" . DC  E 1 2  ? 24.297  -5.352  -10.222 1.00 91.88  ? 2    DC  E "C5'" 1 
ATOM   997  C  "C4'" . DC  E 1 2  ? 22.836  -5.197  -9.883  1.00 93.10  ? 2    DC  E "C4'" 1 
ATOM   998  O  "O4'" . DC  E 1 2  ? 22.301  -6.385  -9.240  1.00 91.43  ? 2    DC  E "O4'" 1 
ATOM   999  C  "C3'" . DC  E 1 2  ? 22.518  -4.051  -8.936  1.00 92.71  ? 2    DC  E "C3'" 1 
ATOM   1000 O  "O3'" . DC  E 1 2  ? 21.243  -3.614  -9.353  1.00 98.15  ? 2    DC  E "O3'" 1 
ATOM   1001 C  "C2'" . DC  E 1 2  ? 22.425  -4.742  -7.578  1.00 88.17  ? 2    DC  E "C2'" 1 
ATOM   1002 C  "C1'" . DC  E 1 2  ? 21.748  -6.045  -7.970  1.00 80.12  ? 2    DC  E "C1'" 1 
ATOM   1003 N  N1    . DC  E 1 2  ? 21.872  -7.230  -7.070  1.00 58.00  ? 2    DC  E N1    1 
ATOM   1004 C  C2    . DC  E 1 2  ? 20.824  -8.121  -7.054  1.00 51.10  ? 2    DC  E C2    1 
ATOM   1005 O  O2    . DC  E 1 2  ? 19.859  -7.882  -7.790  1.00 56.70  ? 2    DC  E O2    1 
ATOM   1006 N  N3    . DC  E 1 2  ? 20.859  -9.222  -6.258  1.00 47.71  ? 2    DC  E N3    1 
ATOM   1007 C  C4    . DC  E 1 2  ? 21.926  -9.453  -5.490  1.00 48.31  ? 2    DC  E C4    1 
ATOM   1008 N  N4    . DC  E 1 2  ? 21.939  -10.600 -4.705  1.00 39.63  ? 2    DC  E N4    1 
ATOM   1009 C  C5    . DC  E 1 2  ? 23.036  -8.547  -5.481  1.00 49.67  ? 2    DC  E C5    1 
ATOM   1010 C  C6    . DC  E 1 2  ? 22.964  -7.451  -6.286  1.00 51.24  ? 2    DC  E C6    1 
ATOM   1011 P  P     . DA  E 1 3  ? 20.807  -2.113  -9.118  1.00 127.35 ? 3    DA  E P     1 
ATOM   1012 O  OP1   . DA  E 1 3  ? 21.742  -1.275  -9.901  1.00 132.81 ? 3    DA  E OP1   1 
ATOM   1013 O  OP2   . DA  E 1 3  ? 20.687  -1.911  -7.652  1.00 125.22 ? 3    DA  E OP2   1 
ATOM   1014 O  "O5'" . DA  E 1 3  ? 19.367  -2.076  -9.795  1.00 100.05 ? 3    DA  E "O5'" 1 
ATOM   1015 C  "C5'" . DA  E 1 3  ? 19.082  -2.857  -10.955 1.00 88.68  ? 3    DA  E "C5'" 1 
ATOM   1016 C  "C4'" . DA  E 1 3  ? 17.725  -3.512  -10.817 1.00 86.09  ? 3    DA  E "C4'" 1 
ATOM   1017 O  "O4'" . DA  E 1 3  ? 17.772  -4.576  -9.832  1.00 84.27  ? 3    DA  E "O4'" 1 
ATOM   1018 C  "C3'" . DA  E 1 3  ? 16.586  -2.604  -10.356 1.00 81.71  ? 3    DA  E "C3'" 1 
ATOM   1019 O  "O3'" . DA  E 1 3  ? 15.363  -3.082  -10.949 1.00 80.32  ? 3    DA  E "O3'" 1 
ATOM   1020 C  "C2'" . DA  E 1 3  ? 16.603  -2.790  -8.840  1.00 75.19  ? 3    DA  E "C2'" 1 
ATOM   1021 C  "C1'" . DA  E 1 3  ? 16.920  -4.275  -8.711  1.00 72.34  ? 3    DA  E "C1'" 1 
ATOM   1022 N  N9    . DA  E 1 3  ? 17.635  -4.732  -7.516  1.00 62.26  ? 3    DA  E N9    1 
ATOM   1023 C  C8    . DA  E 1 3  ? 18.794  -4.197  -7.008  1.00 59.27  ? 3    DA  E C8    1 
ATOM   1024 N  N7    . DA  E 1 3  ? 19.349  -4.924  -6.068  1.00 52.55  ? 3    DA  E N7    1 
ATOM   1025 C  C5    . DA  E 1 3  ? 18.469  -5.990  -5.907  1.00 51.66  ? 3    DA  E C5    1 
ATOM   1026 C  C6    . DA  E 1 3  ? 18.497  -7.137  -5.048  1.00 49.86  ? 3    DA  E C6    1 
ATOM   1027 N  N6    . DA  E 1 3  ? 19.544  -7.471  -4.255  1.00 41.26  ? 3    DA  E N6    1 
ATOM   1028 N  N1    . DA  E 1 3  ? 17.416  -7.952  -5.067  1.00 55.96  ? 3    DA  E N1    1 
ATOM   1029 C  C2    . DA  E 1 3  ? 16.411  -7.659  -5.936  1.00 61.13  ? 3    DA  E C2    1 
ATOM   1030 N  N3    . DA  E 1 3  ? 16.305  -6.651  -6.820  1.00 59.11  ? 3    DA  E N3    1 
ATOM   1031 C  C4    . DA  E 1 3  ? 17.373  -5.847  -6.751  1.00 56.62  ? 3    DA  E C4    1 
ATOM   1032 P  P     . DG  E 1 4  ? 13.968  -2.408  -10.544 1.00 83.14  ? 4    DG  E P     1 
ATOM   1033 O  OP1   . DG  E 1 4  ? 12.929  -2.668  -11.577 1.00 87.72  ? 4    DG  E OP1   1 
ATOM   1034 O  OP2   . DG  E 1 4  ? 14.304  -1.015  -10.162 1.00 83.35  ? 4    DG  E OP2   1 
ATOM   1035 O  "O5'" . DG  E 1 4  ? 13.516  -3.215  -9.249  1.00 78.14  ? 4    DG  E "O5'" 1 
ATOM   1036 C  "C5'" . DG  E 1 4  ? 12.832  -4.454  -9.353  1.00 65.80  ? 4    DG  E "C5'" 1 
ATOM   1037 C  "C4'" . DG  E 1 4  ? 12.145  -4.796  -8.048  1.00 58.61  ? 4    DG  E "C4'" 1 
ATOM   1038 O  "O4'" . DG  E 1 4  ? 13.055  -5.229  -7.008  1.00 53.27  ? 4    DG  E "O4'" 1 
ATOM   1039 C  "C3'" . DG  E 1 4  ? 11.256  -3.727  -7.423  1.00 49.52  ? 4    DG  E "C3'" 1 
ATOM   1040 O  "O3'" . DG  E 1 4  ? 10.066  -4.379  -7.019  1.00 54.08  ? 4    DG  E "O3'" 1 
ATOM   1041 C  "C2'" . DG  E 1 4  ? 12.030  -3.289  -6.195  1.00 46.95  ? 4    DG  E "C2'" 1 
ATOM   1042 C  "C1'" . DG  E 1 4  ? 12.765  -4.560  -5.792  1.00 49.02  ? 4    DG  E "C1'" 1 
ATOM   1043 N  N9    . DG  E 1 4  ? 14.045  -4.288  -5.166  1.00 45.35  ? 4    DG  E N9    1 
ATOM   1044 C  C8    . DG  E 1 4  ? 14.861  -3.211  -5.418  1.00 40.84  ? 4    DG  E C8    1 
ATOM   1045 N  N7    . DG  E 1 4  ? 15.982  -3.260  -4.758  1.00 42.90  ? 4    DG  E N7    1 
ATOM   1046 C  C5    . DG  E 1 4  ? 15.894  -4.437  -4.007  1.00 42.07  ? 4    DG  E C5    1 
ATOM   1047 C  C6    . DG  E 1 4  ? 16.780  -4.971  -3.013  1.00 38.75  ? 4    DG  E C6    1 
ATOM   1048 O  O6    . DG  E 1 4  ? 17.885  -4.508  -2.606  1.00 36.77  ? 4    DG  E O6    1 
ATOM   1049 N  N1    . DG  E 1 4  ? 16.274  -6.119  -2.439  1.00 36.40  ? 4    DG  E N1    1 
ATOM   1050 C  C2    . DG  E 1 4  ? 15.051  -6.667  -2.721  1.00 46.39  ? 4    DG  E C2    1 
ATOM   1051 N  N2    . DG  E 1 4  ? 14.738  -7.782  -2.021  1.00 40.02  ? 4    DG  E N2    1 
ATOM   1052 N  N3    . DG  E 1 4  ? 14.194  -6.165  -3.623  1.00 47.77  ? 4    DG  E N3    1 
ATOM   1053 C  C4    . DG  E 1 4  ? 14.695  -5.067  -4.233  1.00 44.15  ? 4    DG  E C4    1 
ATOM   1054 P  P     . DA  E 1 5  ? 8.938   -3.548  -6.265  1.00 87.19  ? 5    DA  E P     1 
ATOM   1055 O  OP1   . DA  E 1 5  ? 7.622   -3.703  -6.936  1.00 90.22  ? 5    DA  E OP1   1 
ATOM   1056 O  OP2   . DA  E 1 5  ? 9.512   -2.194  -6.073  1.00 86.93  ? 5    DA  E OP2   1 
ATOM   1057 O  "O5'" . DA  E 1 5  ? 8.810   -4.365  -4.908  1.00 61.87  ? 5    DA  E "O5'" 1 
ATOM   1058 C  "C5'" . DA  E 1 5  ? 8.966   -5.754  -4.957  1.00 53.14  ? 5    DA  E "C5'" 1 
ATOM   1059 C  "C4'" . DA  E 1 5  ? 9.055   -6.308  -3.566  1.00 54.16  ? 5    DA  E "C4'" 1 
ATOM   1060 O  "O4'" . DA  E 1 5  ? 10.373  -6.061  -3.025  1.00 59.35  ? 5    DA  E "O4'" 1 
ATOM   1061 C  "C3'" . DA  E 1 5  ? 8.063   -5.643  -2.635  1.00 53.98  ? 5    DA  E "C3'" 1 
ATOM   1062 O  "O3'" . DA  E 1 5  ? 7.490   -6.674  -1.828  1.00 47.81  ? 5    DA  E "O3'" 1 
ATOM   1063 C  "C2'" . DA  E 1 5  ? 8.906   -4.624  -1.886  1.00 54.25  ? 5    DA  E "C2'" 1 
ATOM   1064 C  "C1'" . DA  E 1 5  ? 10.312  -5.252  -1.866  1.00 52.20  ? 5    DA  E "C1'" 1 
ATOM   1065 N  N9    . DA  E 1 5  ? 11.492  -4.352  -1.889  1.00 48.47  ? 5    DA  E N9    1 
ATOM   1066 C  C8    . DA  E 1 5  ? 11.720  -3.262  -2.706  1.00 48.08  ? 5    DA  E C8    1 
ATOM   1067 N  N7    . DA  E 1 5  ? 12.869  -2.653  -2.469  1.00 42.84  ? 5    DA  E N7    1 
ATOM   1068 C  C5    . DA  E 1 5  ? 13.449  -3.419  -1.456  1.00 43.30  ? 5    DA  E C5    1 
ATOM   1069 C  C6    . DA  E 1 5  ? 14.728  -3.368  -0.834  1.00 46.62  ? 5    DA  E C6    1 
ATOM   1070 N  N6    . DA  E 1 5  ? 15.648  -2.427  -1.105  1.00 34.30  ? 5    DA  E N6    1 
ATOM   1071 N  N1    . DA  E 1 5  ? 15.033  -4.319  0.086   1.00 45.93  ? 5    DA  E N1    1 
ATOM   1072 C  C2    . DA  E 1 5  ? 14.121  -5.242  0.360   1.00 40.90  ? 5    DA  E C2    1 
ATOM   1073 N  N3    . DA  E 1 5  ? 12.896  -5.401  -0.157  1.00 47.98  ? 5    DA  E N3    1 
ATOM   1074 C  C4    . DA  E 1 5  ? 12.616  -4.449  -1.077  1.00 48.19  ? 5    DA  E C4    1 
ATOM   1075 P  P     . DC  E 1 6  ? 6.270   -6.331  -0.864  1.00 68.81  ? 6    DC  E P     1 
ATOM   1076 O  OP1   . DC  E 1 6  ? 5.390   -7.526  -0.670  1.00 72.65  ? 6    DC  E OP1   1 
ATOM   1077 O  OP2   . DC  E 1 6  ? 5.688   -5.054  -1.334  1.00 71.28  ? 6    DC  E OP2   1 
ATOM   1078 O  "O5'" . DC  E 1 6  ? 7.020   -6.099  0.517   1.00 73.00  ? 6    DC  E "O5'" 1 
ATOM   1079 C  "C5'" . DC  E 1 6  ? 7.849   -7.133  1.015   1.00 70.98  ? 6    DC  E "C5'" 1 
ATOM   1080 C  "C4'" . DC  E 1 6  ? 8.729   -6.614  2.113   1.00 60.15  ? 6    DC  E "C4'" 1 
ATOM   1081 O  "O4'" . DC  E 1 6  ? 9.711   -5.711  1.582   1.00 66.11  ? 6    DC  E "O4'" 1 
ATOM   1082 C  "C3'" . DC  E 1 6  ? 8.012   -5.835  3.194   1.00 60.46  ? 6    DC  E "C3'" 1 
ATOM   1083 O  "O3'" . DC  E 1 6  ? 8.556   -6.328  4.392   1.00 60.88  ? 6    DC  E "O3'" 1 
ATOM   1084 C  "C2'" . DC  E 1 6  ? 8.533   -4.429  3.002   1.00 57.55  ? 6    DC  E "C2'" 1 
ATOM   1085 C  "C1'" . DC  E 1 6  ? 9.929   -4.758  2.571   1.00 59.65  ? 6    DC  E "C1'" 1 
ATOM   1086 N  N1    . DC  E 1 6  ? 10.729  -3.677  1.992   1.00 53.05  ? 6    DC  E N1    1 
ATOM   1087 C  C2    . DC  E 1 6  ? 12.030  -3.485  2.442   1.00 43.93  ? 6    DC  E C2    1 
ATOM   1088 O  O2    . DC  E 1 6  ? 12.523  -4.319  3.197   1.00 49.18  ? 6    DC  E O2    1 
ATOM   1089 N  N3    . DC  E 1 6  ? 12.725  -2.405  2.012   1.00 42.20  ? 6    DC  E N3    1 
ATOM   1090 C  C4    . DC  E 1 6  ? 12.192  -1.583  1.096   1.00 31.04  ? 6    DC  E C4    1 
ATOM   1091 N  N4    . DC  E 1 6  ? 12.919  -0.555  0.670   1.00 34.35  ? 6    DC  E N4    1 
ATOM   1092 C  C5    . DC  E 1 6  ? 10.895  -1.793  0.567   1.00 42.69  ? 6    DC  E C5    1 
ATOM   1093 C  C6    . DC  E 1 6  ? 10.198  -2.847  1.046   1.00 52.66  ? 6    DC  E C6    1 
ATOM   1094 P  P     . DG  E 1 7  ? 7.599   -6.626  5.622   1.00 61.07  ? 7    DG  E P     1 
ATOM   1095 O  OP1   . DG  E 1 7  ? 7.092   -8.010  5.546   1.00 74.31  ? 7    DG  E OP1   1 
ATOM   1096 O  OP2   . DG  E 1 7  ? 6.667   -5.487  5.624   1.00 64.69  ? 7    DG  E OP2   1 
ATOM   1097 O  "O5'" . DG  E 1 7  ? 8.576   -6.527  6.883   1.00 71.02  ? 7    DG  E "O5'" 1 
ATOM   1098 C  "C5'" . DG  E 1 7  ? 9.843   -7.182  6.871   1.00 61.35  ? 7    DG  E "C5'" 1 
ATOM   1099 C  "C4'" . DG  E 1 7  ? 10.841  -6.383  7.668   1.00 52.18  ? 7    DG  E "C4'" 1 
ATOM   1100 O  "O4'" . DG  E 1 7  ? 11.393  -5.352  6.833   1.00 55.61  ? 7    DG  E "O4'" 1 
ATOM   1101 C  "C3'" . DG  E 1 7  ? 10.238  -5.680  8.872   1.00 60.81  ? 7    DG  E "C3'" 1 
ATOM   1102 O  "O3'" . DG  E 1 7  ? 11.060  -5.854  10.012  1.00 73.20  ? 7    DG  E "O3'" 1 
ATOM   1103 C  "C2'" . DG  E 1 7  ? 10.239  -4.217  8.490   1.00 58.50  ? 7    DG  E "C2'" 1 
ATOM   1104 C  "C1'" . DG  E 1 7  ? 11.419  -4.141  7.550   1.00 60.64  ? 7    DG  E "C1'" 1 
ATOM   1105 N  N9    . DG  E 1 7  ? 11.295  -3.082  6.568   1.00 51.09  ? 7    DG  E N9    1 
ATOM   1106 C  C8    . DG  E 1 7  ? 10.255  -2.912  5.704   1.00 51.95  ? 7    DG  E C8    1 
ATOM   1107 N  N7    . DG  E 1 7  ? 10.407  -1.901  4.914   1.00 41.20  ? 7    DG  E N7    1 
ATOM   1108 C  C5    . DG  E 1 7  ? 11.634  -1.375  5.271   1.00 48.84  ? 7    DG  E C5    1 
ATOM   1109 C  C6    . DG  E 1 7  ? 12.323  -0.285  4.754   1.00 48.66  ? 7    DG  E C6    1 
ATOM   1110 O  O6    . DG  E 1 7  ? 11.978  0.455   3.857   1.00 54.55  ? 7    DG  E O6    1 
ATOM   1111 N  N1    . DG  E 1 7  ? 13.541  -0.076  5.403   1.00 44.41  ? 7    DG  E N1    1 
ATOM   1112 C  C2    . DG  E 1 7  ? 14.023  -0.836  6.432   1.00 38.52  ? 7    DG  E C2    1 
ATOM   1113 N  N2    . DG  E 1 7  ? 15.260  -0.513  6.880   1.00 35.20  ? 7    DG  E N2    1 
ATOM   1114 N  N3    . DG  E 1 7  ? 13.359  -1.851  6.961   1.00 44.16  ? 7    DG  E N3    1 
ATOM   1115 C  C4    . DG  E 1 7  ? 12.183  -2.075  6.313   1.00 52.69  ? 7    DG  E C4    1 
ATOM   1116 P  P     . DT  E 1 8  ? 10.579  -5.241  11.416  1.00 110.45 ? 8    DT  E P     1 
ATOM   1117 O  OP1   . DT  E 1 8  ? 10.721  -6.330  12.417  1.00 110.03 ? 8    DT  E OP1   1 
ATOM   1118 O  OP2   . DT  E 1 8  ? 9.259   -4.618  11.193  1.00 110.24 ? 8    DT  E OP2   1 
ATOM   1119 O  "O5'" . DT  E 1 8  ? 11.618  -4.068  11.711  1.00 71.96  ? 8    DT  E "O5'" 1 
ATOM   1120 C  "C5'" . DT  E 1 8  ? 12.971  -4.240  11.348  1.00 60.04  ? 8    DT  E "C5'" 1 
ATOM   1121 C  "C4'" . DT  E 1 8  ? 13.719  -2.941  11.453  1.00 53.67  ? 8    DT  E "C4'" 1 
ATOM   1122 O  "O4'" . DT  E 1 8  ? 13.428  -2.093  10.324  1.00 57.47  ? 8    DT  E "O4'" 1 
ATOM   1123 C  "C3'" . DT  E 1 8  ? 13.452  -2.103  12.702  1.00 55.12  ? 8    DT  E "C3'" 1 
ATOM   1124 O  "O3'" . DT  E 1 8  ? 14.736  -1.723  13.229  1.00 42.60  ? 8    DT  E "O3'" 1 
ATOM   1125 C  "C2'" . DT  E 1 8  ? 12.704  -0.893  12.150  1.00 51.41  ? 8    DT  E "C2'" 1 
ATOM   1126 C  "C1'" . DT  E 1 8  ? 13.358  -0.760  10.786  1.00 60.55  ? 8    DT  E "C1'" 1 
ATOM   1127 N  N1    . DT  E 1 8  ? 12.632  0.026   9.762   1.00 55.30  ? 8    DT  E N1    1 
ATOM   1128 C  C2    . DT  E 1 8  ? 13.210  1.149   9.189   1.00 50.15  ? 8    DT  E C2    1 
ATOM   1129 O  O2    . DT  E 1 8  ? 14.293  1.597   9.513   1.00 46.97  ? 8    DT  E O2    1 
ATOM   1130 N  N3    . DT  E 1 8  ? 12.454  1.735   8.202   1.00 49.75  ? 8    DT  E N3    1 
ATOM   1131 C  C4    . DT  E 1 8  ? 11.222  1.318   7.737   1.00 50.48  ? 8    DT  E C4    1 
ATOM   1132 O  O4    . DT  E 1 8  ? 10.685  1.925   6.829   1.00 51.28  ? 8    DT  E O4    1 
ATOM   1133 C  C5    . DT  E 1 8  ? 10.680  0.150   8.388   1.00 48.99  ? 8    DT  E C5    1 
ATOM   1134 C  C7    . DT  E 1 8  ? 9.384   -0.418  7.919   1.00 43.13  ? 8    DT  E C7    1 
ATOM   1135 C  C6    . DT  E 1 8  ? 11.390  -0.406  9.370   1.00 53.89  ? 8    DT  E C6    1 
ATOM   1136 P  P     . DC  E 1 9  ? 14.831  -0.968  14.609  1.00 64.31  ? 9    DC  E P     1 
ATOM   1137 O  OP1   . DC  E 1 9  ? 15.980  -1.562  15.302  1.00 74.18  ? 9    DC  E OP1   1 
ATOM   1138 O  OP2   . DC  E 1 9  ? 13.497  -1.069  15.218  1.00 70.50  ? 9    DC  E OP2   1 
ATOM   1139 O  "O5'" . DC  E 1 9  ? 15.186  0.524   14.168  1.00 48.08  ? 9    DC  E "O5'" 1 
ATOM   1140 C  "C5'" . DC  E 1 9  ? 16.064  0.744   13.078  1.00 54.16  ? 9    DC  E "C5'" 1 
ATOM   1141 C  "C4'" . DC  E 1 9  ? 16.288  2.218   12.828  1.00 58.09  ? 9    DC  E "C4'" 1 
ATOM   1142 O  "O4'" . DC  E 1 9  ? 15.391  2.644   11.769  1.00 59.57  ? 9    DC  E "O4'" 1 
ATOM   1143 C  "C3'" . DC  E 1 9  ? 16.094  3.181   13.996  1.00 59.42  ? 9    DC  E "C3'" 1 
ATOM   1144 O  "O3'" . DC  E 1 9  ? 17.190  4.102   14.072  1.00 56.49  ? 9    DC  E "O3'" 1 
ATOM   1145 C  "C2'" . DC  E 1 9  ? 14.796  3.910   13.655  1.00 59.81  ? 9    DC  E "C2'" 1 
ATOM   1146 C  "C1'" . DC  E 1 9  ? 14.659  3.800   12.129  1.00 49.58  ? 9    DC  E "C1'" 1 
ATOM   1147 N  N1    . DC  E 1 9  ? 13.281  3.591   11.641  1.00 25.33  ? 9    DC  E N1    1 
ATOM   1148 C  C2    . DC  E 1 9  ? 12.727  4.424   10.607  1.00 28.69  ? 9    DC  E C2    1 
ATOM   1149 O  O2    . DC  E 1 9  ? 13.384  5.414   10.129  1.00 16.21  ? 9    DC  E O2    1 
ATOM   1150 N  N3    . DC  E 1 9  ? 11.484  4.146   10.157  1.00 24.60  ? 9    DC  E N3    1 
ATOM   1151 C  C4    . DC  E 1 9  ? 10.802  3.140   10.684  1.00 29.78  ? 9    DC  E C4    1 
ATOM   1152 N  N4    . DC  E 1 9  ? 9.630   2.912   10.199  1.00 36.81  ? 9    DC  E N4    1 
ATOM   1153 C  C5    . DC  E 1 9  ? 11.312  2.341   11.723  1.00 28.45  ? 9    DC  E C5    1 
ATOM   1154 C  C6    . DC  E 1 9  ? 12.552  2.596   12.169  1.00 29.61  ? 9    DC  E C6    1 
ATOM   1155 P  P     . DT  E 1 10 ? 17.128  5.311   15.126  1.00 64.02  ? 10   DT  E P     1 
ATOM   1156 O  OP1   . DT  E 1 10 ? 18.503  5.790   15.356  1.00 74.69  ? 10   DT  E OP1   1 
ATOM   1157 O  OP2   . DT  E 1 10 ? 16.300  4.847   16.272  1.00 65.70  ? 10   DT  E OP2   1 
ATOM   1158 O  "O5'" . DT  E 1 10 ? 16.394  6.503   14.360  1.00 66.92  ? 10   DT  E "O5'" 1 
ATOM   1159 C  "C5'" . DT  E 1 10 ? 16.769  6.907   13.043  1.00 58.89  ? 10   DT  E "C5'" 1 
ATOM   1160 C  "C4'" . DT  E 1 10 ? 16.127  8.241   12.724  1.00 61.75  ? 10   DT  E "C4'" 1 
ATOM   1161 O  "O4'" . DT  E 1 10 ? 14.838  8.103   12.088  1.00 59.08  ? 10   DT  E "O4'" 1 
ATOM   1162 C  "C3'" . DT  E 1 10 ? 15.859  9.091   13.958  1.00 66.92  ? 10   DT  E "C3'" 1 
ATOM   1163 O  "O3'" . DT  E 1 10 ? 15.930  10.458  13.594  1.00 74.29  ? 10   DT  E "O3'" 1 
ATOM   1164 C  "C2'" . DT  E 1 10 ? 14.434  8.757   14.320  1.00 58.08  ? 10   DT  E "C2'" 1 
ATOM   1165 C  "C1'" . DT  E 1 10 ? 13.833  8.636   12.942  1.00 58.92  ? 10   DT  E "C1'" 1 
ATOM   1166 N  N1    . DT  E 1 10 ? 12.668  7.757   12.881  1.00 46.63  ? 10   DT  E N1    1 
ATOM   1167 C  C2    . DT  E 1 10 ? 11.787  8.028   11.889  1.00 43.98  ? 10   DT  E C2    1 
ATOM   1168 O  O2    . DT  E 1 10 ? 11.974  8.916   11.066  1.00 49.29  ? 10   DT  E O2    1 
ATOM   1169 N  N3    . DT  E 1 10 ? 10.679  7.248   11.883  1.00 31.48  ? 10   DT  E N3    1 
ATOM   1170 C  C4    . DT  E 1 10 ? 10.384  6.250   12.764  1.00 39.16  ? 10   DT  E C4    1 
ATOM   1171 O  O4    . DT  E 1 10 ? 9.342   5.643   12.678  1.00 37.40  ? 10   DT  E O4    1 
ATOM   1172 C  C5    . DT  E 1 10 ? 11.352  5.991   13.752  1.00 41.22  ? 10   DT  E C5    1 
ATOM   1173 C  C7    . DT  E 1 10 ? 11.068  4.883   14.711  1.00 48.31  ? 10   DT  E C7    1 
ATOM   1174 C  C6    . DT  E 1 10 ? 12.454  6.740   13.775  1.00 40.14  ? 10   DT  E C6    1 
ATOM   1175 P  P     . DG  E 1 11 ? 16.746  11.456  14.528  1.00 84.73  ? 11   DG  E P     1 
ATOM   1176 O  OP1   . DG  E 1 11 ? 18.157  11.039  14.376  1.00 86.30  ? 11   DG  E OP1   1 
ATOM   1177 O  OP2   . DG  E 1 11 ? 16.091  11.462  15.877  1.00 75.09  ? 11   DG  E OP2   1 
ATOM   1178 O  "O5'" . DG  E 1 11 ? 16.600  12.829  13.772  1.00 63.39  ? 11   DG  E "O5'" 1 
ATOM   1179 C  "C5'" . DG  E 1 11 ? 16.430  12.823  12.370  1.00 59.02  ? 11   DG  E "C5'" 1 
ATOM   1180 C  "C4'" . DG  E 1 11 ? 15.196  13.611  12.011  1.00 53.32  ? 11   DG  E "C4'" 1 
ATOM   1181 O  "O4'" . DG  E 1 11 ? 13.979  12.832  12.125  1.00 49.42  ? 11   DG  E "O4'" 1 
ATOM   1182 C  "C3'" . DG  E 1 11 ? 14.991  14.835  12.903  1.00 51.29  ? 11   DG  E "C3'" 1 
ATOM   1183 O  "O3'" . DG  E 1 11 ? 14.533  15.891  12.054  1.00 53.06  ? 11   DG  E "O3'" 1 
ATOM   1184 C  "C2'" . DG  E 1 11 ? 13.928  14.373  13.890  1.00 46.23  ? 11   DG  E "C2'" 1 
ATOM   1185 C  "C1'" . DG  E 1 11 ? 13.065  13.476  13.012  1.00 40.65  ? 11   DG  E "C1'" 1 
ATOM   1186 N  N9    . DG  E 1 11 ? 12.333  12.419  13.698  1.00 43.37  ? 11   DG  E N9    1 
ATOM   1187 C  C8    . DG  E 1 11 ? 12.715  11.765  14.826  1.00 41.93  ? 11   DG  E C8    1 
ATOM   1188 N  N7    . DG  E 1 11 ? 11.922  10.767  15.134  1.00 41.17  ? 11   DG  E N7    1 
ATOM   1189 C  C5    . DG  E 1 11 ? 10.938  10.785  14.164  1.00 29.28  ? 11   DG  E C5    1 
ATOM   1190 C  C6    . DG  E 1 11 ? 9.862   9.920   13.970  1.00 27.54  ? 11   DG  E C6    1 
ATOM   1191 O  O6    . DG  E 1 11 ? 9.518   8.969   14.652  1.00 32.76  ? 11   DG  E O6    1 
ATOM   1192 N  N1    . DG  E 1 11 ? 9.124   10.251  12.846  1.00 24.12  ? 11   DG  E N1    1 
ATOM   1193 C  C2    . DG  E 1 11 ? 9.387   11.333  12.025  1.00 33.81  ? 11   DG  E C2    1 
ATOM   1194 N  N2    . DG  E 1 11 ? 8.515   11.535  11.011  1.00 39.08  ? 11   DG  E N2    1 
ATOM   1195 N  N3    . DG  E 1 11 ? 10.415  12.163  12.199  1.00 38.45  ? 11   DG  E N3    1 
ATOM   1196 C  C4    . DG  E 1 11 ? 11.146  11.819  13.283  1.00 39.90  ? 11   DG  E C4    1 
ATOM   1197 P  P     . DC  E 1 12 ? 14.440  17.368  12.626  1.00 76.17  ? 12   DC  E P     1 
ATOM   1198 O  OP1   . DC  E 1 12 ? 15.178  18.324  11.764  1.00 72.57  ? 12   DC  E OP1   1 
ATOM   1199 O  OP2   . DC  E 1 12 ? 14.829  17.165  14.053  1.00 76.58  ? 12   DC  E OP2   1 
ATOM   1200 O  "O5'" . DC  E 1 12 ? 12.903  17.713  12.451  1.00 64.53  ? 12   DC  E "O5'" 1 
ATOM   1201 C  "C5'" . DC  E 1 12 ? 12.212  17.368  11.245  1.00 54.13  ? 12   DC  E "C5'" 1 
ATOM   1202 C  "C4'" . DC  E 1 12 ? 10.728  17.355  11.508  1.00 54.00  ? 12   DC  E "C4'" 1 
ATOM   1203 O  "O4'" . DC  E 1 12 ? 10.375  16.072  12.055  1.00 54.97  ? 12   DC  E "O4'" 1 
ATOM   1204 C  "C3'" . DC  E 1 12 ? 10.295  18.377  12.550  1.00 50.83  ? 12   DC  E "C3'" 1 
ATOM   1205 O  "O3'" . DC  E 1 12 ? 9.582   19.526  12.076  1.00 67.02  ? 12   DC  E "O3'" 1 
ATOM   1206 C  "C2'" . DC  E 1 12 ? 9.492   17.576  13.563  1.00 53.85  ? 12   DC  E "C2'" 1 
ATOM   1207 C  "C1'" . DC  E 1 12 ? 9.288   16.228  12.913  1.00 45.00  ? 12   DC  E "C1'" 1 
ATOM   1208 N  N1    . DC  E 1 12 ? 9.314   15.132  13.886  1.00 38.49  ? 12   DC  E N1    1 
ATOM   1209 C  C2    . DC  E 1 12 ? 8.329   14.207  13.832  1.00 38.07  ? 12   DC  E C2    1 
ATOM   1210 O  O2    . DC  E 1 12 ? 7.552   14.272  12.891  1.00 27.39  ? 12   DC  E O2    1 
ATOM   1211 N  N3    . DC  E 1 12 ? 8.238   13.251  14.801  1.00 35.14  ? 12   DC  E N3    1 
ATOM   1212 C  C4    . DC  E 1 12 ? 9.139   13.229  15.789  1.00 33.10  ? 12   DC  E C4    1 
ATOM   1213 N  N4    . DC  E 1 12 ? 9.008   12.324  16.776  1.00 28.79  ? 12   DC  E N4    1 
ATOM   1214 C  C5    . DC  E 1 12 ? 10.211  14.131  15.821  1.00 34.31  ? 12   DC  E C5    1 
ATOM   1215 C  C6    . DC  E 1 12 ? 10.266  15.059  14.852  1.00 37.55  ? 12   DC  E C6    1 
ATOM   1216 O  "O5'" . DG  F 1 1  ? 0.780   7.798   16.414  1.00 60.03  ? 13   DG  F "O5'" 1 
ATOM   1217 C  "C5'" . DG  F 1 1  ? -0.501  8.342   16.148  1.00 37.96  ? 13   DG  F "C5'" 1 
ATOM   1218 C  "C4'" . DG  F 1 1  ? -0.218  8.801   14.741  1.00 43.18  ? 13   DG  F "C4'" 1 
ATOM   1219 O  "O4'" . DG  F 1 1  ? 0.974   9.636   14.655  1.00 39.52  ? 13   DG  F "O4'" 1 
ATOM   1220 C  "C3'" . DG  F 1 1  ? -0.017  7.685   13.721  1.00 41.39  ? 13   DG  F "C3'" 1 
ATOM   1221 O  "O3'" . DG  F 1 1  ? -0.722  8.207   12.562  1.00 52.30  ? 13   DG  F "O3'" 1 
ATOM   1222 C  "C2'" . DG  F 1 1  ? 1.503   7.583   13.674  1.00 33.17  ? 13   DG  F "C2'" 1 
ATOM   1223 C  "C1'" . DG  F 1 1  ? 1.995   9.027   13.877  1.00 39.35  ? 13   DG  F "C1'" 1 
ATOM   1224 N  N9    . DG  F 1 1  ? 3.286   9.254   14.577  1.00 27.92  ? 13   DG  F N9    1 
ATOM   1225 C  C8    . DG  F 1 1  ? 3.824   8.455   15.554  1.00 30.05  ? 13   DG  F C8    1 
ATOM   1226 N  N7    . DG  F 1 1  ? 4.919   8.957   16.090  1.00 27.73  ? 13   DG  F N7    1 
ATOM   1227 C  C5    . DG  F 1 1  ? 5.136   10.130  15.416  1.00 21.60  ? 13   DG  F C5    1 
ATOM   1228 C  C6    . DG  F 1 1  ? 6.262   11.012  15.473  1.00 28.09  ? 13   DG  F C6    1 
ATOM   1229 O  O6    . DG  F 1 1  ? 7.213   11.016  16.305  1.00 29.42  ? 13   DG  F O6    1 
ATOM   1230 N  N1    . DG  F 1 1  ? 6.211   11.983  14.453  1.00 17.31  ? 13   DG  F N1    1 
ATOM   1231 C  C2    . DG  F 1 1  ? 5.182   12.086  13.552  1.00 25.32  ? 13   DG  F C2    1 
ATOM   1232 N  N2    . DG  F 1 1  ? 5.334   13.016  12.611  1.00 33.79  ? 13   DG  F N2    1 
ATOM   1233 N  N3    . DG  F 1 1  ? 4.094   11.311  13.551  1.00 26.45  ? 13   DG  F N3    1 
ATOM   1234 C  C4    . DG  F 1 1  ? 4.154   10.344  14.468  1.00 22.98  ? 13   DG  F C4    1 
ATOM   1235 P  P     . DC  F 1 2  ? -0.784  7.425   11.152  1.00 60.87  ? 14   DC  F P     1 
ATOM   1236 O  OP1   . DC  F 1 2  ? -1.884  8.100   10.427  1.00 73.15  ? 14   DC  F OP1   1 
ATOM   1237 O  OP2   . DC  F 1 2  ? -0.740  5.926   11.182  1.00 62.07  ? 14   DC  F OP2   1 
ATOM   1238 O  "O5'" . DC  F 1 2  ? 0.464   8.101   10.448  1.00 66.16  ? 14   DC  F "O5'" 1 
ATOM   1239 C  "C5'" . DC  F 1 2  ? 0.498   9.525   10.365  1.00 62.26  ? 14   DC  F "C5'" 1 
ATOM   1240 C  "C4'" . DC  F 1 2  ? 1.658   9.952   9.510   1.00 67.56  ? 14   DC  F "C4'" 1 
ATOM   1241 O  "O4'" . DC  F 1 2  ? 2.857   10.079  10.326  1.00 64.25  ? 14   DC  F "O4'" 1 
ATOM   1242 C  "C3'" . DC  F 1 2  ? 1.972   8.867   8.486   1.00 68.39  ? 14   DC  F "C3'" 1 
ATOM   1243 O  "O3'" . DC  F 1 2  ? 2.582   9.484   7.374   1.00 69.91  ? 14   DC  F "O3'" 1 
ATOM   1244 C  "C2'" . DC  F 1 2  ? 3.026   8.048   9.185   1.00 56.79  ? 14   DC  F "C2'" 1 
ATOM   1245 C  "C1'" . DC  F 1 2  ? 3.825   9.172   9.832   1.00 60.70  ? 14   DC  F "C1'" 1 
ATOM   1246 N  N1    . DC  F 1 2  ? 4.690   8.742   10.942  1.00 35.24  ? 14   DC  F N1    1 
ATOM   1247 C  C2    . DC  F 1 2  ? 5.895   9.440   11.195  1.00 37.46  ? 14   DC  F C2    1 
ATOM   1248 O  O2    . DC  F 1 2  ? 6.187   10.428  10.483  1.00 35.42  ? 14   DC  F O2    1 
ATOM   1249 N  N3    . DC  F 1 2  ? 6.702   9.008   12.203  1.00 37.71  ? 14   DC  F N3    1 
ATOM   1250 C  C4    . DC  F 1 2  ? 6.344   7.937   12.930  1.00 36.91  ? 14   DC  F C4    1 
ATOM   1251 N  N4    . DC  F 1 2  ? 7.141   7.551   13.946  1.00 39.01  ? 14   DC  F N4    1 
ATOM   1252 C  C5    . DC  F 1 2  ? 5.139   7.220   12.672  1.00 37.74  ? 14   DC  F C5    1 
ATOM   1253 C  C6    . DC  F 1 2  ? 4.348   7.664   11.697  1.00 22.93  ? 14   DC  F C6    1 
ATOM   1254 P  P     . DA  F 1 3  ? 2.292   8.932   5.905   1.00 64.34  ? 15   DA  F P     1 
ATOM   1255 O  OP1   . DA  F 1 3  ? 0.926   9.353   5.518   1.00 63.40  ? 15   DA  F OP1   1 
ATOM   1256 O  OP2   . DA  F 1 3  ? 2.665   7.495   5.891   1.00 72.51  ? 15   DA  F OP2   1 
ATOM   1257 O  "O5'" . DA  F 1 3  ? 3.335   9.774   5.094   1.00 42.94  ? 15   DA  F "O5'" 1 
ATOM   1258 C  "C5'" . DA  F 1 3  ? 3.450   11.161  5.378   1.00 52.51  ? 15   DA  F "C5'" 1 
ATOM   1259 C  "C4'" . DA  F 1 3  ? 4.885   11.603  5.254   1.00 53.36  ? 15   DA  F "C4'" 1 
ATOM   1260 O  "O4'" . DA  F 1 3  ? 5.666   11.028  6.335   1.00 48.21  ? 15   DA  F "O4'" 1 
ATOM   1261 C  "C3'" . DA  F 1 3  ? 5.505   11.095  3.961   1.00 50.87  ? 15   DA  F "C3'" 1 
ATOM   1262 O  "O3'" . DA  F 1 3  ? 6.439   12.025  3.416   1.00 51.21  ? 15   DA  F "O3'" 1 
ATOM   1263 C  "C2'" . DA  F 1 3  ? 6.211   9.827   4.396   1.00 54.80  ? 15   DA  F "C2'" 1 
ATOM   1264 C  "C1'" . DA  F 1 3  ? 6.659   10.188  5.799   1.00 51.36  ? 15   DA  F "C1'" 1 
ATOM   1265 N  N9    . DA  F 1 3  ? 6.705   9.033   6.659   1.00 47.03  ? 15   DA  F N9    1 
ATOM   1266 C  C8    . DA  F 1 3  ? 5.833   8.001   6.731   1.00 41.18  ? 15   DA  F C8    1 
ATOM   1267 N  N7    . DA  F 1 3  ? 6.133   7.141   7.665   1.00 44.53  ? 15   DA  F N7    1 
ATOM   1268 C  C5    . DA  F 1 3  ? 7.278   7.668   8.247   1.00 39.79  ? 15   DA  F C5    1 
ATOM   1269 C  C6    . DA  F 1 3  ? 8.066   7.267   9.299   1.00 31.41  ? 15   DA  F C6    1 
ATOM   1270 N  N6    . DA  F 1 3  ? 7.786   6.240   10.095  1.00 39.06  ? 15   DA  F N6    1 
ATOM   1271 N  N1    . DA  F 1 3  ? 9.165   7.970   9.554   1.00 22.74  ? 15   DA  F N1    1 
ATOM   1272 C  C2    . DA  F 1 3  ? 9.418   9.027   8.848   1.00 26.28  ? 15   DA  F C2    1 
ATOM   1273 N  N3    . DA  F 1 3  ? 8.731   9.545   7.855   1.00 27.66  ? 15   DA  F N3    1 
ATOM   1274 C  C4    . DA  F 1 3  ? 7.659   8.799   7.604   1.00 40.09  ? 15   DA  F C4    1 
ATOM   1275 P  P     . DG  F 1 4  ? 6.976   11.784  1.925   1.00 68.76  ? 16   DG  F P     1 
ATOM   1276 O  OP1   . DG  F 1 4  ? 7.053   13.087  1.248   1.00 73.43  ? 16   DG  F OP1   1 
ATOM   1277 O  OP2   . DG  F 1 4  ? 6.135   10.664  1.333   1.00 64.36  ? 16   DG  F OP2   1 
ATOM   1278 O  "O5'" . DG  F 1 4  ? 8.491   11.374  2.143   1.00 55.45  ? 16   DG  F "O5'" 1 
ATOM   1279 C  "C5'" . DG  F 1 4  ? 9.339   12.209  2.930   1.00 53.71  ? 16   DG  F "C5'" 1 
ATOM   1280 C  "C4'" . DG  F 1 4  ? 10.544  11.427  3.394   1.00 47.50  ? 16   DG  F "C4'" 1 
ATOM   1281 O  "O4'" . DG  F 1 4  ? 10.083  10.389  4.286   1.00 51.12  ? 16   DG  F "O4'" 1 
ATOM   1282 C  "C3'" . DG  F 1 4  ? 11.351  10.688  2.314   1.00 46.40  ? 16   DG  F "C3'" 1 
ATOM   1283 O  "O3'" . DG  F 1 4  ? 12.745  10.748  2.667   1.00 53.51  ? 16   DG  F "O3'" 1 
ATOM   1284 C  "C2'" . DG  F 1 4  ? 10.921  9.249   2.519   1.00 37.64  ? 16   DG  F "C2'" 1 
ATOM   1285 C  "C1'" . DG  F 1 4  ? 10.858  9.246   4.015   1.00 42.81  ? 16   DG  F "C1'" 1 
ATOM   1286 N  N9    . DG  F 1 4  ? 10.209  8.095   4.633   1.00 35.04  ? 16   DG  F N9    1 
ATOM   1287 C  C8    . DG  F 1 4  ? 9.090   7.457   4.184   1.00 28.69  ? 16   DG  F C8    1 
ATOM   1288 N  N7    . DG  F 1 4  ? 8.716   6.474   4.954   1.00 30.89  ? 16   DG  F N7    1 
ATOM   1289 C  C5    . DG  F 1 4  ? 9.656   6.459   5.970   1.00 41.54  ? 16   DG  F C5    1 
ATOM   1290 C  C6    . DG  F 1 4  ? 9.774   5.614   7.091   1.00 34.38  ? 16   DG  F C6    1 
ATOM   1291 O  O6    . DG  F 1 4  ? 9.027   4.722   7.457   1.00 37.71  ? 16   DG  F O6    1 
ATOM   1292 N  N1    . DG  F 1 4  ? 10.891  5.911   7.841   1.00 37.38  ? 16   DG  F N1    1 
ATOM   1293 C  C2    . DG  F 1 4  ? 11.771  6.909   7.576   1.00 32.39  ? 16   DG  F C2    1 
ATOM   1294 N  N2    . DG  F 1 4  ? 12.799  6.997   8.434   1.00 28.59  ? 16   DG  F N2    1 
ATOM   1295 N  N3    . DG  F 1 4  ? 11.660  7.740   6.546   1.00 36.28  ? 16   DG  F N3    1 
ATOM   1296 C  C4    . DG  F 1 4  ? 10.591  7.446   5.785   1.00 34.72  ? 16   DG  F C4    1 
ATOM   1297 P  P     . DA  F 1 5  ? 13.899  10.492  1.563   1.00 74.48  ? 17   DA  F P     1 
ATOM   1298 O  OP1   . DA  F 1 5  ? 14.205  11.772  0.891   1.00 76.15  ? 17   DA  F OP1   1 
ATOM   1299 O  OP2   . DA  F 1 5  ? 13.676  9.268   0.750   1.00 82.38  ? 17   DA  F OP2   1 
ATOM   1300 O  "O5'" . DA  F 1 5  ? 15.126  10.191  2.510   1.00 48.74  ? 17   DA  F "O5'" 1 
ATOM   1301 C  "C5'" . DA  F 1 5  ? 15.087  10.653  3.856   1.00 42.32  ? 17   DA  F "C5'" 1 
ATOM   1302 C  "C4'" . DA  F 1 5  ? 16.113  9.914   4.675   1.00 44.49  ? 17   DA  F "C4'" 1 
ATOM   1303 O  "O4'" . DA  F 1 5  ? 15.514  8.798   5.388   1.00 42.58  ? 17   DA  F "O4'" 1 
ATOM   1304 C  "C3'" . DA  F 1 5  ? 17.212  9.298   3.834   1.00 47.16  ? 17   DA  F "C3'" 1 
ATOM   1305 O  "O3'" . DA  F 1 5  ? 18.366  9.225   4.693   1.00 56.50  ? 17   DA  F "O3'" 1 
ATOM   1306 C  "C2'" . DA  F 1 5  ? 16.607  7.944   3.498   1.00 36.13  ? 17   DA  F "C2'" 1 
ATOM   1307 C  "C1'" . DA  F 1 5  ? 15.927  7.565   4.812   1.00 32.30  ? 17   DA  F "C1'" 1 
ATOM   1308 N  N9    . DA  F 1 5  ? 14.734  6.712   4.681   1.00 39.24  ? 17   DA  F N9    1 
ATOM   1309 C  C8    . DA  F 1 5  ? 13.840  6.697   3.634   1.00 38.65  ? 17   DA  F C8    1 
ATOM   1310 N  N7    . DA  F 1 5  ? 12.912  5.772   3.751   1.00 32.60  ? 17   DA  F N7    1 
ATOM   1311 C  C5    . DA  F 1 5  ? 13.211  5.149   4.954   1.00 32.07  ? 17   DA  F C5    1 
ATOM   1312 C  C6    . DA  F 1 5  ? 12.635  4.070   5.587   1.00 35.08  ? 17   DA  F C6    1 
ATOM   1313 N  N6    . DA  F 1 5  ? 11.651  3.391   5.046   1.00 25.80  ? 17   DA  F N6    1 
ATOM   1314 N  N1    . DA  F 1 5  ? 13.127  3.675   6.792   1.00 41.13  ? 17   DA  F N1    1 
ATOM   1315 C  C2    . DA  F 1 5  ? 14.185  4.345   7.296   1.00 32.69  ? 17   DA  F C2    1 
ATOM   1316 N  N3    . DA  F 1 5  ? 14.836  5.390   6.760   1.00 41.52  ? 17   DA  F N3    1 
ATOM   1317 C  C4    . DA  F 1 5  ? 14.294  5.737   5.566   1.00 36.19  ? 17   DA  F C4    1 
ATOM   1318 P  P     . DC  F 1 6  ? 19.647  8.372   4.257   1.00 89.19  ? 18   DC  F P     1 
ATOM   1319 O  OP1   . DC  F 1 6  ? 20.803  8.975   4.959   1.00 93.79  ? 18   DC  F OP1   1 
ATOM   1320 O  OP2   . DC  F 1 6  ? 19.654  8.248   2.767   1.00 95.63  ? 18   DC  F OP2   1 
ATOM   1321 O  "O5'" . DC  F 1 6  ? 19.380  6.942   4.900   1.00 75.03  ? 18   DC  F "O5'" 1 
ATOM   1322 C  "C5'" . DC  F 1 6  ? 18.809  6.823   6.190   1.00 69.70  ? 18   DC  F "C5'" 1 
ATOM   1323 C  "C4'" . DC  F 1 6  ? 18.885  5.388   6.643   1.00 68.91  ? 18   DC  F "C4'" 1 
ATOM   1324 O  "O4'" . DC  F 1 6  ? 17.674  4.683   6.276   1.00 65.23  ? 18   DC  F "O4'" 1 
ATOM   1325 C  "C3'" . DC  F 1 6  ? 20.034  4.624   5.993   1.00 69.58  ? 18   DC  F "C3'" 1 
ATOM   1326 O  "O3'" . DC  F 1 6  ? 20.711  3.866   6.995   1.00 62.77  ? 18   DC  F "O3'" 1 
ATOM   1327 C  "C2'" . DC  F 1 6  ? 19.340  3.751   4.951   1.00 62.82  ? 18   DC  F "C2'" 1 
ATOM   1328 C  "C1'" . DC  F 1 6  ? 17.999  3.474   5.607   1.00 58.18  ? 18   DC  F "C1'" 1 
ATOM   1329 N  N1    . DC  F 1 6  ? 16.863  3.146   4.716   1.00 40.87  ? 18   DC  F N1    1 
ATOM   1330 C  C2    . DC  F 1 6  ? 15.973  2.139   5.096   1.00 32.51  ? 18   DC  F C2    1 
ATOM   1331 O  O2    . DC  F 1 6  ? 16.208  1.464   6.089   1.00 34.38  ? 18   DC  F O2    1 
ATOM   1332 N  N3    . DC  F 1 6  ? 14.881  1.906   4.364   1.00 32.17  ? 18   DC  F N3    1 
ATOM   1333 C  C4    . DC  F 1 6  ? 14.668  2.597   3.248   1.00 27.18  ? 18   DC  F C4    1 
ATOM   1334 N  N4    . DC  F 1 6  ? 13.588  2.301   2.566   1.00 24.70  ? 18   DC  F N4    1 
ATOM   1335 C  C5    . DC  F 1 6  ? 15.566  3.602   2.794   1.00 26.88  ? 18   DC  F C5    1 
ATOM   1336 C  C6    . DC  F 1 6  ? 16.654  3.842   3.554   1.00 28.64  ? 18   DC  F C6    1 
ATOM   1337 P  P     . DG  F 1 7  ? 21.864  2.860   6.565   1.00 62.41  ? 19   DG  F P     1 
ATOM   1338 O  OP1   . DG  F 1 7  ? 22.890  2.870   7.641   1.00 71.88  ? 19   DG  F OP1   1 
ATOM   1339 O  OP2   . DG  F 1 7  ? 22.212  3.189   5.156   1.00 56.24  ? 19   DG  F OP2   1 
ATOM   1340 O  "O5'" . DG  F 1 7  ? 21.231  1.421   6.651   1.00 51.09  ? 19   DG  F "O5'" 1 
ATOM   1341 C  "C5'" . DG  F 1 7  ? 20.460  1.049   7.764   1.00 50.11  ? 19   DG  F "C5'" 1 
ATOM   1342 C  "C4'" . DG  F 1 7  ? 20.084  -0.400  7.629   1.00 56.17  ? 19   DG  F "C4'" 1 
ATOM   1343 O  "O4'" . DG  F 1 7  ? 18.916  -0.572  6.803   1.00 56.82  ? 19   DG  F "O4'" 1 
ATOM   1344 C  "C3'" . DG  F 1 7  ? 21.181  -1.184  6.921   1.00 60.72  ? 19   DG  F "C3'" 1 
ATOM   1345 O  "O3'" . DG  F 1 7  ? 21.135  -2.506  7.419   1.00 67.06  ? 19   DG  F "O3'" 1 
ATOM   1346 C  "C2'" . DG  F 1 7  ? 20.740  -1.178  5.470   1.00 49.35  ? 19   DG  F "C2'" 1 
ATOM   1347 C  "C1'" . DG  F 1 7  ? 19.250  -1.320  5.639   1.00 51.05  ? 19   DG  F "C1'" 1 
ATOM   1348 N  N9    . DG  F 1 7  ? 18.541  -0.719  4.526   1.00 49.13  ? 19   DG  F N9    1 
ATOM   1349 C  C8    . DG  F 1 7  ? 18.911  0.376   3.787   1.00 43.15  ? 19   DG  F C8    1 
ATOM   1350 N  N7    . DG  F 1 7  ? 18.088  0.619   2.809   1.00 46.96  ? 19   DG  F N7    1 
ATOM   1351 C  C5    . DG  F 1 7  ? 17.117  -0.362  2.942   1.00 40.13  ? 19   DG  F C5    1 
ATOM   1352 C  C6    . DG  F 1 7  ? 15.982  -0.596  2.193   1.00 36.44  ? 19   DG  F C6    1 
ATOM   1353 O  O6    . DG  F 1 7  ? 15.545  0.056   1.210   1.00 43.81  ? 19   DG  F O6    1 
ATOM   1354 N  N1    . DG  F 1 7  ? 15.293  -1.695  2.659   1.00 30.20  ? 19   DG  F N1    1 
ATOM   1355 C  C2    . DG  F 1 7  ? 15.630  -2.442  3.752   1.00 41.10  ? 19   DG  F C2    1 
ATOM   1356 N  N2    . DG  F 1 7  ? 14.820  -3.491  4.068   1.00 32.90  ? 19   DG  F N2    1 
ATOM   1357 N  N3    . DG  F 1 7  ? 16.686  -2.196  4.484   1.00 33.54  ? 19   DG  F N3    1 
ATOM   1358 C  C4    . DG  F 1 7  ? 17.382  -1.168  4.008   1.00 36.23  ? 19   DG  F C4    1 
ATOM   1359 P  P     . DT  F 1 8  ? 22.198  -3.555  6.915   1.00 79.22  ? 20   DT  F P     1 
ATOM   1360 O  OP1   . DT  F 1 8  ? 23.085  -3.670  8.113   1.00 81.86  ? 20   DT  F OP1   1 
ATOM   1361 O  OP2   . DT  F 1 8  ? 22.740  -3.116  5.578   1.00 68.89  ? 20   DT  F OP2   1 
ATOM   1362 O  "O5'" . DT  F 1 8  ? 21.333  -4.860  6.720   1.00 67.67  ? 20   DT  F "O5'" 1 
ATOM   1363 C  "C5'" . DT  F 1 8  ? 20.400  -5.234  7.697   1.00 60.16  ? 20   DT  F "C5'" 1 
ATOM   1364 C  "C4'" . DT  F 1 8  ? 19.366  -6.134  7.074   1.00 59.61  ? 20   DT  F "C4'" 1 
ATOM   1365 O  "O4'" . DT  F 1 8  ? 18.803  -5.414  5.959   1.00 56.55  ? 20   DT  F "O4'" 1 
ATOM   1366 C  "C3'" . DT  F 1 8  ? 19.954  -7.420  6.480   1.00 54.97  ? 20   DT  F "C3'" 1 
ATOM   1367 O  "O3'" . DT  F 1 8  ? 19.147  -8.540  6.802   1.00 47.38  ? 20   DT  F "O3'" 1 
ATOM   1368 C  "C2'" . DT  F 1 8  ? 19.944  -7.171  4.984   1.00 52.47  ? 20   DT  F "C2'" 1 
ATOM   1369 C  "C1'" . DT  F 1 8  ? 18.745  -6.267  4.849   1.00 47.72  ? 20   DT  F "C1'" 1 
ATOM   1370 N  N1    . DT  F 1 8  ? 18.660  -5.400  3.661   1.00 41.74  ? 20   DT  F N1    1 
ATOM   1371 C  C2    . DT  F 1 8  ? 17.482  -5.442  2.965   1.00 29.98  ? 20   DT  F C2    1 
ATOM   1372 O  O2    . DT  F 1 8  ? 16.603  -6.208  3.249   1.00 32.78  ? 20   DT  F O2    1 
ATOM   1373 N  N3    . DT  F 1 8  ? 17.378  -4.563  1.967   1.00 24.63  ? 20   DT  F N3    1 
ATOM   1374 C  C4    . DT  F 1 8  ? 18.302  -3.650  1.602   1.00 30.57  ? 20   DT  F C4    1 
ATOM   1375 O  O4    . DT  F 1 8  ? 18.056  -2.866  0.718   1.00 35.15  ? 20   DT  F O4    1 
ATOM   1376 C  C5    . DT  F 1 8  ? 19.532  -3.682  2.331   1.00 38.33  ? 20   DT  F C5    1 
ATOM   1377 C  C7    . DT  F 1 8  ? 20.593  -2.699  1.974   1.00 45.91  ? 20   DT  F C7    1 
ATOM   1378 C  C6    . DT  F 1 8  ? 19.667  -4.564  3.305   1.00 31.01  ? 20   DT  F C6    1 
ATOM   1379 P  P     . DC  F 1 9  ? 19.700  -10.007 6.480   1.00 65.18  ? 21   DC  F P     1 
ATOM   1380 O  OP1   . DC  F 1 9  ? 19.593  -10.885 7.654   1.00 63.16  ? 21   DC  F OP1   1 
ATOM   1381 O  OP2   . DC  F 1 9  ? 21.028  -9.737  5.858   1.00 63.67  ? 21   DC  F OP2   1 
ATOM   1382 O  "O5'" . DC  F 1 9  ? 18.627  -10.582 5.477   1.00 68.44  ? 21   DC  F "O5'" 1 
ATOM   1383 C  "C5'" . DC  F 1 9  ? 17.254  -10.334 5.722   1.00 67.47  ? 21   DC  F "C5'" 1 
ATOM   1384 C  "C4'" . DC  F 1 9  ? 16.512  -10.417 4.425   1.00 65.93  ? 21   DC  F "C4'" 1 
ATOM   1385 O  "O4'" . DC  F 1 9  ? 16.876  -9.285  3.598   1.00 65.48  ? 21   DC  F "O4'" 1 
ATOM   1386 C  "C3'" . DC  F 1 9  ? 16.982  -11.657 3.670   1.00 74.19  ? 21   DC  F "C3'" 1 
ATOM   1387 O  "O3'" . DC  F 1 9  ? 15.871  -12.455 3.307   1.00 77.98  ? 21   DC  F "O3'" 1 
ATOM   1388 C  "C2'" . DC  F 1 9  ? 17.676  -11.110 2.434   1.00 69.90  ? 21   DC  F "C2'" 1 
ATOM   1389 C  "C1'" . DC  F 1 9  ? 16.999  -9.774  2.277   1.00 60.23  ? 21   DC  F "C1'" 1 
ATOM   1390 N  N1    . DC  F 1 9  ? 17.767  -8.805  1.508   1.00 54.14  ? 21   DC  F N1    1 
ATOM   1391 C  C2    . DC  F 1 9  ? 17.226  -8.335  0.335   1.00 48.09  ? 21   DC  F C2    1 
ATOM   1392 O  O2    . DC  F 1 9  ? 16.160  -8.786  -0.025  1.00 39.35  ? 21   DC  F O2    1 
ATOM   1393 N  N3    . DC  F 1 9  ? 17.869  -7.404  -0.380  1.00 40.80  ? 21   DC  F N3    1 
ATOM   1394 C  C4    . DC  F 1 9  ? 19.026  -6.934  0.063   1.00 52.08  ? 21   DC  F C4    1 
ATOM   1395 N  N4    . DC  F 1 9  ? 19.622  -5.974  -0.650  1.00 57.93  ? 21   DC  F N4    1 
ATOM   1396 C  C5    . DC  F 1 9  ? 19.631  -7.422  1.268   1.00 46.54  ? 21   DC  F C5    1 
ATOM   1397 C  C6    . DC  F 1 9  ? 18.975  -8.360  1.940   1.00 47.34  ? 21   DC  F C6    1 
ATOM   1398 P  P     . DT  F 1 10 ? 16.122  -13.899 2.708   1.00 72.51  ? 22   DT  F P     1 
ATOM   1399 O  OP1   . DT  F 1 10 ? 15.146  -14.843 3.311   1.00 67.07  ? 22   DT  F OP1   1 
ATOM   1400 O  OP2   . DT  F 1 10 ? 17.586  -14.164 2.766   1.00 72.03  ? 22   DT  F OP2   1 
ATOM   1401 O  "O5'" . DT  F 1 10 ? 15.690  -13.690 1.215   1.00 79.05  ? 22   DT  F "O5'" 1 
ATOM   1402 C  "C5'" . DT  F 1 10 ? 14.471  -13.068 0.950   1.00 74.33  ? 22   DT  F "C5'" 1 
ATOM   1403 C  "C4'" . DT  F 1 10 ? 14.346  -12.915 -0.533  1.00 69.35  ? 22   DT  F "C4'" 1 
ATOM   1404 O  "O4'" . DT  F 1 10 ? 15.249  -11.878 -0.959  1.00 64.71  ? 22   DT  F "O4'" 1 
ATOM   1405 C  "C3'" . DT  F 1 10 ? 14.843  -14.188 -1.202  1.00 74.49  ? 22   DT  F "C3'" 1 
ATOM   1406 O  "O3'" . DT  F 1 10 ? 14.008  -14.409 -2.320  1.00 82.00  ? 22   DT  F "O3'" 1 
ATOM   1407 C  "C2'" . DT  F 1 10 ? 16.258  -13.836 -1.623  1.00 68.96  ? 22   DT  F "C2'" 1 
ATOM   1408 C  "C1'" . DT  F 1 10 ? 16.043  -12.397 -2.000  1.00 64.32  ? 22   DT  F "C1'" 1 
ATOM   1409 N  N1    . DT  F 1 10 ? 17.220  -11.565 -2.103  1.00 43.84  ? 22   DT  F N1    1 
ATOM   1410 C  C2    . DT  F 1 10 ? 17.154  -10.559 -3.009  1.00 41.16  ? 22   DT  F C2    1 
ATOM   1411 O  O2    . DT  F 1 10 ? 16.197  -10.414 -3.737  1.00 41.09  ? 22   DT  F O2    1 
ATOM   1412 N  N3    . DT  F 1 10 ? 18.255  -9.740  -3.038  1.00 38.42  ? 22   DT  F N3    1 
ATOM   1413 C  C4    . DT  F 1 10 ? 19.391  -9.888  -2.249  1.00 26.76  ? 22   DT  F C4    1 
ATOM   1414 O  O4    . DT  F 1 10 ? 20.318  -9.114  -2.314  1.00 22.59  ? 22   DT  F O4    1 
ATOM   1415 C  C5    . DT  F 1 10 ? 19.401  -10.970 -1.383  1.00 40.32  ? 22   DT  F C5    1 
ATOM   1416 C  C7    . DT  F 1 10 ? 20.643  -11.178 -0.583  1.00 44.90  ? 22   DT  F C7    1 
ATOM   1417 C  C6    . DT  F 1 10 ? 18.325  -11.761 -1.325  1.00 39.85  ? 22   DT  F C6    1 
ATOM   1418 P  P     . DG  F 1 11 ? 13.458  -15.874 -2.610  1.00 77.37  ? 23   DG  F P     1 
ATOM   1419 O  OP1   . DG  F 1 11 ? 12.263  -16.096 -1.758  1.00 70.05  ? 23   DG  F OP1   1 
ATOM   1420 O  OP2   . DG  F 1 11 ? 14.665  -16.741 -2.447  1.00 78.73  ? 23   DG  F OP2   1 
ATOM   1421 O  "O5'" . DG  F 1 11 ? 13.023  -15.760 -4.141  1.00 82.90  ? 23   DG  F "O5'" 1 
ATOM   1422 C  "C5'" . DG  F 1 11 ? 12.289  -14.618 -4.591  1.00 76.01  ? 23   DG  F "C5'" 1 
ATOM   1423 C  "C4'" . DG  F 1 11 ? 12.886  -14.037 -5.858  1.00 71.73  ? 23   DG  F "C4'" 1 
ATOM   1424 O  "O4'" . DG  F 1 11 ? 14.176  -13.445 -5.591  1.00 63.92  ? 23   DG  F "O4'" 1 
ATOM   1425 C  "C3'" . DG  F 1 11 ? 13.091  -15.014 -7.016  1.00 66.34  ? 23   DG  F "C3'" 1 
ATOM   1426 O  "O3'" . DG  F 1 11 ? 12.565  -14.460 -8.250  1.00 63.48  ? 23   DG  F "O3'" 1 
ATOM   1427 C  "C2'" . DG  F 1 11 ? 14.594  -15.213 -7.035  1.00 56.39  ? 23   DG  F "C2'" 1 
ATOM   1428 C  "C1'" . DG  F 1 11 ? 15.103  -13.869 -6.559  1.00 60.97  ? 23   DG  F "C1'" 1 
ATOM   1429 N  N9    . DG  F 1 11 ? 16.407  -13.868 -5.906  1.00 39.74  ? 23   DG  F N9    1 
ATOM   1430 C  C8    . DG  F 1 11 ? 16.915  -14.837 -5.057  1.00 41.33  ? 23   DG  F C8    1 
ATOM   1431 N  N7    . DG  F 1 11 ? 18.059  -14.492 -4.507  1.00 41.18  ? 23   DG  F N7    1 
ATOM   1432 C  C5    . DG  F 1 11 ? 18.341  -13.233 -5.048  1.00 40.41  ? 23   DG  F C5    1 
ATOM   1433 C  C6    . DG  F 1 11 ? 19.513  -12.406 -4.911  1.00 39.80  ? 23   DG  F C6    1 
ATOM   1434 O  O6    . DG  F 1 11 ? 20.537  -12.612 -4.203  1.00 45.47  ? 23   DG  F O6    1 
ATOM   1435 N  N1    . DG  F 1 11 ? 19.456  -11.278 -5.733  1.00 33.16  ? 23   DG  F N1    1 
ATOM   1436 C  C2    . DG  F 1 11 ? 18.433  -11.005 -6.620  1.00 37.22  ? 23   DG  F C2    1 
ATOM   1437 N  N2    . DG  F 1 11 ? 18.605  -9.901  -7.382  1.00 37.70  ? 23   DG  F N2    1 
ATOM   1438 N  N3    . DG  F 1 11 ? 17.325  -11.766 -6.769  1.00 35.59  ? 23   DG  F N3    1 
ATOM   1439 C  C4    . DG  F 1 11 ? 17.351  -12.852 -5.951  1.00 40.15  ? 23   DG  F C4    1 
ATOM   1440 P  P     . DC  F 1 12 ? 12.334  -15.428 -9.532  1.00 66.52  ? 24   DC  F P     1 
ATOM   1441 O  OP1   . DC  F 1 12 ? 11.080  -15.078 -10.218 1.00 61.80  ? 24   DC  F OP1   1 
ATOM   1442 O  OP2   . DC  F 1 12 ? 12.512  -16.814 -9.034  1.00 63.80  ? 24   DC  F OP2   1 
ATOM   1443 O  "O5'" . DC  F 1 12 ? 13.509  -14.951 -10.513 1.00 49.20  ? 24   DC  F "O5'" 1 
ATOM   1444 C  "C5'" . DC  F 1 12 ? 13.375  -13.696 -11.163 1.00 45.71  ? 24   DC  F "C5'" 1 
ATOM   1445 C  "C4'" . DC  F 1 12 ? 14.704  -13.176 -11.656 1.00 46.70  ? 24   DC  F "C4'" 1 
ATOM   1446 O  "O4'" . DC  F 1 12 ? 15.677  -13.051 -10.592 1.00 48.77  ? 24   DC  F "O4'" 1 
ATOM   1447 C  "C3'" . DC  F 1 12 ? 15.365  -14.004 -12.758 1.00 52.97  ? 24   DC  F "C3'" 1 
ATOM   1448 O  "O3'" . DC  F 1 12 ? 15.960  -13.072 -13.654 1.00 62.34  ? 24   DC  F "O3'" 1 
ATOM   1449 C  "C2'" . DC  F 1 12 ? 16.525  -14.670 -12.036 1.00 57.95  ? 24   DC  F "C2'" 1 
ATOM   1450 C  "C1'" . DC  F 1 12 ? 16.917  -13.572 -11.049 1.00 56.95  ? 24   DC  F "C1'" 1 
ATOM   1451 N  N1    . DC  F 1 12 ? 17.668  -14.087 -9.889  1.00 51.88  ? 24   DC  F N1    1 
ATOM   1452 C  C2    . DC  F 1 12 ? 18.888  -13.482 -9.529  1.00 54.10  ? 24   DC  F C2    1 
ATOM   1453 O  O2    . DC  F 1 12 ? 19.287  -12.499 -10.190 1.00 52.82  ? 24   DC  F O2    1 
ATOM   1454 N  N3    . DC  F 1 12 ? 19.591  -13.984 -8.480  1.00 51.97  ? 24   DC  F N3    1 
ATOM   1455 C  C4    . DC  F 1 12 ? 19.116  -15.059 -7.820  1.00 55.53  ? 24   DC  F C4    1 
ATOM   1456 N  N4    . DC  F 1 12 ? 19.840  -15.588 -6.799  1.00 46.12  ? 24   DC  F N4    1 
ATOM   1457 C  C5    . DC  F 1 12 ? 17.872  -15.669 -8.166  1.00 52.29  ? 24   DC  F C5    1 
ATOM   1458 C  C6    . DC  F 1 12 ? 17.192  -15.152 -9.187  1.00 44.54  ? 24   DC  F C6    1 
HETATM 1459 CO CO    . NCO G 2 .  ? -1.681  5.227   5.440   1.00 63.82  ? 2505 NCO A CO    1 
HETATM 1460 N  N1    . NCO G 2 .  ? -1.100  6.390   6.888   1.00 64.83  ? 2505 NCO A N1    1 
HETATM 1461 N  N2    . NCO G 2 .  ? -2.359  4.108   3.954   1.00 71.12  ? 2505 NCO A N2    1 
HETATM 1462 N  N3    . NCO G 2 .  ? 0.198   4.839   4.904   1.00 55.47  ? 2505 NCO A N3    1 
HETATM 1463 N  N4    . NCO G 2 .  ? -1.582  6.759   4.229   1.00 49.30  ? 2505 NCO A N4    1 
HETATM 1464 N  N5    . NCO G 2 .  ? -3.556  5.612   5.814   1.00 69.82  ? 2505 NCO A N5    1 
HETATM 1465 N  N6    . NCO G 2 .  ? -1.734  3.664   6.583   1.00 55.15  ? 2505 NCO A N6    1 
HETATM 1466 MG MG    . MG  H 3 .  ? -14.484 5.906   -5.344  1.00 51.86  ? 2383 MG  B MG    1 
HETATM 1467 CO CO    . NCO I 2 .  ? 2.979   -2.132  -1.905  1.00 64.69  ? 2507 NCO C CO    1 
HETATM 1468 N  N1    . NCO I 2 .  ? 4.629   -3.032  -2.299  1.00 61.67  ? 2507 NCO C N1    1 
HETATM 1469 N  N2    . NCO I 2 .  ? 1.223   -1.165  -1.533  1.00 55.79  ? 2507 NCO C N2    1 
HETATM 1470 N  N3    . NCO I 2 .  ? 3.552   -1.611  -0.093  1.00 53.88  ? 2507 NCO C N3    1 
HETATM 1471 N  N4    . NCO I 2 .  ? 2.273   -3.792  -1.124  1.00 50.02  ? 2507 NCO C N4    1 
HETATM 1472 N  N5    . NCO I 2 .  ? 2.323   -2.613  -3.723  1.00 73.84  ? 2507 NCO C N5    1 
HETATM 1473 N  N6    . NCO I 2 .  ? 3.574   -0.434  -2.652  1.00 56.49  ? 2507 NCO C N6    1 
HETATM 1474 CO CO    . NCO J 2 .  ? 6.342   2.944   4.905   1.00 72.74  ? 2506 NCO F CO    1 
HETATM 1475 N  N1    . NCO J 2 .  ? 6.602   1.848   3.318   1.00 64.73  ? 2506 NCO F N1    1 
HETATM 1476 N  N2    . NCO J 2 .  ? 6.139   4.034   6.563   1.00 73.68  ? 2506 NCO F N2    1 
HETATM 1477 N  N3    . NCO J 2 .  ? 6.801   1.463   6.079   1.00 83.46  ? 2506 NCO F N3    1 
HETATM 1478 N  N4    . NCO J 2 .  ? 4.463   2.443   5.011   1.00 77.70  ? 2506 NCO F N4    1 
HETATM 1479 N  N5    . NCO J 2 .  ? 5.857   4.521   3.761   1.00 88.98  ? 2506 NCO F N5    1 
HETATM 1480 N  N6    . NCO J 2 .  ? 8.226   3.541   4.888   1.00 76.37  ? 2506 NCO F N6    1 
HETATM 1481 O  O     . HOH K 4 .  ? -2.264  2.704   9.407   1.00 75.44  ? 2512 HOH A O     1 
HETATM 1482 O  O     . HOH K 4 .  ? -13.194 0.904   5.018   1.00 72.55  ? 2524 HOH A O     1 
HETATM 1483 O  O     . HOH K 4 .  ? -3.070  -4.447  6.342   1.00 70.00  ? 2531 HOH A O     1 
HETATM 1484 O  O     . HOH K 4 .  ? -10.028 -3.758  5.961   1.00 77.73  ? 2543 HOH A O     1 
HETATM 1485 O  O     . HOH K 4 .  ? -3.896  -5.481  -0.360  1.00 75.04  ? 2546 HOH A O     1 
HETATM 1486 O  O     . HOH K 4 .  ? 1.383   4.701   8.066   1.00 71.31  ? 2553 HOH A O     1 
HETATM 1487 O  O     . HOH K 4 .  ? -20.677 11.463  1.417   1.00 87.15  ? 2554 HOH A O     1 
HETATM 1488 O  O     . HOH K 4 .  ? -10.335 17.670  1.047   1.00 80.59  ? 2562 HOH A O     1 
HETATM 1489 O  O     . HOH K 4 .  ? 4.970   2.987   9.418   1.00 84.15  ? 2571 HOH A O     1 
HETATM 1490 O  O     . HOH K 4 .  ? -4.736  3.539   1.581   1.00 58.14  ? 2610 HOH A O     1 
HETATM 1491 O  O     . HOH K 4 .  ? -9.842  18.316  -3.411  1.00 142.21 ? 2634 HOH A O     1 
HETATM 1492 O  O     . HOH K 4 .  ? -14.788 6.386   -3.456  1.00 67.89  ? 2646 HOH A O     1 
HETATM 1493 O  O     . HOH K 4 .  ? -12.468 5.632   -4.911  1.00 66.96  ? 2647 HOH A O     1 
HETATM 1494 O  O     . HOH K 4 .  ? -14.660 3.929   -4.776  1.00 64.24  ? 2649 HOH A O     1 
HETATM 1495 O  O     . HOH L 4 .  ? -11.447 13.328  3.475   1.00 109.52 ? 2511 HOH B O     1 
HETATM 1496 O  O     . HOH L 4 .  ? -22.450 17.452  -6.099  1.00 80.91  ? 2518 HOH B O     1 
HETATM 1497 O  O     . HOH L 4 .  ? -4.757  8.429   -4.104  1.00 76.89  ? 2519 HOH B O     1 
HETATM 1498 O  O     . HOH L 4 .  ? -7.353  -5.021  6.361   1.00 100.98 ? 2575 HOH B O     1 
HETATM 1499 O  O     . HOH L 4 .  ? -13.661 3.626   7.322   1.00 77.48  ? 2606 HOH B O     1 
HETATM 1500 O  O     . HOH L 4 .  ? -10.637 14.267  -8.993  1.00 81.24  ? 2632 HOH B O     1 
HETATM 1501 O  O     . HOH L 4 .  ? -14.091 5.363   -7.313  1.00 66.28  ? 2645 HOH B O     1 
HETATM 1502 O  O     . HOH L 4 .  ? -16.477 6.006   -5.839  1.00 61.80  ? 2648 HOH B O     1 
HETATM 1503 O  O     . HOH L 4 .  ? -14.099 7.930   -5.821  1.00 61.09  ? 2650 HOH B O     1 
HETATM 1504 O  O     . HOH M 4 .  ? 3.531   7.342   2.561   1.00 81.42  ? 2528 HOH C O     1 
HETATM 1505 O  O     . HOH M 4 .  ? -8.212  0.102   -13.685 1.00 114.60 ? 2534 HOH C O     1 
HETATM 1506 O  O     . HOH M 4 .  ? -9.003  -11.682 -11.825 1.00 95.43  ? 2555 HOH C O     1 
HETATM 1507 O  O     . HOH M 4 .  ? -12.316 -0.858  -11.477 1.00 93.65  ? 2615 HOH C O     1 
HETATM 1508 O  O     . HOH M 4 .  ? -6.501  -4.638  -19.268 1.00 106.49 ? 2625 HOH C O     1 
HETATM 1509 O  O     . HOH M 4 .  ? -5.790  -0.022  -12.484 1.00 123.22 ? 2631 HOH C O     1 
HETATM 1510 O  O     . HOH M 4 .  ? -6.785  -17.698 3.325   1.00 122.58 ? 2635 HOH C O     1 
HETATM 1511 O  O     . HOH M 4 .  ? -0.826  -3.213  -2.441  1.00 76.24  ? 2636 HOH C O     1 
HETATM 1512 O  O     . HOH N 4 .  ? -1.222  -14.083 -5.905  1.00 109.55 ? 2537 HOH D O     1 
HETATM 1513 O  O     . HOH N 4 .  ? -4.821  10.123  -19.176 1.00 165.63 ? 2547 HOH D O     1 
HETATM 1514 O  O     . HOH N 4 .  ? -4.304  5.728   -17.672 1.00 91.97  ? 2567 HOH D O     1 
HETATM 1515 O  O     . HOH N 4 .  ? -12.550 -8.223  -4.406  1.00 74.60  ? 2581 HOH D O     1 
HETATM 1516 O  O     . HOH N 4 .  ? 0.470   5.582   -18.974 1.00 127.09 ? 2585 HOH D O     1 
HETATM 1517 O  O     . HOH N 4 .  ? -2.107  1.532   -12.036 1.00 85.67  ? 2620 HOH D O     1 
HETATM 1518 O  O     . HOH N 4 .  ? -1.943  -1.597  -17.923 1.00 101.67 ? 2624 HOH D O     1 
HETATM 1519 O  O     . HOH N 4 .  ? -1.571  16.305  -12.413 1.00 110.75 ? 2630 HOH D O     1 
HETATM 1520 O  O     . HOH N 4 .  ? -1.505  -10.453 -9.594  1.00 112.02 ? 2637 HOH D O     1 
HETATM 1521 O  O     . HOH N 4 .  ? -9.766  -15.617 2.559   1.00 104.78 ? 2638 HOH D O     1 
HETATM 1522 O  O     . HOH N 4 .  ? -2.701  -4.105  -12.315 1.00 104.37 ? 2639 HOH D O     1 
HETATM 1523 O  O     . HOH N 4 .  ? -4.887  10.163  -15.361 1.00 107.70 ? 2641 HOH D O     1 
HETATM 1524 O  O     . HOH O 4 .  ? 8.512   -1.654  11.671  1.00 89.32  ? 2522 HOH E O     1 
HETATM 1525 O  O     . HOH O 4 .  ? 11.538  1.229   15.399  1.00 93.10  ? 2576 HOH E O     1 
HETATM 1526 O  O     . HOH O 4 .  ? 13.506  10.657  10.009  1.00 123.61 ? 2603 HOH E O     1 
HETATM 1527 O  O     . HOH O 4 .  ? 8.094   4.231   14.897  1.00 91.89  ? 2640 HOH E O     1 
HETATM 1528 O  O     . HOH O 4 .  ? 7.364   0.768   10.639  1.00 96.05  ? 2642 HOH E O     1 
HETATM 1529 O  O     . HOH P 4 .  ? 15.981  -10.174 -8.871  1.00 87.65  ? 2509 HOH F O     1 
HETATM 1530 O  O     . HOH P 4 .  ? 11.067  5.164   1.493   1.00 78.00  ? 2527 HOH F O     1 
HETATM 1531 O  O     . HOH P 4 .  ? 22.763  -5.277  3.796   1.00 71.41  ? 2536 HOH F O     1 
HETATM 1532 O  O     . HOH P 4 .  ? 13.718  -16.026 5.863   1.00 117.01 ? 2601 HOH F O     1 
HETATM 1533 O  O     . HOH P 4 .  ? 7.760   6.665   18.848  1.00 81.97  ? 2611 HOH F O     1 
HETATM 1534 O  O     . HOH P 4 .  ? 4.530   12.516  9.702   1.00 96.78  ? 2621 HOH F O     1 
HETATM 1535 O  O     . HOH P 4 .  ? 15.593  8.898   8.494   1.00 96.62  ? 2643 HOH F O     1 
HETATM 1536 O  O     . HOH P 4 .  ? 14.142  -7.485  4.740   1.00 111.66 ? 2644 HOH F O     1 
# 
loop_
_pdbx_poly_seq_scheme.asym_id 
_pdbx_poly_seq_scheme.entity_id 
_pdbx_poly_seq_scheme.seq_id 
_pdbx_poly_seq_scheme.mon_id 
_pdbx_poly_seq_scheme.ndb_seq_num 
_pdbx_poly_seq_scheme.pdb_seq_num 
_pdbx_poly_seq_scheme.auth_seq_num 
_pdbx_poly_seq_scheme.pdb_mon_id 
_pdbx_poly_seq_scheme.auth_mon_id 
_pdbx_poly_seq_scheme.pdb_strand_id 
_pdbx_poly_seq_scheme.pdb_ins_code 
_pdbx_poly_seq_scheme.hetero 
A 1 1  DG 1  1  1  DG G A . n 
A 1 2  DC 2  2  2  DC C A . n 
A 1 3  DA 3  3  3  DA A A . n 
A 1 4  DG 4  4  4  DG G A . n 
A 1 5  DA 5  5  5  DA A A . n 
A 1 6  DC 6  6  6  DC C A . n 
A 1 7  DG 7  7  7  DG G A . n 
A 1 8  DT 8  8  8  DT T A . n 
A 1 9  DC 9  9  9  DC C A . n 
A 1 10 DT 10 10 10 DT T A . n 
A 1 11 DG 11 11 11 DG G A . n 
A 1 12 DC 12 12 12 DC C A . n 
B 1 1  DG 1  13 13 DG G B . n 
B 1 2  DC 2  14 14 DC C B . n 
B 1 3  DA 3  15 15 DA A B . n 
B 1 4  DG 4  16 16 DG G B . n 
B 1 5  DA 5  17 17 DA A B . n 
B 1 6  DC 6  18 18 DC C B . n 
B 1 7  DG 7  19 19 DG G B . n 
B 1 8  DT 8  20 20 DT T B . n 
B 1 9  DC 9  21 21 DC C B . n 
B 1 10 DT 10 22 22 DT T B . n 
B 1 11 DG 11 23 23 DG G B . n 
B 1 12 DC 12 24 24 DC C B . n 
C 1 1  DG 1  1  1  DG G C . n 
C 1 2  DC 2  2  2  DC C C . n 
C 1 3  DA 3  3  3  DA A C . n 
C 1 4  DG 4  4  4  DG G C . n 
C 1 5  DA 5  5  5  DA A C . n 
C 1 6  DC 6  6  6  DC C C . n 
C 1 7  DG 7  7  7  DG G C . n 
C 1 8  DT 8  8  8  DT T C . n 
C 1 9  DC 9  9  9  DC C C . n 
C 1 10 DT 10 10 10 DT T C . n 
C 1 11 DG 11 11 11 DG G C . n 
C 1 12 DC 12 12 12 DC C C . n 
D 1 1  DG 1  13 13 DG G D . n 
D 1 2  DC 2  14 14 DC C D . n 
D 1 3  DA 3  15 15 DA A D . n 
D 1 4  DG 4  16 16 DG G D . n 
D 1 5  DA 5  17 17 DA A D . n 
D 1 6  DC 6  18 18 DC C D . n 
D 1 7  DG 7  19 19 DG G D . n 
D 1 8  DT 8  20 20 DT T D . n 
D 1 9  DC 9  21 21 DC C D . n 
D 1 10 DT 10 22 22 DT T D . n 
D 1 11 DG 11 23 23 DG G D . n 
D 1 12 DC 12 24 24 DC C D . n 
E 1 1  DG 1  1  1  DG G E . n 
E 1 2  DC 2  2  2  DC C E . n 
E 1 3  DA 3  3  3  DA A E . n 
E 1 4  DG 4  4  4  DG G E . n 
E 1 5  DA 5  5  5  DA A E . n 
E 1 6  DC 6  6  6  DC C E . n 
E 1 7  DG 7  7  7  DG G E . n 
E 1 8  DT 8  8  8  DT T E . n 
E 1 9  DC 9  9  9  DC C E . n 
E 1 10 DT 10 10 10 DT T E . n 
E 1 11 DG 11 11 11 DG G E . n 
E 1 12 DC 12 12 12 DC C E . n 
F 1 1  DG 1  13 13 DG G F . n 
F 1 2  DC 2  14 14 DC C F . n 
F 1 3  DA 3  15 15 DA A F . n 
F 1 4  DG 4  16 16 DG G F . n 
F 1 5  DA 5  17 17 DA A F . n 
F 1 6  DC 6  18 18 DC C F . n 
F 1 7  DG 7  19 19 DG G F . n 
F 1 8  DT 8  20 20 DT T F . n 
F 1 9  DC 9  21 21 DC C F . n 
F 1 10 DT 10 22 22 DT T F . n 
F 1 11 DG 11 23 23 DG G F . n 
F 1 12 DC 12 24 24 DC C F . n 
# 
loop_
_pdbx_nonpoly_scheme.asym_id 
_pdbx_nonpoly_scheme.entity_id 
_pdbx_nonpoly_scheme.mon_id 
_pdbx_nonpoly_scheme.ndb_seq_num 
_pdbx_nonpoly_scheme.pdb_seq_num 
_pdbx_nonpoly_scheme.auth_seq_num 
_pdbx_nonpoly_scheme.pdb_mon_id 
_pdbx_nonpoly_scheme.auth_mon_id 
_pdbx_nonpoly_scheme.pdb_strand_id 
_pdbx_nonpoly_scheme.pdb_ins_code 
G 2 NCO 1  2505 2505 NCO NCO A . 
H 3 MG  1  2383 2383 MG  MO6 B . 
I 2 NCO 1  2507 2507 NCO NCO C . 
J 2 NCO 1  2506 2506 NCO NCO F . 
K 4 HOH 1  2512 2512 HOH HOH A . 
K 4 HOH 2  2524 2524 HOH HOH A . 
K 4 HOH 3  2531 2531 HOH HOH A . 
K 4 HOH 4  2543 2543 HOH HOH A . 
K 4 HOH 5  2546 2546 HOH HOH A . 
K 4 HOH 6  2553 2553 HOH HOH A . 
K 4 HOH 7  2554 2554 HOH HOH A . 
K 4 HOH 8  2562 2562 HOH HOH A . 
K 4 HOH 9  2571 2571 HOH HOH A . 
K 4 HOH 10 2610 2610 HOH HOH A . 
K 4 HOH 11 2634 2634 HOH HOH A . 
K 4 HOH 12 2646 2383 HOH MO6 A . 
K 4 HOH 13 2647 2383 HOH MO6 A . 
K 4 HOH 14 2649 2383 HOH MO6 A . 
L 4 HOH 1  2511 2511 HOH HOH B . 
L 4 HOH 2  2518 2518 HOH HOH B . 
L 4 HOH 3  2519 2519 HOH HOH B . 
L 4 HOH 4  2575 2575 HOH HOH B . 
L 4 HOH 5  2606 2606 HOH HOH B . 
L 4 HOH 6  2632 2632 HOH HOH B . 
L 4 HOH 7  2645 2383 HOH MO6 B . 
L 4 HOH 8  2648 2383 HOH MO6 B . 
L 4 HOH 9  2650 2383 HOH MO6 B . 
M 4 HOH 1  2528 2528 HOH HOH C . 
M 4 HOH 2  2534 2534 HOH HOH C . 
M 4 HOH 3  2555 2555 HOH HOH C . 
M 4 HOH 4  2615 2615 HOH HOH C . 
M 4 HOH 5  2625 2625 HOH HOH C . 
M 4 HOH 6  2631 2631 HOH HOH C . 
M 4 HOH 7  2635 2635 HOH HOH C . 
M 4 HOH 8  2636 2636 HOH HOH C . 
N 4 HOH 1  2537 2537 HOH HOH D . 
N 4 HOH 2  2547 2547 HOH HOH D . 
N 4 HOH 3  2567 2567 HOH HOH D . 
N 4 HOH 4  2581 2581 HOH HOH D . 
N 4 HOH 5  2585 2585 HOH HOH D . 
N 4 HOH 6  2620 2620 HOH HOH D . 
N 4 HOH 7  2624 2624 HOH HOH D . 
N 4 HOH 8  2630 2630 HOH HOH D . 
N 4 HOH 9  2637 2637 HOH HOH D . 
N 4 HOH 10 2638 2638 HOH HOH D . 
N 4 HOH 11 2639 2639 HOH HOH D . 
N 4 HOH 12 2641 2641 HOH HOH D . 
O 4 HOH 1  2522 2522 HOH HOH E . 
O 4 HOH 2  2576 2576 HOH HOH E . 
O 4 HOH 3  2603 2603 HOH HOH E . 
O 4 HOH 4  2640 2640 HOH HOH E . 
O 4 HOH 5  2642 2642 HOH HOH E . 
P 4 HOH 1  2509 2509 HOH HOH F . 
P 4 HOH 2  2527 2527 HOH HOH F . 
P 4 HOH 3  2536 2536 HOH HOH F . 
P 4 HOH 4  2601 2601 HOH HOH F . 
P 4 HOH 5  2611 2611 HOH HOH F . 
P 4 HOH 6  2621 2621 HOH HOH F . 
P 4 HOH 7  2643 2643 HOH HOH F . 
P 4 HOH 8  2644 2644 HOH HOH F . 
# 
loop_
_pdbx_struct_assembly.id 
_pdbx_struct_assembly.details 
_pdbx_struct_assembly.method_details 
_pdbx_struct_assembly.oligomeric_details 
_pdbx_struct_assembly.oligomeric_count 
1 author_defined_assembly ? dimeric 2 
2 author_defined_assembly ? dimeric 2 
3 author_defined_assembly ? dimeric 2 
# 
loop_
_pdbx_struct_assembly_gen.assembly_id 
_pdbx_struct_assembly_gen.oper_expression 
_pdbx_struct_assembly_gen.asym_id_list 
1 1 A,B,G,H,K,L 
2 1 C,D,I,M,N   
3 1 E,F,J,O,P   
# 
_pdbx_struct_oper_list.id                   1 
_pdbx_struct_oper_list.type                 'identity operation' 
_pdbx_struct_oper_list.name                 1_555 
_pdbx_struct_oper_list.symmetry_operation   x,y,z 
_pdbx_struct_oper_list.matrix[1][1]         1.0000000000 
_pdbx_struct_oper_list.matrix[1][2]         0.0000000000 
_pdbx_struct_oper_list.matrix[1][3]         0.0000000000 
_pdbx_struct_oper_list.vector[1]            0.0000000000 
_pdbx_struct_oper_list.matrix[2][1]         0.0000000000 
_pdbx_struct_oper_list.matrix[2][2]         1.0000000000 
_pdbx_struct_oper_list.matrix[2][3]         0.0000000000 
_pdbx_struct_oper_list.vector[2]            0.0000000000 
_pdbx_struct_oper_list.matrix[3][1]         0.0000000000 
_pdbx_struct_oper_list.matrix[3][2]         0.0000000000 
_pdbx_struct_oper_list.matrix[3][3]         1.0000000000 
_pdbx_struct_oper_list.vector[3]            0.0000000000 
# 
loop_
_pdbx_struct_conn_angle.id 
_pdbx_struct_conn_angle.ptnr1_label_atom_id 
_pdbx_struct_conn_angle.ptnr1_label_alt_id 
_pdbx_struct_conn_angle.ptnr1_label_asym_id 
_pdbx_struct_conn_angle.ptnr1_label_comp_id 
_pdbx_struct_conn_angle.ptnr1_label_seq_id 
_pdbx_struct_conn_angle.ptnr1_auth_atom_id 
_pdbx_struct_conn_angle.ptnr1_auth_asym_id 
_pdbx_struct_conn_angle.ptnr1_auth_comp_id 
_pdbx_struct_conn_angle.ptnr1_auth_seq_id 
_pdbx_struct_conn_angle.ptnr1_PDB_ins_code 
_pdbx_struct_conn_angle.ptnr1_symmetry 
_pdbx_struct_conn_angle.ptnr2_label_atom_id 
_pdbx_struct_conn_angle.ptnr2_label_alt_id 
_pdbx_struct_conn_angle.ptnr2_label_asym_id 
_pdbx_struct_conn_angle.ptnr2_label_comp_id 
_pdbx_struct_conn_angle.ptnr2_label_seq_id 
_pdbx_struct_conn_angle.ptnr2_auth_atom_id 
_pdbx_struct_conn_angle.ptnr2_auth_asym_id 
_pdbx_struct_conn_angle.ptnr2_auth_comp_id 
_pdbx_struct_conn_angle.ptnr2_auth_seq_id 
_pdbx_struct_conn_angle.ptnr2_PDB_ins_code 
_pdbx_struct_conn_angle.ptnr2_symmetry 
_pdbx_struct_conn_angle.ptnr3_label_atom_id 
_pdbx_struct_conn_angle.ptnr3_label_alt_id 
_pdbx_struct_conn_angle.ptnr3_label_asym_id 
_pdbx_struct_conn_angle.ptnr3_label_comp_id 
_pdbx_struct_conn_angle.ptnr3_label_seq_id 
_pdbx_struct_conn_angle.ptnr3_auth_atom_id 
_pdbx_struct_conn_angle.ptnr3_auth_asym_id 
_pdbx_struct_conn_angle.ptnr3_auth_comp_id 
_pdbx_struct_conn_angle.ptnr3_auth_seq_id 
_pdbx_struct_conn_angle.ptnr3_PDB_ins_code 
_pdbx_struct_conn_angle.ptnr3_symmetry 
_pdbx_struct_conn_angle.value 
_pdbx_struct_conn_angle.value_esd 
1  O ? K HOH . ? A HOH 2646 ? 1_555 MG ? H MG . ? B MG 2383 ? 1_555 O ? K HOH . ? A HOH 2647 ? 1_555 89.0  ? 
2  O ? K HOH . ? A HOH 2646 ? 1_555 MG ? H MG . ? B MG 2383 ? 1_555 O ? K HOH . ? A HOH 2649 ? 1_555 87.5  ? 
3  O ? K HOH . ? A HOH 2647 ? 1_555 MG ? H MG . ? B MG 2383 ? 1_555 O ? K HOH . ? A HOH 2649 ? 1_555 84.2  ? 
4  O ? K HOH . ? A HOH 2646 ? 1_555 MG ? H MG . ? B MG 2383 ? 1_555 O ? L HOH . ? B HOH 2645 ? 1_555 177.7 ? 
5  O ? K HOH . ? A HOH 2647 ? 1_555 MG ? H MG . ? B MG 2383 ? 1_555 O ? L HOH . ? B HOH 2645 ? 1_555 88.8  ? 
6  O ? K HOH . ? A HOH 2649 ? 1_555 MG ? H MG . ? B MG 2383 ? 1_555 O ? L HOH . ? B HOH 2645 ? 1_555 91.5  ? 
7  O ? K HOH . ? A HOH 2646 ? 1_555 MG ? H MG . ? B MG 2383 ? 1_555 O ? L HOH . ? B HOH 2648 ? 1_555 94.0  ? 
8  O ? K HOH . ? A HOH 2647 ? 1_555 MG ? H MG . ? B MG 2383 ? 1_555 O ? L HOH . ? B HOH 2648 ? 1_555 174.9 ? 
9  O ? K HOH . ? A HOH 2649 ? 1_555 MG ? H MG . ? B MG 2383 ? 1_555 O ? L HOH . ? B HOH 2648 ? 1_555 91.7  ? 
10 O ? L HOH . ? B HOH 2645 ? 1_555 MG ? H MG . ? B MG 2383 ? 1_555 O ? L HOH . ? B HOH 2648 ? 1_555 88.2  ? 
11 O ? K HOH . ? A HOH 2646 ? 1_555 MG ? H MG . ? B MG 2383 ? 1_555 O ? L HOH . ? B HOH 2650 ? 1_555 90.6  ? 
12 O ? K HOH . ? A HOH 2647 ? 1_555 MG ? H MG . ? B MG 2383 ? 1_555 O ? L HOH . ? B HOH 2650 ? 1_555 89.8  ? 
13 O ? K HOH . ? A HOH 2649 ? 1_555 MG ? H MG . ? B MG 2383 ? 1_555 O ? L HOH . ? B HOH 2650 ? 1_555 173.8 ? 
14 O ? L HOH . ? B HOH 2645 ? 1_555 MG ? H MG . ? B MG 2383 ? 1_555 O ? L HOH . ? B HOH 2650 ? 1_555 90.1  ? 
15 O ? L HOH . ? B HOH 2648 ? 1_555 MG ? H MG . ? B MG 2383 ? 1_555 O ? L HOH . ? B HOH 2650 ? 1_555 94.3  ? 
# 
loop_
_pdbx_audit_revision_history.ordinal 
_pdbx_audit_revision_history.data_content_type 
_pdbx_audit_revision_history.major_revision 
_pdbx_audit_revision_history.minor_revision 
_pdbx_audit_revision_history.revision_date 
1 'Structure model' 1 0 2005-09-27 
2 'Structure model' 1 1 2008-05-01 
3 'Structure model' 1 2 2011-07-13 
4 'Structure model' 1 3 2017-10-11 
5 'Structure model' 1 4 2023-08-23 
# 
_pdbx_audit_revision_details.ordinal             1 
_pdbx_audit_revision_details.revision_ordinal    1 
_pdbx_audit_revision_details.data_content_type   'Structure model' 
_pdbx_audit_revision_details.provider            repository 
_pdbx_audit_revision_details.type                'Initial release' 
_pdbx_audit_revision_details.description         ? 
_pdbx_audit_revision_details.details             ? 
# 
loop_
_pdbx_audit_revision_group.ordinal 
_pdbx_audit_revision_group.revision_ordinal 
_pdbx_audit_revision_group.data_content_type 
_pdbx_audit_revision_group.group 
1 2 'Structure model' 'Version format compliance' 
2 3 'Structure model' Advisory                    
3 3 'Structure model' 'Version format compliance' 
4 4 'Structure model' 'Refinement description'    
5 5 'Structure model' 'Data collection'           
6 5 'Structure model' 'Database references'       
7 5 'Structure model' 'Derived calculations'      
8 5 'Structure model' 'Refinement description'    
# 
loop_
_pdbx_audit_revision_category.ordinal 
_pdbx_audit_revision_category.revision_ordinal 
_pdbx_audit_revision_category.data_content_type 
_pdbx_audit_revision_category.category 
1 4 'Structure model' software                      
2 5 'Structure model' chem_comp_atom                
3 5 'Structure model' chem_comp_bond                
4 5 'Structure model' database_2                    
5 5 'Structure model' pdbx_initial_refinement_model 
6 5 'Structure model' pdbx_struct_conn_angle        
7 5 'Structure model' struct_conn                   
8 5 'Structure model' struct_site                   
# 
loop_
_pdbx_audit_revision_item.ordinal 
_pdbx_audit_revision_item.revision_ordinal 
_pdbx_audit_revision_item.data_content_type 
_pdbx_audit_revision_item.item 
1  5 'Structure model' '_database_2.pdbx_DOI'                        
2  5 'Structure model' '_database_2.pdbx_database_accession'         
3  5 'Structure model' '_pdbx_struct_conn_angle.ptnr1_auth_asym_id'  
4  5 'Structure model' '_pdbx_struct_conn_angle.ptnr1_auth_seq_id'   
5  5 'Structure model' '_pdbx_struct_conn_angle.ptnr1_label_asym_id' 
6  5 'Structure model' '_pdbx_struct_conn_angle.ptnr3_auth_asym_id'  
7  5 'Structure model' '_pdbx_struct_conn_angle.ptnr3_auth_seq_id'   
8  5 'Structure model' '_pdbx_struct_conn_angle.ptnr3_label_asym_id' 
9  5 'Structure model' '_pdbx_struct_conn_angle.value'               
10 5 'Structure model' '_struct_conn.pdbx_dist_value'                
11 5 'Structure model' '_struct_conn.ptnr1_auth_asym_id'             
12 5 'Structure model' '_struct_conn.ptnr1_auth_comp_id'             
13 5 'Structure model' '_struct_conn.ptnr1_auth_seq_id'              
14 5 'Structure model' '_struct_conn.ptnr1_label_asym_id'            
15 5 'Structure model' '_struct_conn.ptnr1_label_atom_id'            
16 5 'Structure model' '_struct_conn.ptnr1_label_comp_id'            
17 5 'Structure model' '_struct_conn.ptnr2_auth_asym_id'             
18 5 'Structure model' '_struct_conn.ptnr2_auth_comp_id'             
19 5 'Structure model' '_struct_conn.ptnr2_auth_seq_id'              
20 5 'Structure model' '_struct_conn.ptnr2_label_asym_id'            
21 5 'Structure model' '_struct_conn.ptnr2_label_atom_id'            
22 5 'Structure model' '_struct_conn.ptnr2_label_comp_id'            
23 5 'Structure model' '_struct_site.pdbx_auth_asym_id'              
24 5 'Structure model' '_struct_site.pdbx_auth_comp_id'              
25 5 'Structure model' '_struct_site.pdbx_auth_seq_id'               
# 
loop_
_pdbx_refine_tls.id 
_pdbx_refine_tls.details 
_pdbx_refine_tls.method 
_pdbx_refine_tls.origin_x 
_pdbx_refine_tls.origin_y 
_pdbx_refine_tls.origin_z 
_pdbx_refine_tls.T[1][1] 
_pdbx_refine_tls.T[2][2] 
_pdbx_refine_tls.T[3][3] 
_pdbx_refine_tls.T[1][2] 
_pdbx_refine_tls.T[1][3] 
_pdbx_refine_tls.T[2][3] 
_pdbx_refine_tls.L[1][1] 
_pdbx_refine_tls.L[2][2] 
_pdbx_refine_tls.L[3][3] 
_pdbx_refine_tls.L[1][2] 
_pdbx_refine_tls.L[1][3] 
_pdbx_refine_tls.L[2][3] 
_pdbx_refine_tls.S[1][1] 
_pdbx_refine_tls.S[2][2] 
_pdbx_refine_tls.S[3][3] 
_pdbx_refine_tls.S[1][2] 
_pdbx_refine_tls.S[1][3] 
_pdbx_refine_tls.S[2][3] 
_pdbx_refine_tls.S[2][1] 
_pdbx_refine_tls.S[3][1] 
_pdbx_refine_tls.S[3][2] 
_pdbx_refine_tls.pdbx_refine_id 
1 ? refined -9.9230 6.6777  2.2749  0.1749 0.2741 0.0974 0.0944  -0.0161 0.0630  1.1808 2.3595 2.2951 -0.5247 1.7611  -1.4441 -0.1491 0.2391 -0.0899 -0.0705 -0.0932 0.1900  0.1897  -0.3598 -0.3176 'X-RAY DIFFRACTION' 
2 ? refined -3.7575 -6.6623 -5.5134 0.1703 0.1989 0.1251 -0.1000 0.0260  -0.0140 1.4902 2.6208 0.9112 1.1976  -0.3315 -0.2421 -0.2960 0.1884 0.1075  0.1125  -0.1219 -0.0513 -0.2669 0.1488  -0.1204 'X-RAY DIFFRACTION' 
3 ? refined 13.9466 -0.3391 3.3180  0.1618 0.1657 0.1202 0.0720  0.0458  -0.0994 1.7445 3.7449 3.5754 -1.7195 -1.2190 2.6164  0.0707  0.0505 -0.1212 0.0904  0.1331  -0.2909 -0.2087 -0.0323 0.0177  'X-RAY DIFFRACTION' 
# 
loop_
_pdbx_refine_tls_group.id 
_pdbx_refine_tls_group.refine_tls_id 
_pdbx_refine_tls_group.beg_label_asym_id 
_pdbx_refine_tls_group.beg_label_seq_id 
_pdbx_refine_tls_group.end_label_asym_id 
_pdbx_refine_tls_group.end_label_seq_id 
_pdbx_refine_tls_group.selection 
_pdbx_refine_tls_group.beg_auth_asym_id 
_pdbx_refine_tls_group.beg_auth_seq_id 
_pdbx_refine_tls_group.end_auth_asym_id 
_pdbx_refine_tls_group.end_auth_seq_id 
_pdbx_refine_tls_group.pdbx_refine_id 
_pdbx_refine_tls_group.selection_details 
1 1 A 1 A 12 ALL A 1  A 12 'X-RAY DIFFRACTION' ? 
2 1 B 1 B 12 ALL B 13 B 24 'X-RAY DIFFRACTION' ? 
3 2 C 1 C 12 ALL C 1  C 12 'X-RAY DIFFRACTION' ? 
4 2 D 1 D 12 ALL D 13 D 24 'X-RAY DIFFRACTION' ? 
5 3 E 1 E 12 ALL E 1  E 12 'X-RAY DIFFRACTION' ? 
6 3 F 1 F 12 ALL F 13 F 24 'X-RAY DIFFRACTION' ? 
# 
loop_
_software.name 
_software.version 
_software.date 
_software.type 
_software.contact_author 
_software.contact_author_email 
_software.classification 
_software.location 
_software.language 
_software.citation_id 
_software.pdbx_ordinal 
DENZO       .      ?               package 'Zbyszek Otwinowski' zbyszek@mix.swmed.edu    'data reduction'  
http://www.lnls.br/infra/linhasluz/denzo-hkl.htm ?       ? 1 
SCALEPACK   .      ?               package 'Zbyszek Otwinowski' zbyszek@mix.swmed.edu    'data scaling'    
http://www.lnls.br/infra/linhasluz/denzo-hkl.htm ?       ? 2 
REFMAC      5.1.24 ?               program 'Murshudov, G.N.'    ccp4@dl.ac.uk            refinement        
http://www.ccp4.ac.uk/main.html                  Fortran ? 3 
PDB_EXTRACT 1.700  'May. 30, 2005' package PDB                  sw-help@rcsb.rutgers.edu 'data extraction' 
http://pdb.rutgers.edu/software/                 C++     ? 4 
HKL-2000    .      ?               ?       ?                    ?                        'data reduction'  ? ?       ? 5 
HKL-2000    .      ?               ?       ?                    ?                        'data scaling'    ? ?       ? 6 
EPMR        .      ?               ?       ?                    ?                        phasing           ? ?       ? 7 
# 
loop_
_pdbx_validate_close_contact.id 
_pdbx_validate_close_contact.PDB_model_num 
_pdbx_validate_close_contact.auth_atom_id_1 
_pdbx_validate_close_contact.auth_asym_id_1 
_pdbx_validate_close_contact.auth_comp_id_1 
_pdbx_validate_close_contact.auth_seq_id_1 
_pdbx_validate_close_contact.PDB_ins_code_1 
_pdbx_validate_close_contact.label_alt_id_1 
_pdbx_validate_close_contact.auth_atom_id_2 
_pdbx_validate_close_contact.auth_asym_id_2 
_pdbx_validate_close_contact.auth_comp_id_2 
_pdbx_validate_close_contact.auth_seq_id_2 
_pdbx_validate_close_contact.PDB_ins_code_2 
_pdbx_validate_close_contact.label_alt_id_2 
_pdbx_validate_close_contact.dist 
1 1 OP1 A DA 5  ? ? O  A HOH 2546 ? ? 2.07 
2 1 O2  A DC 6  ? ? N2 B DG  19   ? ? 2.11 
3 1 O6  C DG 11 ? ? N4 D DC  14   ? ? 2.17 
4 1 N2  C DG 11 ? ? O2 D DC  14   ? ? 2.19 
5 1 O6  C DG 1  ? ? N4 D DC  24   ? ? 2.19 
# 
loop_
_pdbx_validate_rmsd_bond.id 
_pdbx_validate_rmsd_bond.PDB_model_num 
_pdbx_validate_rmsd_bond.auth_atom_id_1 
_pdbx_validate_rmsd_bond.auth_asym_id_1 
_pdbx_validate_rmsd_bond.auth_comp_id_1 
_pdbx_validate_rmsd_bond.auth_seq_id_1 
_pdbx_validate_rmsd_bond.PDB_ins_code_1 
_pdbx_validate_rmsd_bond.label_alt_id_1 
_pdbx_validate_rmsd_bond.auth_atom_id_2 
_pdbx_validate_rmsd_bond.auth_asym_id_2 
_pdbx_validate_rmsd_bond.auth_comp_id_2 
_pdbx_validate_rmsd_bond.auth_seq_id_2 
_pdbx_validate_rmsd_bond.PDB_ins_code_2 
_pdbx_validate_rmsd_bond.label_alt_id_2 
_pdbx_validate_rmsd_bond.bond_value 
_pdbx_validate_rmsd_bond.bond_target_value 
_pdbx_validate_rmsd_bond.bond_deviation 
_pdbx_validate_rmsd_bond.bond_standard_deviation 
_pdbx_validate_rmsd_bond.linker_flag 
1  1 N9 A DA 3  ? ? C4 A DA 3  ? ? 1.415 1.374 0.041  0.006 N 
2  1 C2 A DC 6  ? ? O2 A DC 6  ? ? 1.299 1.240 0.059  0.009 N 
3  1 N1 B DG 19 ? ? C2 B DG 19 ? ? 1.426 1.373 0.053  0.008 N 
4  1 C4 B DT 20 ? ? O4 B DT 20 ? ? 1.162 1.228 -0.066 0.009 N 
5  1 C5 C DA 3  ? ? C6 C DA 3  ? ? 1.460 1.406 0.054  0.009 N 
6  1 C6 C DG 7  ? ? O6 C DG 7  ? ? 1.179 1.237 -0.058 0.009 N 
7  1 C4 D DT 20 ? ? O4 D DT 20 ? ? 1.110 1.228 -0.118 0.009 N 
8  1 C6 E DG 1  ? ? O6 E DG 1  ? ? 1.296 1.237 0.059  0.009 N 
9  1 C4 E DC 2  ? ? N4 E DC 2  ? ? 1.390 1.335 0.055  0.009 N 
10 1 C4 F DT 22 ? ? C5 F DT 22 ? ? 1.386 1.445 -0.059 0.009 N 
# 
loop_
_pdbx_validate_rmsd_angle.id 
_pdbx_validate_rmsd_angle.PDB_model_num 
_pdbx_validate_rmsd_angle.auth_atom_id_1 
_pdbx_validate_rmsd_angle.auth_asym_id_1 
_pdbx_validate_rmsd_angle.auth_comp_id_1 
_pdbx_validate_rmsd_angle.auth_seq_id_1 
_pdbx_validate_rmsd_angle.PDB_ins_code_1 
_pdbx_validate_rmsd_angle.label_alt_id_1 
_pdbx_validate_rmsd_angle.auth_atom_id_2 
_pdbx_validate_rmsd_angle.auth_asym_id_2 
_pdbx_validate_rmsd_angle.auth_comp_id_2 
_pdbx_validate_rmsd_angle.auth_seq_id_2 
_pdbx_validate_rmsd_angle.PDB_ins_code_2 
_pdbx_validate_rmsd_angle.label_alt_id_2 
_pdbx_validate_rmsd_angle.auth_atom_id_3 
_pdbx_validate_rmsd_angle.auth_asym_id_3 
_pdbx_validate_rmsd_angle.auth_comp_id_3 
_pdbx_validate_rmsd_angle.auth_seq_id_3 
_pdbx_validate_rmsd_angle.PDB_ins_code_3 
_pdbx_validate_rmsd_angle.label_alt_id_3 
_pdbx_validate_rmsd_angle.angle_value 
_pdbx_validate_rmsd_angle.angle_target_value 
_pdbx_validate_rmsd_angle.angle_deviation 
_pdbx_validate_rmsd_angle.angle_standard_deviation 
_pdbx_validate_rmsd_angle.linker_flag 
1  1 "C1'" A DC 6  ? ? "O4'" A DC 6  ? ? "C4'" A DC 6  ? ? 102.01 110.10 -8.09  1.00 N 
2  1 "C3'" A DC 6  ? ? "C2'" A DC 6  ? ? "C1'" A DC 6  ? ? 95.86  102.40 -6.54  0.80 N 
3  1 "O4'" A DC 6  ? ? "C1'" A DC 6  ? ? N1    A DC 6  ? ? 110.23 108.30 1.93   0.30 N 
4  1 "O5'" A DC 9  ? ? P     A DC 9  ? ? OP1   A DC 9  ? ? 99.44  105.70 -6.26  0.90 N 
5  1 "C3'" B DG 16 ? ? "C2'" B DG 16 ? ? "C1'" B DG 16 ? ? 96.94  102.40 -5.46  0.80 N 
6  1 "O5'" C DG 1  ? ? "C5'" C DG 1  ? ? "C4'" C DG 1  ? ? 101.77 109.40 -7.63  0.80 N 
7  1 "O4'" C DC 6  ? ? "C1'" C DC 6  ? ? N1    C DC 6  ? ? 110.11 108.30 1.81   0.30 N 
8  1 "O5'" F DG 13 ? ? "C5'" F DG 13 ? ? "C4'" F DG 13 ? ? 97.03  109.40 -12.37 0.80 N 
9  1 "O3'" F DG 13 ? ? P     F DC 14 ? ? OP2   F DC 14 ? ? 117.77 110.50 7.27   1.10 Y 
10 1 "O5'" F DC 14 ? ? P     F DC 14 ? ? OP1   F DC 14 ? ? 99.97  105.70 -5.73  0.90 N 
# 
loop_
_pdbx_validate_planes.id 
_pdbx_validate_planes.PDB_model_num 
_pdbx_validate_planes.auth_comp_id 
_pdbx_validate_planes.auth_asym_id 
_pdbx_validate_planes.auth_seq_id 
_pdbx_validate_planes.PDB_ins_code 
_pdbx_validate_planes.label_alt_id 
_pdbx_validate_planes.rmsd 
_pdbx_validate_planes.type 
1  1 DG A 1  ? ? 0.109 'SIDE CHAIN' 
2  1 DT A 10 ? ? 0.076 'SIDE CHAIN' 
3  1 DT B 20 ? ? 0.080 'SIDE CHAIN' 
4  1 DT B 22 ? ? 0.101 'SIDE CHAIN' 
5  1 DG C 4  ? ? 0.080 'SIDE CHAIN' 
6  1 DT C 8  ? ? 0.069 'SIDE CHAIN' 
7  1 DG D 19 ? ? 0.059 'SIDE CHAIN' 
8  1 DA E 3  ? ? 0.098 'SIDE CHAIN' 
9  1 DG E 11 ? ? 0.051 'SIDE CHAIN' 
10 1 DC E 12 ? ? 0.062 'SIDE CHAIN' 
11 1 DG F 13 ? ? 0.083 'SIDE CHAIN' 
12 1 DA F 17 ? ? 0.058 'SIDE CHAIN' 
# 
loop_
_chem_comp_atom.comp_id 
_chem_comp_atom.atom_id 
_chem_comp_atom.type_symbol 
_chem_comp_atom.pdbx_aromatic_flag 
_chem_comp_atom.pdbx_stereo_config 
_chem_comp_atom.pdbx_ordinal 
DA  OP3    O  N N 1   
DA  P      P  N N 2   
DA  OP1    O  N N 3   
DA  OP2    O  N N 4   
DA  "O5'"  O  N N 5   
DA  "C5'"  C  N N 6   
DA  "C4'"  C  N R 7   
DA  "O4'"  O  N N 8   
DA  "C3'"  C  N S 9   
DA  "O3'"  O  N N 10  
DA  "C2'"  C  N N 11  
DA  "C1'"  C  N R 12  
DA  N9     N  Y N 13  
DA  C8     C  Y N 14  
DA  N7     N  Y N 15  
DA  C5     C  Y N 16  
DA  C6     C  Y N 17  
DA  N6     N  N N 18  
DA  N1     N  Y N 19  
DA  C2     C  Y N 20  
DA  N3     N  Y N 21  
DA  C4     C  Y N 22  
DA  HOP3   H  N N 23  
DA  HOP2   H  N N 24  
DA  "H5'"  H  N N 25  
DA  "H5''" H  N N 26  
DA  "H4'"  H  N N 27  
DA  "H3'"  H  N N 28  
DA  "HO3'" H  N N 29  
DA  "H2'"  H  N N 30  
DA  "H2''" H  N N 31  
DA  "H1'"  H  N N 32  
DA  H8     H  N N 33  
DA  H61    H  N N 34  
DA  H62    H  N N 35  
DA  H2     H  N N 36  
DC  OP3    O  N N 37  
DC  P      P  N N 38  
DC  OP1    O  N N 39  
DC  OP2    O  N N 40  
DC  "O5'"  O  N N 41  
DC  "C5'"  C  N N 42  
DC  "C4'"  C  N R 43  
DC  "O4'"  O  N N 44  
DC  "C3'"  C  N S 45  
DC  "O3'"  O  N N 46  
DC  "C2'"  C  N N 47  
DC  "C1'"  C  N R 48  
DC  N1     N  N N 49  
DC  C2     C  N N 50  
DC  O2     O  N N 51  
DC  N3     N  N N 52  
DC  C4     C  N N 53  
DC  N4     N  N N 54  
DC  C5     C  N N 55  
DC  C6     C  N N 56  
DC  HOP3   H  N N 57  
DC  HOP2   H  N N 58  
DC  "H5'"  H  N N 59  
DC  "H5''" H  N N 60  
DC  "H4'"  H  N N 61  
DC  "H3'"  H  N N 62  
DC  "HO3'" H  N N 63  
DC  "H2'"  H  N N 64  
DC  "H2''" H  N N 65  
DC  "H1'"  H  N N 66  
DC  H41    H  N N 67  
DC  H42    H  N N 68  
DC  H5     H  N N 69  
DC  H6     H  N N 70  
DG  OP3    O  N N 71  
DG  P      P  N N 72  
DG  OP1    O  N N 73  
DG  OP2    O  N N 74  
DG  "O5'"  O  N N 75  
DG  "C5'"  C  N N 76  
DG  "C4'"  C  N R 77  
DG  "O4'"  O  N N 78  
DG  "C3'"  C  N S 79  
DG  "O3'"  O  N N 80  
DG  "C2'"  C  N N 81  
DG  "C1'"  C  N R 82  
DG  N9     N  Y N 83  
DG  C8     C  Y N 84  
DG  N7     N  Y N 85  
DG  C5     C  Y N 86  
DG  C6     C  N N 87  
DG  O6     O  N N 88  
DG  N1     N  N N 89  
DG  C2     C  N N 90  
DG  N2     N  N N 91  
DG  N3     N  N N 92  
DG  C4     C  Y N 93  
DG  HOP3   H  N N 94  
DG  HOP2   H  N N 95  
DG  "H5'"  H  N N 96  
DG  "H5''" H  N N 97  
DG  "H4'"  H  N N 98  
DG  "H3'"  H  N N 99  
DG  "HO3'" H  N N 100 
DG  "H2'"  H  N N 101 
DG  "H2''" H  N N 102 
DG  "H1'"  H  N N 103 
DG  H8     H  N N 104 
DG  H1     H  N N 105 
DG  H21    H  N N 106 
DG  H22    H  N N 107 
DT  OP3    O  N N 108 
DT  P      P  N N 109 
DT  OP1    O  N N 110 
DT  OP2    O  N N 111 
DT  "O5'"  O  N N 112 
DT  "C5'"  C  N N 113 
DT  "C4'"  C  N R 114 
DT  "O4'"  O  N N 115 
DT  "C3'"  C  N S 116 
DT  "O3'"  O  N N 117 
DT  "C2'"  C  N N 118 
DT  "C1'"  C  N R 119 
DT  N1     N  N N 120 
DT  C2     C  N N 121 
DT  O2     O  N N 122 
DT  N3     N  N N 123 
DT  C4     C  N N 124 
DT  O4     O  N N 125 
DT  C5     C  N N 126 
DT  C7     C  N N 127 
DT  C6     C  N N 128 
DT  HOP3   H  N N 129 
DT  HOP2   H  N N 130 
DT  "H5'"  H  N N 131 
DT  "H5''" H  N N 132 
DT  "H4'"  H  N N 133 
DT  "H3'"  H  N N 134 
DT  "HO3'" H  N N 135 
DT  "H2'"  H  N N 136 
DT  "H2''" H  N N 137 
DT  "H1'"  H  N N 138 
DT  H3     H  N N 139 
DT  H71    H  N N 140 
DT  H72    H  N N 141 
DT  H73    H  N N 142 
DT  H6     H  N N 143 
HOH O      O  N N 144 
HOH H1     H  N N 145 
HOH H2     H  N N 146 
MG  MG     MG N N 147 
NCO CO     CO N N 148 
NCO N1     N  N N 149 
NCO N2     N  N N 150 
NCO N3     N  N N 151 
NCO N4     N  N N 152 
NCO N5     N  N N 153 
NCO N6     N  N N 154 
NCO HN11   H  N N 155 
NCO HN12   H  N N 156 
NCO HN13   H  N N 157 
NCO HN21   H  N N 158 
NCO HN22   H  N N 159 
NCO HN23   H  N N 160 
NCO HN31   H  N N 161 
NCO HN32   H  N N 162 
NCO HN33   H  N N 163 
NCO HN41   H  N N 164 
NCO HN42   H  N N 165 
NCO HN43   H  N N 166 
NCO HN51   H  N N 167 
NCO HN52   H  N N 168 
NCO HN53   H  N N 169 
NCO HN61   H  N N 170 
NCO HN62   H  N N 171 
NCO HN63   H  N N 172 
# 
loop_
_chem_comp_bond.comp_id 
_chem_comp_bond.atom_id_1 
_chem_comp_bond.atom_id_2 
_chem_comp_bond.value_order 
_chem_comp_bond.pdbx_aromatic_flag 
_chem_comp_bond.pdbx_stereo_config 
_chem_comp_bond.pdbx_ordinal 
DA  OP3   P      sing N N 1   
DA  OP3   HOP3   sing N N 2   
DA  P     OP1    doub N N 3   
DA  P     OP2    sing N N 4   
DA  P     "O5'"  sing N N 5   
DA  OP2   HOP2   sing N N 6   
DA  "O5'" "C5'"  sing N N 7   
DA  "C5'" "C4'"  sing N N 8   
DA  "C5'" "H5'"  sing N N 9   
DA  "C5'" "H5''" sing N N 10  
DA  "C4'" "O4'"  sing N N 11  
DA  "C4'" "C3'"  sing N N 12  
DA  "C4'" "H4'"  sing N N 13  
DA  "O4'" "C1'"  sing N N 14  
DA  "C3'" "O3'"  sing N N 15  
DA  "C3'" "C2'"  sing N N 16  
DA  "C3'" "H3'"  sing N N 17  
DA  "O3'" "HO3'" sing N N 18  
DA  "C2'" "C1'"  sing N N 19  
DA  "C2'" "H2'"  sing N N 20  
DA  "C2'" "H2''" sing N N 21  
DA  "C1'" N9     sing N N 22  
DA  "C1'" "H1'"  sing N N 23  
DA  N9    C8     sing Y N 24  
DA  N9    C4     sing Y N 25  
DA  C8    N7     doub Y N 26  
DA  C8    H8     sing N N 27  
DA  N7    C5     sing Y N 28  
DA  C5    C6     sing Y N 29  
DA  C5    C4     doub Y N 30  
DA  C6    N6     sing N N 31  
DA  C6    N1     doub Y N 32  
DA  N6    H61    sing N N 33  
DA  N6    H62    sing N N 34  
DA  N1    C2     sing Y N 35  
DA  C2    N3     doub Y N 36  
DA  C2    H2     sing N N 37  
DA  N3    C4     sing Y N 38  
DC  OP3   P      sing N N 39  
DC  OP3   HOP3   sing N N 40  
DC  P     OP1    doub N N 41  
DC  P     OP2    sing N N 42  
DC  P     "O5'"  sing N N 43  
DC  OP2   HOP2   sing N N 44  
DC  "O5'" "C5'"  sing N N 45  
DC  "C5'" "C4'"  sing N N 46  
DC  "C5'" "H5'"  sing N N 47  
DC  "C5'" "H5''" sing N N 48  
DC  "C4'" "O4'"  sing N N 49  
DC  "C4'" "C3'"  sing N N 50  
DC  "C4'" "H4'"  sing N N 51  
DC  "O4'" "C1'"  sing N N 52  
DC  "C3'" "O3'"  sing N N 53  
DC  "C3'" "C2'"  sing N N 54  
DC  "C3'" "H3'"  sing N N 55  
DC  "O3'" "HO3'" sing N N 56  
DC  "C2'" "C1'"  sing N N 57  
DC  "C2'" "H2'"  sing N N 58  
DC  "C2'" "H2''" sing N N 59  
DC  "C1'" N1     sing N N 60  
DC  "C1'" "H1'"  sing N N 61  
DC  N1    C2     sing N N 62  
DC  N1    C6     sing N N 63  
DC  C2    O2     doub N N 64  
DC  C2    N3     sing N N 65  
DC  N3    C4     doub N N 66  
DC  C4    N4     sing N N 67  
DC  C4    C5     sing N N 68  
DC  N4    H41    sing N N 69  
DC  N4    H42    sing N N 70  
DC  C5    C6     doub N N 71  
DC  C5    H5     sing N N 72  
DC  C6    H6     sing N N 73  
DG  OP3   P      sing N N 74  
DG  OP3   HOP3   sing N N 75  
DG  P     OP1    doub N N 76  
DG  P     OP2    sing N N 77  
DG  P     "O5'"  sing N N 78  
DG  OP2   HOP2   sing N N 79  
DG  "O5'" "C5'"  sing N N 80  
DG  "C5'" "C4'"  sing N N 81  
DG  "C5'" "H5'"  sing N N 82  
DG  "C5'" "H5''" sing N N 83  
DG  "C4'" "O4'"  sing N N 84  
DG  "C4'" "C3'"  sing N N 85  
DG  "C4'" "H4'"  sing N N 86  
DG  "O4'" "C1'"  sing N N 87  
DG  "C3'" "O3'"  sing N N 88  
DG  "C3'" "C2'"  sing N N 89  
DG  "C3'" "H3'"  sing N N 90  
DG  "O3'" "HO3'" sing N N 91  
DG  "C2'" "C1'"  sing N N 92  
DG  "C2'" "H2'"  sing N N 93  
DG  "C2'" "H2''" sing N N 94  
DG  "C1'" N9     sing N N 95  
DG  "C1'" "H1'"  sing N N 96  
DG  N9    C8     sing Y N 97  
DG  N9    C4     sing Y N 98  
DG  C8    N7     doub Y N 99  
DG  C8    H8     sing N N 100 
DG  N7    C5     sing Y N 101 
DG  C5    C6     sing N N 102 
DG  C5    C4     doub Y N 103 
DG  C6    O6     doub N N 104 
DG  C6    N1     sing N N 105 
DG  N1    C2     sing N N 106 
DG  N1    H1     sing N N 107 
DG  C2    N2     sing N N 108 
DG  C2    N3     doub N N 109 
DG  N2    H21    sing N N 110 
DG  N2    H22    sing N N 111 
DG  N3    C4     sing N N 112 
DT  OP3   P      sing N N 113 
DT  OP3   HOP3   sing N N 114 
DT  P     OP1    doub N N 115 
DT  P     OP2    sing N N 116 
DT  P     "O5'"  sing N N 117 
DT  OP2   HOP2   sing N N 118 
DT  "O5'" "C5'"  sing N N 119 
DT  "C5'" "C4'"  sing N N 120 
DT  "C5'" "H5'"  sing N N 121 
DT  "C5'" "H5''" sing N N 122 
DT  "C4'" "O4'"  sing N N 123 
DT  "C4'" "C3'"  sing N N 124 
DT  "C4'" "H4'"  sing N N 125 
DT  "O4'" "C1'"  sing N N 126 
DT  "C3'" "O3'"  sing N N 127 
DT  "C3'" "C2'"  sing N N 128 
DT  "C3'" "H3'"  sing N N 129 
DT  "O3'" "HO3'" sing N N 130 
DT  "C2'" "C1'"  sing N N 131 
DT  "C2'" "H2'"  sing N N 132 
DT  "C2'" "H2''" sing N N 133 
DT  "C1'" N1     sing N N 134 
DT  "C1'" "H1'"  sing N N 135 
DT  N1    C2     sing N N 136 
DT  N1    C6     sing N N 137 
DT  C2    O2     doub N N 138 
DT  C2    N3     sing N N 139 
DT  N3    C4     sing N N 140 
DT  N3    H3     sing N N 141 
DT  C4    O4     doub N N 142 
DT  C4    C5     sing N N 143 
DT  C5    C7     sing N N 144 
DT  C5    C6     doub N N 145 
DT  C7    H71    sing N N 146 
DT  C7    H72    sing N N 147 
DT  C7    H73    sing N N 148 
DT  C6    H6     sing N N 149 
HOH O     H1     sing N N 150 
HOH O     H2     sing N N 151 
NCO CO    N1     sing N N 152 
NCO CO    N2     sing N N 153 
NCO CO    N3     sing N N 154 
NCO CO    N4     sing N N 155 
NCO CO    N5     sing N N 156 
NCO CO    N6     sing N N 157 
NCO N1    HN11   sing N N 158 
NCO N1    HN12   sing N N 159 
NCO N1    HN13   sing N N 160 
NCO N2    HN21   sing N N 161 
NCO N2    HN22   sing N N 162 
NCO N2    HN23   sing N N 163 
NCO N3    HN31   sing N N 164 
NCO N3    HN32   sing N N 165 
NCO N3    HN33   sing N N 166 
NCO N4    HN41   sing N N 167 
NCO N4    HN42   sing N N 168 
NCO N4    HN43   sing N N 169 
NCO N5    HN51   sing N N 170 
NCO N5    HN52   sing N N 171 
NCO N5    HN53   sing N N 172 
NCO N6    HN61   sing N N 173 
NCO N6    HN62   sing N N 174 
NCO N6    HN63   sing N N 175 
# 
loop_
_ndb_struct_conf_na.entry_id 
_ndb_struct_conf_na.feature 
2B1D 'double helix'        
2B1D 'b-form double helix' 
# 
loop_
_ndb_struct_na_base_pair.model_number 
_ndb_struct_na_base_pair.i_label_asym_id 
_ndb_struct_na_base_pair.i_label_comp_id 
_ndb_struct_na_base_pair.i_label_seq_id 
_ndb_struct_na_base_pair.i_symmetry 
_ndb_struct_na_base_pair.j_label_asym_id 
_ndb_struct_na_base_pair.j_label_comp_id 
_ndb_struct_na_base_pair.j_label_seq_id 
_ndb_struct_na_base_pair.j_symmetry 
_ndb_struct_na_base_pair.shear 
_ndb_struct_na_base_pair.stretch 
_ndb_struct_na_base_pair.stagger 
_ndb_struct_na_base_pair.buckle 
_ndb_struct_na_base_pair.propeller 
_ndb_struct_na_base_pair.opening 
_ndb_struct_na_base_pair.pair_number 
_ndb_struct_na_base_pair.pair_name 
_ndb_struct_na_base_pair.i_auth_asym_id 
_ndb_struct_na_base_pair.i_auth_seq_id 
_ndb_struct_na_base_pair.i_PDB_ins_code 
_ndb_struct_na_base_pair.j_auth_asym_id 
_ndb_struct_na_base_pair.j_auth_seq_id 
_ndb_struct_na_base_pair.j_PDB_ins_code 
_ndb_struct_na_base_pair.hbond_type_28 
_ndb_struct_na_base_pair.hbond_type_12 
1 A DG 1  1_555 B DC 12 1_555 -0.497 -0.626 -0.080 2.074   0.943   -1.641 1  A_DG1:DC24_B  A 1  ? B 24 ? 19 1 
1 A DC 2  1_555 B DG 11 1_555 0.081  -0.532 -0.084 -2.177  -5.664  -6.907 2  A_DC2:DG23_B  A 2  ? B 23 ? 19 1 
1 A DA 3  1_555 B DT 10 1_555 -0.017 -0.149 0.309  2.440   -12.669 -0.035 3  A_DA3:DT22_B  A 3  ? B 22 ? 20 1 
1 A DG 4  1_555 B DC 9  1_555 -0.273 -0.318 0.209  9.284   -3.734  1.183  4  A_DG4:DC21_B  A 4  ? B 21 ? 19 1 
1 A DA 5  1_555 B DT 8  1_555 0.735  -0.174 0.167  6.207   -12.097 -1.397 5  A_DA5:DT20_B  A 5  ? B 20 ? 20 1 
1 A DC 6  1_555 B DG 7  1_555 -0.016 -0.571 0.234  5.472   -1.846  4.953  6  A_DC6:DG19_B  A 6  ? B 19 ? 22 1 
1 A DG 7  1_555 B DC 6  1_555 -0.133 -0.522 0.326  -4.800  -15.531 -2.120 7  A_DG7:DC18_B  A 7  ? B 18 ? 19 1 
1 A DT 8  1_555 B DA 5  1_555 -0.214 0.245  0.295  -12.765 -9.488  7.877  8  A_DT8:DA17_B  A 8  ? B 17 ? ?  ? 
1 A DC 9  1_555 B DG 4  1_555 0.593  0.045  0.226  -17.273 1.569   -2.148 9  A_DC9:DG16_B  A 9  ? B 16 ? 19 1 
1 A DT 10 1_555 B DA 3  1_555 -1.635 -0.064 -0.185 -2.404  -7.234  -7.243 10 A_DT10:DA15_B A 10 ? B 15 ? 20 1 
1 A DG 11 1_555 B DC 2  1_555 0.872  -0.586 -0.215 0.349   -9.626  3.423  11 A_DG11:DC14_B A 11 ? B 14 ? 19 1 
1 A DC 12 1_555 B DG 1  1_555 0.254  -0.687 -0.635 4.430   -5.075  -4.176 12 A_DC12:DG13_B A 12 ? B 13 ? 19 1 
1 C DG 1  1_555 D DC 12 1_555 0.257  -0.661 -0.351 -3.270  -5.075  -6.726 13 C_DG1:DC24_D  C 1  ? D 24 ? ?  1 
1 C DC 2  1_555 D DG 11 1_555 0.436  -0.539 -0.206 -2.547  0.171   -1.786 14 C_DC2:DG23_D  C 2  ? D 23 ? 19 1 
1 C DA 3  1_555 D DT 10 1_555 0.474  0.249  0.185  -4.143  -9.406  1.754  15 C_DA3:DT22_D  C 3  ? D 22 ? 20 1 
1 C DG 4  1_555 D DC 9  1_555 0.272  -0.187 0.148  7.313   -6.848  1.910  16 C_DG4:DC21_D  C 4  ? D 21 ? 19 1 
1 C DA 5  1_555 D DT 8  1_555 0.238  -0.221 0.200  7.884   -8.780  0.612  17 C_DA5:DT20_D  C 5  ? D 20 ? 20 1 
1 C DC 6  1_555 D DG 7  1_555 0.296  -0.711 -0.085 6.110   -1.541  -2.042 18 C_DC6:DG19_D  C 6  ? D 19 ? 19 1 
1 C DG 7  1_555 D DC 6  1_555 -0.155 -0.445 0.092  -13.013 -15.065 -1.025 19 C_DG7:DC18_D  C 7  ? D 18 ? 19 1 
1 C DT 8  1_555 D DA 5  1_555 -0.646 -0.439 0.120  -10.549 -4.417  -7.980 20 C_DT8:DA17_D  C 8  ? D 17 ? 20 1 
1 C DC 9  1_555 D DG 4  1_555 -0.064 -0.246 0.302  -10.584 2.315   -2.891 21 C_DC9:DG16_D  C 9  ? D 16 ? 19 1 
1 C DT 10 1_555 D DA 3  1_555 -0.726 0.336  -0.003 -4.420  -5.400  -0.956 22 C_DT10:DA15_D C 10 ? D 15 ? 20 1 
1 C DG 11 1_555 D DC 2  1_555 0.175  -0.819 -0.157 3.218   -0.914  -3.713 23 C_DG11:DC14_D C 11 ? D 14 ? 22 1 
1 C DC 12 1_555 D DG 1  1_555 0.404  -0.554 -0.292 0.068   -1.915  -5.495 24 C_DC12:DG13_D C 12 ? D 13 ? 19 1 
1 E DG 1  1_555 F DC 12 1_555 -1.349 -0.609 0.364  -4.565  0.188   0.438  25 E_DG1:DC24_F  E 1  ? F 24 ? 19 1 
1 E DC 2  1_555 F DG 11 1_555 -0.831 -0.464 0.039  -2.868  0.964   0.566  26 E_DC2:DG23_F  E 2  ? F 23 ? 19 1 
1 E DA 3  1_555 F DT 10 1_555 -0.827 -0.478 0.005  2.189   -4.056  -8.506 27 E_DA3:DT22_F  E 3  ? F 22 ? 20 1 
1 E DG 4  1_555 F DC 9  1_555 -0.248 -0.079 0.498  15.030  -3.810  2.937  28 E_DG4:DC21_F  E 4  ? F 21 ? 19 1 
1 E DA 5  1_555 F DT 8  1_555 0.517  0.061  -0.106 1.283   -6.138  -1.718 29 E_DA5:DT20_F  E 5  ? F 20 ? 20 1 
1 E DC 6  1_555 F DG 7  1_555 -0.354 -0.295 0.207  9.663   -7.173  -0.043 30 E_DC6:DG19_F  E 6  ? F 19 ? 19 1 
1 E DG 7  1_555 F DC 6  1_555 -0.464 -0.471 0.059  -2.581  -9.169  2.776  31 E_DG7:DC18_F  E 7  ? F 18 ? 19 1 
1 E DT 8  1_555 F DA 5  1_555 -0.527 -0.489 0.152  -6.216  -14.377 -6.467 32 E_DT8:DA17_F  E 8  ? F 17 ? 20 1 
1 E DC 9  1_555 F DG 4  1_555 0.472  0.003  0.267  -10.597 -7.722  8.560  33 E_DC9:DG16_F  E 9  ? F 16 ? 19 1 
1 E DT 10 1_555 F DA 3  1_555 0.325  -0.191 0.356  -0.961  -7.885  2.573  34 E_DT10:DA15_F E 10 ? F 15 ? 20 1 
1 E DG 11 1_555 F DC 2  1_555 0.101  -0.188 0.016  5.044   -3.673  0.295  35 E_DG11:DC14_F E 11 ? F 14 ? 19 1 
1 E DC 12 1_555 F DG 1  1_555 0.490  -0.762 -0.114 -0.955  -7.112  -4.144 36 E_DC12:DG13_F E 12 ? F 13 ? 19 1 
# 
loop_
_ndb_struct_na_base_pair_step.model_number 
_ndb_struct_na_base_pair_step.i_label_asym_id_1 
_ndb_struct_na_base_pair_step.i_label_comp_id_1 
_ndb_struct_na_base_pair_step.i_label_seq_id_1 
_ndb_struct_na_base_pair_step.i_symmetry_1 
_ndb_struct_na_base_pair_step.j_label_asym_id_1 
_ndb_struct_na_base_pair_step.j_label_comp_id_1 
_ndb_struct_na_base_pair_step.j_label_seq_id_1 
_ndb_struct_na_base_pair_step.j_symmetry_1 
_ndb_struct_na_base_pair_step.i_label_asym_id_2 
_ndb_struct_na_base_pair_step.i_label_comp_id_2 
_ndb_struct_na_base_pair_step.i_label_seq_id_2 
_ndb_struct_na_base_pair_step.i_symmetry_2 
_ndb_struct_na_base_pair_step.j_label_asym_id_2 
_ndb_struct_na_base_pair_step.j_label_comp_id_2 
_ndb_struct_na_base_pair_step.j_label_seq_id_2 
_ndb_struct_na_base_pair_step.j_symmetry_2 
_ndb_struct_na_base_pair_step.shift 
_ndb_struct_na_base_pair_step.slide 
_ndb_struct_na_base_pair_step.rise 
_ndb_struct_na_base_pair_step.tilt 
_ndb_struct_na_base_pair_step.roll 
_ndb_struct_na_base_pair_step.twist 
_ndb_struct_na_base_pair_step.x_displacement 
_ndb_struct_na_base_pair_step.y_displacement 
_ndb_struct_na_base_pair_step.helical_rise 
_ndb_struct_na_base_pair_step.inclination 
_ndb_struct_na_base_pair_step.tip 
_ndb_struct_na_base_pair_step.helical_twist 
_ndb_struct_na_base_pair_step.step_number 
_ndb_struct_na_base_pair_step.step_name 
_ndb_struct_na_base_pair_step.i_auth_asym_id_1 
_ndb_struct_na_base_pair_step.i_auth_seq_id_1 
_ndb_struct_na_base_pair_step.i_PDB_ins_code_1 
_ndb_struct_na_base_pair_step.j_auth_asym_id_1 
_ndb_struct_na_base_pair_step.j_auth_seq_id_1 
_ndb_struct_na_base_pair_step.j_PDB_ins_code_1 
_ndb_struct_na_base_pair_step.i_auth_asym_id_2 
_ndb_struct_na_base_pair_step.i_auth_seq_id_2 
_ndb_struct_na_base_pair_step.i_PDB_ins_code_2 
_ndb_struct_na_base_pair_step.j_auth_asym_id_2 
_ndb_struct_na_base_pair_step.j_auth_seq_id_2 
_ndb_struct_na_base_pair_step.j_PDB_ins_code_2 
1 A DG 1  1_555 B DC 12 1_555 A DC 2  1_555 B DG 11 1_555 -0.543 -0.342 3.416 1.699  1.036  29.517 -0.898 1.437  3.367 2.030  
-3.331 29.582 1  AA_DG1DC2:DG23DC24_BB   A 1  ? B 24 ? A 2  ? B 23 ? 
1 A DC 2  1_555 B DG 11 1_555 A DA 3  1_555 B DT 10 1_555 -0.022 1.489  3.201 -2.225 1.779  45.694 1.762  -0.162 3.252 2.289  
2.862  45.778 2  AA_DC2DA3:DT22DG23_BB   A 2  ? B 23 ? A 3  ? B 22 ? 
1 A DA 3  1_555 B DT 10 1_555 A DG 4  1_555 B DC 9  1_555 1.108  0.622  3.290 2.197  0.595  31.083 1.042  -1.635 3.369 1.109  
-4.093 31.164 3  AA_DA3DG4:DC21DT22_BB   A 3  ? B 22 ? A 4  ? B 21 ? 
1 A DG 4  1_555 B DC 9  1_555 A DA 5  1_555 B DT 8  1_555 -0.676 0.300  3.402 2.149  2.557  39.387 0.132  1.261  3.374 3.786  
-3.181 39.522 4  AA_DG4DA5:DT20DC21_BB   A 4  ? B 21 ? A 5  ? B 20 ? 
1 A DA 5  1_555 B DT 8  1_555 A DC 6  1_555 B DG 7  1_555 0.889  -0.537 3.346 -0.794 1.135  23.633 -1.692 -2.435 3.285 2.769  
1.937  23.673 5  AA_DA5DC6:DG19DT20_BB   A 5  ? B 20 ? A 6  ? B 19 ? 
1 A DC 6  1_555 B DG 7  1_555 A DG 7  1_555 B DC 6  1_555 -0.407 -0.340 3.579 -0.614 1.032  43.977 -0.561 0.480  3.576 1.378  
0.820  43.993 6  AA_DC6DG7:DC18DG19_BB   A 6  ? B 19 ? A 7  ? B 18 ? 
1 A DG 7  1_555 B DC 6  1_555 A DT 8  1_555 B DA 5  1_555 -0.045 -0.920 3.372 0.944  -0.159 31.557 -1.661 0.264  3.374 -0.292 
-1.735 31.571 7  AA_DG7DT8:DA17DC18_BB   A 7  ? B 18 ? A 8  ? B 17 ? 
1 A DT 8  1_555 B DA 5  1_555 A DC 9  1_555 B DG 4  1_555 0.122  0.049  3.351 0.095  5.387  43.428 -0.462 -0.154 3.334 7.246  
-0.128 43.745 8  AA_DT8DC9:DG16DA17_BB   A 8  ? B 17 ? A 9  ? B 16 ? 
1 A DC 9  1_555 B DG 4  1_555 A DT 10 1_555 B DA 3  1_555 -1.192 0.232  2.920 0.794  -2.702 21.137 1.603  3.508  2.823 -7.324 
-2.152 21.321 9  AA_DC9DT10:DA15DG16_BB  A 9  ? B 16 ? A 10 ? B 15 ? 
1 A DT 10 1_555 B DA 3  1_555 A DG 11 1_555 B DC 2  1_555 0.971  0.987  3.329 1.574  1.998  52.933 0.974  -0.984 3.387 2.240  
-1.765 52.990 10 AA_DT10DG11:DC14DA15_BB A 10 ? B 15 ? A 11 ? B 14 ? 
1 A DG 11 1_555 B DC 2  1_555 A DC 12 1_555 B DG 1  1_555 -0.197 0.179  3.116 3.621  2.867  26.927 -0.299 1.275  3.065 6.100  
-7.705 27.313 11 AA_DG11DC12:DG13DC14_BB A 11 ? B 14 ? A 12 ? B 13 ? 
1 C DG 1  1_555 D DC 12 1_555 C DC 2  1_555 D DG 11 1_555 0.102  0.213  3.276 -1.276 -3.907 39.893 0.755  -0.294 3.237 -5.708 
1.864  40.096 12 CC_DG1DC2:DG23DC24_DD   C 1  ? D 24 ? C 2  ? D 23 ? 
1 C DC 2  1_555 D DG 11 1_555 C DA 3  1_555 D DT 10 1_555 -0.418 0.296  3.333 0.034  6.714  33.791 -0.574 0.711  3.328 11.411 
-0.058 34.433 13 CC_DC2DA3:DT22DG23_DD   C 2  ? D 23 ? C 3  ? D 22 ? 
1 C DA 3  1_555 D DT 10 1_555 C DG 4  1_555 D DC 9  1_555 0.707  0.280  3.133 0.048  0.146  31.185 0.494  -1.307 3.135 0.271  
-0.089 31.185 14 CC_DA3DG4:DC21DT22_DD   C 3  ? D 22 ? C 4  ? D 21 ? 
1 C DG 4  1_555 D DC 9  1_555 C DA 5  1_555 D DT 8  1_555 -0.374 0.200  3.322 1.504  -0.205 34.636 0.367  0.862  3.302 -0.344 
-2.525 34.669 15 CC_DG4DA5:DT20DC21_DD   C 4  ? D 21 ? C 5  ? D 20 ? 
1 C DA 5  1_555 D DT 8  1_555 C DC 6  1_555 D DG 7  1_555 0.706  -0.821 3.355 2.300  2.835  30.355 -2.131 -0.873 3.310 5.390  
-4.372 30.569 16 CC_DA5DC6:DG19DT20_DD   C 5  ? D 20 ? C 6  ? D 19 ? 
1 C DC 6  1_555 D DG 7  1_555 C DG 7  1_555 D DC 6  1_555 -0.081 -0.444 3.787 -2.834 2.334  41.144 -0.919 -0.236 3.754 3.314  
4.023  41.300 17 CC_DC6DG7:DC18DG19_DD   C 6  ? D 19 ? C 7  ? D 18 ? 
1 C DG 7  1_555 D DC 6  1_555 C DT 8  1_555 D DA 5  1_555 -0.783 -0.575 3.172 0.043  1.893  29.275 -1.528 1.555  3.128 3.740  
-0.086 29.335 18 CC_DG7DT8:DA17DC18_DD   C 7  ? D 18 ? C 8  ? D 17 ? 
1 C DT 8  1_555 D DA 5  1_555 C DC 9  1_555 D DG 4  1_555 0.280  -0.760 3.240 0.259  -3.353 39.233 -0.731 -0.385 3.293 -4.983 
-0.385 39.371 19 CC_DT8DC9:DG16DA17_DD   C 8  ? D 17 ? C 9  ? D 16 ? 
1 C DC 9  1_555 D DG 4  1_555 C DT 10 1_555 D DA 3  1_555 -0.274 0.203  3.076 2.398  7.576  32.921 -0.807 0.836  3.020 13.132 
-4.156 33.841 20 CC_DC9DT10:DA15DG16_DD  C 9  ? D 16 ? C 10 ? D 15 ? 
1 C DT 10 1_555 D DA 3  1_555 C DG 11 1_555 D DC 2  1_555 0.000  1.359  3.143 -0.510 -2.264 43.940 2.017  -0.046 3.073 -3.023 
0.681  43.998 21 CC_DT10DG11:DC14DA15_DD C 10 ? D 15 ? C 11 ? D 14 ? 
1 C DG 11 1_555 D DC 2  1_555 C DC 12 1_555 D DG 1  1_555 0.034  -0.403 3.338 0.642  -0.123 31.452 -0.719 0.059  3.340 -0.228 
-1.184 31.458 22 CC_DG11DC12:DG13DC14_DD C 11 ? D 14 ? C 12 ? D 13 ? 
1 E DG 1  1_555 F DC 12 1_555 E DC 2  1_555 F DG 11 1_555 0.021  0.056  3.305 3.101  8.405  35.479 -1.085 0.400  3.225 13.528 
-4.991 36.557 23 EE_DG1DC2:DG23DC24_FF   E 1  ? F 24 ? E 2  ? F 23 ? 
1 E DC 2  1_555 F DG 11 1_555 E DA 3  1_555 F DT 10 1_555 -1.066 1.488  3.115 -3.800 -1.315 44.274 2.084  1.072  3.148 -1.740 
5.030  44.447 24 EE_DC2DA3:DT22DG23_FF   E 2  ? F 23 ? E 3  ? F 22 ? 
1 E DA 3  1_555 F DT 10 1_555 E DG 4  1_555 F DC 9  1_555 0.422  -0.135 3.090 -6.098 -0.069 36.046 -0.206 -1.460 2.982 -0.110 
9.768  36.542 25 EE_DA3DG4:DC21DT22_FF   E 3  ? F 22 ? E 4  ? F 21 ? 
1 E DG 4  1_555 F DC 9  1_555 E DA 5  1_555 F DT 8  1_555 -0.261 -0.036 3.673 4.283  1.419  37.165 -0.265 1.035  3.618 2.216  
-6.690 37.428 26 EE_DG4DA5:DT20DC21_FF   E 4  ? F 21 ? E 5  ? F 20 ? 
1 E DA 5  1_555 F DT 8  1_555 E DC 6  1_555 F DG 7  1_555 0.712  -0.413 3.135 -3.582 -2.275 27.332 -0.340 -2.315 3.042 -4.777 
7.522  27.653 27 EE_DA5DC6:DG19DT20_FF   E 5  ? F 20 ? E 6  ? F 19 ? 
1 E DC 6  1_555 F DG 7  1_555 E DG 7  1_555 F DC 6  1_555 -0.339 -0.043 3.496 -0.433 5.717  39.462 -0.769 0.444  3.460 8.413  
0.637  39.860 28 EE_DC6DG7:DC18DG19_FF   E 6  ? F 19 ? E 7  ? F 18 ? 
1 E DG 7  1_555 F DC 6  1_555 E DT 8  1_555 F DA 5  1_555 -0.864 -1.084 3.367 -2.183 1.967  31.785 -2.339 1.163  3.346 3.582  
3.974  31.917 29 EE_DG7DT8:DA17DC18_FF   E 7  ? F 18 ? E 8  ? F 17 ? 
1 E DT 8  1_555 F DA 5  1_555 E DC 9  1_555 F DG 4  1_555 0.921  -0.042 3.283 -1.227 -3.938 46.120 0.281  -1.276 3.252 -5.015 
1.563  46.294 30 EE_DT8DC9:DG16DA17_FF   E 8  ? F 17 ? E 9  ? F 16 ? 
1 E DC 9  1_555 F DG 4  1_555 E DT 10 1_555 F DA 3  1_555 -0.380 -0.028 3.118 -0.028 2.568  27.874 -0.637 0.779  3.104 5.317  
0.059  27.989 31 EE_DC9DT10:DA15DG16_FF  E 9  ? F 16 ? E 10 ? F 15 ? 
1 E DT 10 1_555 F DA 3  1_555 E DG 11 1_555 F DC 2  1_555 -0.050 1.646  3.298 1.537  -0.330 40.138 2.434  0.248  3.281 -0.480 
-2.238 40.168 32 EE_DT10DG11:DC14DA15_FF E 10 ? F 15 ? E 11 ? F 14 ? 
1 E DG 11 1_555 F DC 2  1_555 E DC 12 1_555 F DG 1  1_555 -0.198 0.114  3.491 1.159  0.165  31.921 0.176  0.584  3.483 0.300  
-2.106 31.942 33 EE_DG11DC12:DG13DC14_FF E 11 ? F 14 ? E 12 ? F 13 ? 
# 
loop_
_pdbx_entity_nonpoly.entity_id 
_pdbx_entity_nonpoly.name 
_pdbx_entity_nonpoly.comp_id 
2 'COBALT HEXAMMINE(III)' NCO 
3 'MAGNESIUM ION'         MG  
4 water                   HOH 
# 
_pdbx_initial_refinement_model.id               1 
_pdbx_initial_refinement_model.entity_id_list   ? 
_pdbx_initial_refinement_model.type             'experimental model' 
_pdbx_initial_refinement_model.source_name      PDB 
_pdbx_initial_refinement_model.accession_code   423D 
_pdbx_initial_refinement_model.details          'NDB ID BD0001 (PDB ID 423D)' 
# 
